data_1C6Y
# 
_entry.id   1C6Y 
# 
_audit_conform.dict_name       mmcif_pdbx.dic 
_audit_conform.dict_version    5.383 
_audit_conform.dict_location   http://mmcif.pdb.org/dictionaries/ascii/mmcif_pdbx.dic 
# 
loop_
_database_2.database_id 
_database_2.database_code 
_database_2.pdbx_database_accession 
_database_2.pdbx_DOI 
PDB   1C6Y         pdb_00001c6y 10.2210/pdb1c6y/pdb 
RCSB  RCSB001411   ?            ?                   
WWPDB D_1000001411 ?            ?                   
# 
loop_
_pdbx_audit_revision_history.ordinal 
_pdbx_audit_revision_history.data_content_type 
_pdbx_audit_revision_history.major_revision 
_pdbx_audit_revision_history.minor_revision 
_pdbx_audit_revision_history.revision_date 
1 'Structure model' 1 0 2000-12-28 
2 'Structure model' 1 1 2008-04-26 
3 'Structure model' 1 2 2011-07-13 
4 'Structure model' 1 3 2023-12-27 
# 
_pdbx_audit_revision_details.ordinal             1 
_pdbx_audit_revision_details.revision_ordinal    1 
_pdbx_audit_revision_details.data_content_type   'Structure model' 
_pdbx_audit_revision_details.provider            repository 
_pdbx_audit_revision_details.type                'Initial release' 
_pdbx_audit_revision_details.description         ? 
_pdbx_audit_revision_details.details             ? 
# 
loop_
_pdbx_audit_revision_group.ordinal 
_pdbx_audit_revision_group.revision_ordinal 
_pdbx_audit_revision_group.data_content_type 
_pdbx_audit_revision_group.group 
1 2 'Structure model' 'Version format compliance' 
2 3 'Structure model' 'Version format compliance' 
3 4 'Structure model' 'Data collection'           
4 4 'Structure model' 'Database references'       
5 4 'Structure model' 'Derived calculations'      
# 
loop_
_pdbx_audit_revision_category.ordinal 
_pdbx_audit_revision_category.revision_ordinal 
_pdbx_audit_revision_category.data_content_type 
_pdbx_audit_revision_category.category 
1 4 'Structure model' chem_comp_atom 
2 4 'Structure model' chem_comp_bond 
3 4 'Structure model' database_2     
4 4 'Structure model' struct_site    
# 
loop_
_pdbx_audit_revision_item.ordinal 
_pdbx_audit_revision_item.revision_ordinal 
_pdbx_audit_revision_item.data_content_type 
_pdbx_audit_revision_item.item 
1 4 'Structure model' '_database_2.pdbx_DOI'                
2 4 'Structure model' '_database_2.pdbx_database_accession' 
3 4 'Structure model' '_struct_site.pdbx_auth_asym_id'      
4 4 'Structure model' '_struct_site.pdbx_auth_comp_id'      
5 4 'Structure model' '_struct_site.pdbx_auth_seq_id'       
# 
_pdbx_database_status.status_code                     REL 
_pdbx_database_status.entry_id                        1C6Y 
_pdbx_database_status.recvd_initial_deposition_date   1999-12-28 
_pdbx_database_status.deposit_site                    RCSB 
_pdbx_database_status.process_site                    RCSB 
_pdbx_database_status.SG_entry                        . 
_pdbx_database_status.pdb_format_compatible           Y 
_pdbx_database_status.status_code_mr                  ? 
_pdbx_database_status.status_code_sf                  ? 
_pdbx_database_status.status_code_cs                  ? 
_pdbx_database_status.status_code_nmr_data            ? 
_pdbx_database_status.methods_development_category    ? 
# 
loop_
_pdbx_database_related.db_name 
_pdbx_database_related.db_id 
_pdbx_database_related.details 
_pdbx_database_related.content_type 
PDB 1c6x 'HIV-1 protease with L-739,622'  unspecified 
PDB 1c6z 'hiv-1 protease with saquinavir' unspecified 
PDB 1c70 'hiv-1 protease with L-756,423'  unspecified 
# 
_audit_author.name           'Munshi, S.' 
_audit_author.pdbx_ordinal   1 
# 
loop_
_citation.id 
_citation.title 
_citation.journal_abbrev 
_citation.journal_volume 
_citation.page_first 
_citation.page_last 
_citation.year 
_citation.journal_id_ASTM 
_citation.country 
_citation.journal_id_ISSN 
_citation.journal_id_CSD 
_citation.book_publisher 
_citation.pdbx_database_id_PubMed 
_citation.pdbx_database_id_DOI 
primary 
;An alternate binding site for the P1-P3 group of a class of potent HIV-1 protease inhibitors as a result of concerted structural change in the 80s loop of the protease.
;
'Acta Crystallogr.,Sect.D' 56  381   388   2000 ABCRE6 DK 0907-4449 0766 ? 10739910 10.1107/S0907444900000469 
1       
;Crystal Structure at 1.9-A Resolution of Human Immunodeficiency Virus (HIV) II Protease Complexed with L-735,524, an Orally Bioavailable Inhibitor of the HIV Proteases
;
J.Biol.Chem.               269 26344 26348 1994 JBCHA3 US 0021-9258 0071 ? ?        ?                         
# 
loop_
_citation_author.citation_id 
_citation_author.name 
_citation_author.ordinal 
_citation_author.identifier_ORCID 
primary 'Munshi, S.'    1  ? 
primary 'Chen, Z.'      2  ? 
primary 'Yan, Y.'       3  ? 
primary 'Li, Y.'        4  ? 
primary 'Olsen, D.B.'   5  ? 
primary 'Schock, H.B.'  6  ? 
primary 'Galvin, B.B.'  7  ? 
primary 'Dorsey, B.'    8  ? 
primary 'Kuo, L.C.'     9  ? 
1       'Chen, Z.'      10 ? 
1       'Li, Y.'        11 ? 
1       'Chen, E.'      12 ? 
1       'Hall, D.L.'    13 ? 
1       'Darke, P.L.'   14 ? 
1       'Culberson, C.' 15 ? 
1       'Shafer, J.A.'  16 ? 
1       'Kuo, L.C.'     17 ? 
# 
loop_
_entity.id 
_entity.type 
_entity.src_method 
_entity.pdbx_description 
_entity.formula_weight 
_entity.pdbx_number_of_molecules 
_entity.pdbx_ec 
_entity.pdbx_mutation 
_entity.pdbx_fragment 
_entity.details 
1 polymer     man 'PROTEIN (PROTEASE)' 10801.674 2  3.4.24.- ? ? 'NY5 ISOLATE' 
2 non-polymer syn 
;N-[2(R)-HYDROXY-1(S)-INDANYL]-5-[(2(S)-TERTIARY BUTYLAMINOCARBONYL)-4(3-PYRIDYLMETHYL)PIPERAZINO]-4(S)-HYDROXY-2(R)-PHENYLMETHYLPENTANAMIDE
;
613.789   1  ?        ? ? ?             
3 water       nat water 18.015    84 ?        ? ? ?             
# 
_entity_poly.entity_id                      1 
_entity_poly.type                           'polypeptide(L)' 
_entity_poly.nstd_linkage                   no 
_entity_poly.nstd_monomer                   no 
_entity_poly.pdbx_seq_one_letter_code       
;PQITLWQRPVVTIKIGGQLMEALIDTGADDTVLEEMDLPGRWKPKIIGGIGGFVKVRQYDQIPIEICGHKVIGTVLVGPT
PTNIIGRNLLTQIGCTLNF
;
_entity_poly.pdbx_seq_one_letter_code_can   
;PQITLWQRPVVTIKIGGQLMEALIDTGADDTVLEEMDLPGRWKPKIIGGIGGFVKVRQYDQIPIEICGHKVIGTVLVGPT
PTNIIGRNLLTQIGCTLNF
;
_entity_poly.pdbx_strand_id                 A,B 
_entity_poly.pdbx_target_identifier         ? 
# 
loop_
_pdbx_entity_nonpoly.entity_id 
_pdbx_entity_nonpoly.name 
_pdbx_entity_nonpoly.comp_id 
2 
;N-[2(R)-HYDROXY-1(S)-INDANYL]-5-[(2(S)-TERTIARY BUTYLAMINOCARBONYL)-4(3-PYRIDYLMETHYL)PIPERAZINO]-4(S)-HYDROXY-2(R)-PHENYLMETHYLPENTANAMIDE
;
MK1 
3 water HOH 
# 
loop_
_entity_poly_seq.entity_id 
_entity_poly_seq.num 
_entity_poly_seq.mon_id 
_entity_poly_seq.hetero 
1 1  PRO n 
1 2  GLN n 
1 3  ILE n 
1 4  THR n 
1 5  LEU n 
1 6  TRP n 
1 7  GLN n 
1 8  ARG n 
1 9  PRO n 
1 10 VAL n 
1 11 VAL n 
1 12 THR n 
1 13 ILE n 
1 14 LYS n 
1 15 ILE n 
1 16 GLY n 
1 17 GLY n 
1 18 GLN n 
1 19 LEU n 
1 20 MET n 
1 21 GLU n 
1 22 ALA n 
1 23 LEU n 
1 24 ILE n 
1 25 ASP n 
1 26 THR n 
1 27 GLY n 
1 28 ALA n 
1 29 ASP n 
1 30 ASP n 
1 31 THR n 
1 32 VAL n 
1 33 LEU n 
1 34 GLU n 
1 35 GLU n 
1 36 MET n 
1 37 ASP n 
1 38 LEU n 
1 39 PRO n 
1 40 GLY n 
1 41 ARG n 
1 42 TRP n 
1 43 LYS n 
1 44 PRO n 
1 45 LYS n 
1 46 ILE n 
1 47 ILE n 
1 48 GLY n 
1 49 GLY n 
1 50 ILE n 
1 51 GLY n 
1 52 GLY n 
1 53 PHE n 
1 54 VAL n 
1 55 LYS n 
1 56 VAL n 
1 57 ARG n 
1 58 GLN n 
1 59 TYR n 
1 60 ASP n 
1 61 GLN n 
1 62 ILE n 
1 63 PRO n 
1 64 ILE n 
1 65 GLU n 
1 66 ILE n 
1 67 CYS n 
1 68 GLY n 
1 69 HIS n 
1 70 LYS n 
1 71 VAL n 
1 72 ILE n 
1 73 GLY n 
1 74 THR n 
1 75 VAL n 
1 76 LEU n 
1 77 VAL n 
1 78 GLY n 
1 79 PRO n 
1 80 THR n 
1 81 PRO n 
1 82 THR n 
1 83 ASN n 
1 84 ILE n 
1 85 ILE n 
1 86 GLY n 
1 87 ARG n 
1 88 ASN n 
1 89 LEU n 
1 90 LEU n 
1 91 THR n 
1 92 GLN n 
1 93 ILE n 
1 94 GLY n 
1 95 CYS n 
1 96 THR n 
1 97 LEU n 
1 98 ASN n 
1 99 PHE n 
# 
_entity_src_gen.entity_id                          1 
_entity_src_gen.pdbx_src_id                        1 
_entity_src_gen.pdbx_alt_source_flag               sample 
_entity_src_gen.pdbx_seq_type                      ? 
_entity_src_gen.pdbx_beg_seq_num                   ? 
_entity_src_gen.pdbx_end_seq_num                   ? 
_entity_src_gen.gene_src_common_name               ? 
_entity_src_gen.gene_src_genus                     Lentivirus 
_entity_src_gen.pdbx_gene_src_gene                 'NY5 ISOLATE' 
_entity_src_gen.gene_src_species                   ? 
_entity_src_gen.gene_src_strain                    ? 
_entity_src_gen.gene_src_tissue                    ? 
_entity_src_gen.gene_src_tissue_fraction           ? 
_entity_src_gen.gene_src_details                   ? 
_entity_src_gen.pdbx_gene_src_fragment             ? 
_entity_src_gen.pdbx_gene_src_scientific_name      'Human immunodeficiency virus 1' 
_entity_src_gen.pdbx_gene_src_ncbi_taxonomy_id     11676 
_entity_src_gen.pdbx_gene_src_variant              ? 
_entity_src_gen.pdbx_gene_src_cell_line            ? 
_entity_src_gen.pdbx_gene_src_atcc                 ? 
_entity_src_gen.pdbx_gene_src_organ                ? 
_entity_src_gen.pdbx_gene_src_organelle            ? 
_entity_src_gen.pdbx_gene_src_cell                 ? 
_entity_src_gen.pdbx_gene_src_cellular_location    ? 
_entity_src_gen.host_org_common_name               ? 
_entity_src_gen.pdbx_host_org_scientific_name      'Escherichia coli' 
_entity_src_gen.pdbx_host_org_ncbi_taxonomy_id     562 
_entity_src_gen.host_org_genus                     Escherichia 
_entity_src_gen.pdbx_host_org_gene                 ? 
_entity_src_gen.pdbx_host_org_organ                ? 
_entity_src_gen.host_org_species                   ? 
_entity_src_gen.pdbx_host_org_tissue               ? 
_entity_src_gen.pdbx_host_org_tissue_fraction      ? 
_entity_src_gen.pdbx_host_org_strain               ? 
_entity_src_gen.pdbx_host_org_variant              ? 
_entity_src_gen.pdbx_host_org_cell_line            ? 
_entity_src_gen.pdbx_host_org_atcc                 ? 
_entity_src_gen.pdbx_host_org_culture_collection   ? 
_entity_src_gen.pdbx_host_org_cell                 ? 
_entity_src_gen.pdbx_host_org_organelle            ? 
_entity_src_gen.pdbx_host_org_cellular_location    ? 
_entity_src_gen.pdbx_host_org_vector_type          ? 
_entity_src_gen.pdbx_host_org_vector               ? 
_entity_src_gen.host_org_details                   ? 
_entity_src_gen.expression_system_id               ? 
_entity_src_gen.plasmid_name                       ? 
_entity_src_gen.plasmid_details                    ? 
_entity_src_gen.pdbx_description                   ? 
# 
loop_
_chem_comp.id 
_chem_comp.type 
_chem_comp.mon_nstd_flag 
_chem_comp.name 
_chem_comp.pdbx_synonyms 
_chem_comp.formula 
_chem_comp.formula_weight 
ALA 'L-peptide linking' y ALANINE ?         'C3 H7 N O2'     89.093  
ARG 'L-peptide linking' y ARGININE ?         'C6 H15 N4 O2 1' 175.209 
ASN 'L-peptide linking' y ASPARAGINE ?         'C4 H8 N2 O3'    132.118 
ASP 'L-peptide linking' y 'ASPARTIC ACID' ?         'C4 H7 N O4'     133.103 
CYS 'L-peptide linking' y CYSTEINE ?         'C3 H7 N O2 S'   121.158 
GLN 'L-peptide linking' y GLUTAMINE ?         'C5 H10 N2 O3'   146.144 
GLU 'L-peptide linking' y 'GLUTAMIC ACID' ?         'C5 H9 N O4'     147.129 
GLY 'peptide linking'   y GLYCINE ?         'C2 H5 N O2'     75.067  
HIS 'L-peptide linking' y HISTIDINE ?         'C6 H10 N3 O2 1' 156.162 
HOH non-polymer         . WATER ?         'H2 O'           18.015  
ILE 'L-peptide linking' y ISOLEUCINE ?         'C6 H13 N O2'    131.173 
LEU 'L-peptide linking' y LEUCINE ?         'C6 H13 N O2'    131.173 
LYS 'L-peptide linking' y LYSINE ?         'C6 H15 N2 O2 1' 147.195 
MET 'L-peptide linking' y METHIONINE ?         'C5 H11 N O2 S'  149.211 
MK1 non-polymer         . 
;N-[2(R)-HYDROXY-1(S)-INDANYL]-5-[(2(S)-TERTIARY BUTYLAMINOCARBONYL)-4(3-PYRIDYLMETHYL)PIPERAZINO]-4(S)-HYDROXY-2(R)-PHENYLMETHYLPENTANAMIDE
;
INDINAVIR 'C36 H47 N5 O4'  613.789 
PHE 'L-peptide linking' y PHENYLALANINE ?         'C9 H11 N O2'    165.189 
PRO 'L-peptide linking' y PROLINE ?         'C5 H9 N O2'     115.130 
THR 'L-peptide linking' y THREONINE ?         'C4 H9 N O3'     119.119 
TRP 'L-peptide linking' y TRYPTOPHAN ?         'C11 H12 N2 O2'  204.225 
TYR 'L-peptide linking' y TYROSINE ?         'C9 H11 N O3'    181.189 
VAL 'L-peptide linking' y VALINE ?         'C5 H11 N O2'    117.146 
# 
loop_
_pdbx_poly_seq_scheme.asym_id 
_pdbx_poly_seq_scheme.entity_id 
_pdbx_poly_seq_scheme.seq_id 
_pdbx_poly_seq_scheme.mon_id 
_pdbx_poly_seq_scheme.ndb_seq_num 
_pdbx_poly_seq_scheme.pdb_seq_num 
_pdbx_poly_seq_scheme.auth_seq_num 
_pdbx_poly_seq_scheme.pdb_mon_id 
_pdbx_poly_seq_scheme.auth_mon_id 
_pdbx_poly_seq_scheme.pdb_strand_id 
_pdbx_poly_seq_scheme.pdb_ins_code 
_pdbx_poly_seq_scheme.hetero 
A 1 1  PRO 1  1   1   PRO PRO A . n 
A 1 2  GLN 2  2   2   GLN GLN A . n 
A 1 3  ILE 3  3   3   ILE ILE A . n 
A 1 4  THR 4  4   4   THR THR A . n 
A 1 5  LEU 5  5   5   LEU LEU A . n 
A 1 6  TRP 6  6   6   TRP TRP A . n 
A 1 7  GLN 7  7   7   GLN GLN A . n 
A 1 8  ARG 8  8   8   ARG ARG A . n 
A 1 9  PRO 9  9   9   PRO PRO A . n 
A 1 10 VAL 10 10  10  VAL VAL A . n 
A 1 11 VAL 11 11  11  VAL VAL A . n 
A 1 12 THR 12 12  12  THR THR A . n 
A 1 13 ILE 13 13  13  ILE ILE A . n 
A 1 14 LYS 14 14  14  LYS LYS A . n 
A 1 15 ILE 15 15  15  ILE ILE A . n 
A 1 16 GLY 16 16  16  GLY GLY A . n 
A 1 17 GLY 17 17  17  GLY GLY A . n 
A 1 18 GLN 18 18  18  GLN GLN A . n 
A 1 19 LEU 19 19  19  LEU LEU A . n 
A 1 20 MET 20 20  20  MET MET A . n 
A 1 21 GLU 21 21  21  GLU GLU A . n 
A 1 22 ALA 22 22  22  ALA ALA A . n 
A 1 23 LEU 23 23  23  LEU LEU A . n 
A 1 24 ILE 24 24  24  ILE ILE A . n 
A 1 25 ASP 25 25  25  ASP ASP A . n 
A 1 26 THR 26 26  26  THR THR A . n 
A 1 27 GLY 27 27  27  GLY GLY A . n 
A 1 28 ALA 28 28  28  ALA ALA A . n 
A 1 29 ASP 29 29  29  ASP ASP A . n 
A 1 30 ASP 30 30  30  ASP ASP A . n 
A 1 31 THR 31 31  31  THR THR A . n 
A 1 32 VAL 32 32  32  VAL VAL A . n 
A 1 33 LEU 33 33  33  LEU LEU A . n 
A 1 34 GLU 34 34  34  GLU GLU A . n 
A 1 35 GLU 35 35  35  GLU GLU A . n 
A 1 36 MET 36 36  36  MET MET A . n 
A 1 37 ASP 37 37  37  ASP ASP A . n 
A 1 38 LEU 38 38  38  LEU LEU A . n 
A 1 39 PRO 39 39  39  PRO PRO A . n 
A 1 40 GLY 40 40  40  GLY GLY A . n 
A 1 41 ARG 41 41  41  ARG ARG A . n 
A 1 42 TRP 42 42  42  TRP TRP A . n 
A 1 43 LYS 43 43  43  LYS LYS A . n 
A 1 44 PRO 44 44  44  PRO PRO A . n 
A 1 45 LYS 45 45  45  LYS LYS A . n 
A 1 46 ILE 46 46  46  ILE ILE A . n 
A 1 47 ILE 47 47  47  ILE ILE A . n 
A 1 48 GLY 48 48  48  GLY GLY A . n 
A 1 49 GLY 49 49  49  GLY GLY A . n 
A 1 50 ILE 50 50  50  ILE ILE A . n 
A 1 51 GLY 51 51  51  GLY GLY A . n 
A 1 52 GLY 52 52  52  GLY GLY A . n 
A 1 53 PHE 53 53  53  PHE PHE A . n 
A 1 54 VAL 54 54  54  VAL VAL A . n 
A 1 55 LYS 55 55  55  LYS LYS A . n 
A 1 56 VAL 56 56  56  VAL VAL A . n 
A 1 57 ARG 57 57  57  ARG ARG A . n 
A 1 58 GLN 58 58  58  GLN GLN A . n 
A 1 59 TYR 59 59  59  TYR TYR A . n 
A 1 60 ASP 60 60  60  ASP ASP A . n 
A 1 61 GLN 61 61  61  GLN GLN A . n 
A 1 62 ILE 62 62  62  ILE ILE A . n 
A 1 63 PRO 63 63  63  PRO PRO A . n 
A 1 64 ILE 64 64  64  ILE ILE A . n 
A 1 65 GLU 65 65  65  GLU GLU A . n 
A 1 66 ILE 66 66  66  ILE ILE A . n 
A 1 67 CYS 67 67  67  CYS CYS A . n 
A 1 68 GLY 68 68  68  GLY GLY A . n 
A 1 69 HIS 69 69  69  HIS HIS A . n 
A 1 70 LYS 70 70  70  LYS LYS A . n 
A 1 71 VAL 71 71  71  VAL VAL A . n 
A 1 72 ILE 72 72  72  ILE ILE A . n 
A 1 73 GLY 73 73  73  GLY GLY A . n 
A 1 74 THR 74 74  74  THR THR A . n 
A 1 75 VAL 75 75  75  VAL VAL A . n 
A 1 76 LEU 76 76  76  LEU LEU A . n 
A 1 77 VAL 77 77  77  VAL VAL A . n 
A 1 78 GLY 78 78  78  GLY GLY A . n 
A 1 79 PRO 79 79  79  PRO PRO A . n 
A 1 80 THR 80 80  80  THR THR A . n 
A 1 81 PRO 81 81  81  PRO PRO A . n 
A 1 82 THR 82 82  82  THR THR A . n 
A 1 83 ASN 83 83  83  ASN ASN A . n 
A 1 84 ILE 84 84  84  ILE ILE A . n 
A 1 85 ILE 85 85  85  ILE ILE A . n 
A 1 86 GLY 86 86  86  GLY GLY A . n 
A 1 87 ARG 87 87  87  ARG ARG A . n 
A 1 88 ASN 88 88  88  ASN ASN A . n 
A 1 89 LEU 89 89  89  LEU LEU A . n 
A 1 90 LEU 90 90  90  LEU LEU A . n 
A 1 91 THR 91 91  91  THR THR A . n 
A 1 92 GLN 92 92  92  GLN GLN A . n 
A 1 93 ILE 93 93  93  ILE ILE A . n 
A 1 94 GLY 94 94  94  GLY GLY A . n 
A 1 95 CYS 95 95  95  CYS CYS A . n 
A 1 96 THR 96 96  96  THR THR A . n 
A 1 97 LEU 97 97  97  LEU LEU A . n 
A 1 98 ASN 98 98  98  ASN ASN A . n 
A 1 99 PHE 99 99  99  PHE PHE A . n 
B 1 1  PRO 1  201 201 PRO PRO B . n 
B 1 2  GLN 2  202 202 GLN GLN B . n 
B 1 3  ILE 3  203 203 ILE ILE B . n 
B 1 4  THR 4  204 204 THR THR B . n 
B 1 5  LEU 5  205 205 LEU LEU B . n 
B 1 6  TRP 6  206 206 TRP TRP B . n 
B 1 7  GLN 7  207 207 GLN GLN B . n 
B 1 8  ARG 8  208 208 ARG ARG B . n 
B 1 9  PRO 9  209 209 PRO PRO B . n 
B 1 10 VAL 10 210 210 VAL VAL B . n 
B 1 11 VAL 11 211 211 VAL VAL B . n 
B 1 12 THR 12 212 212 THR THR B . n 
B 1 13 ILE 13 213 213 ILE ILE B . n 
B 1 14 LYS 14 214 214 LYS LYS B . n 
B 1 15 ILE 15 215 215 ILE ILE B . n 
B 1 16 GLY 16 216 216 GLY GLY B . n 
B 1 17 GLY 17 217 217 GLY GLY B . n 
B 1 18 GLN 18 218 218 GLN GLN B . n 
B 1 19 LEU 19 219 219 LEU LEU B . n 
B 1 20 MET 20 220 220 MET MET B . n 
B 1 21 GLU 21 221 221 GLU GLU B . n 
B 1 22 ALA 22 222 222 ALA ALA B . n 
B 1 23 LEU 23 223 223 LEU LEU B . n 
B 1 24 ILE 24 224 224 ILE ILE B . n 
B 1 25 ASP 25 225 225 ASP ASP B . n 
B 1 26 THR 26 226 226 THR THR B . n 
B 1 27 GLY 27 227 227 GLY GLY B . n 
B 1 28 ALA 28 228 228 ALA ALA B . n 
B 1 29 ASP 29 229 229 ASP ASP B . n 
B 1 30 ASP 30 230 230 ASP ASP B . n 
B 1 31 THR 31 231 231 THR THR B . n 
B 1 32 VAL 32 232 232 VAL VAL B . n 
B 1 33 LEU 33 233 233 LEU LEU B . n 
B 1 34 GLU 34 234 234 GLU GLU B . n 
B 1 35 GLU 35 235 235 GLU GLU B . n 
B 1 36 MET 36 236 236 MET MET B . n 
B 1 37 ASP 37 237 237 ASP ASP B . n 
B 1 38 LEU 38 238 238 LEU LEU B . n 
B 1 39 PRO 39 239 239 PRO PRO B . n 
B 1 40 GLY 40 240 240 GLY GLY B . n 
B 1 41 ARG 41 241 241 ARG ARG B . n 
B 1 42 TRP 42 242 242 TRP TRP B . n 
B 1 43 LYS 43 243 243 LYS LYS B . n 
B 1 44 PRO 44 244 244 PRO PRO B . n 
B 1 45 LYS 45 245 245 LYS LYS B . n 
B 1 46 ILE 46 246 246 ILE ILE B . n 
B 1 47 ILE 47 247 247 ILE ILE B . n 
B 1 48 GLY 48 248 248 GLY GLY B . n 
B 1 49 GLY 49 249 249 GLY GLY B . n 
B 1 50 ILE 50 250 250 ILE ILE B . n 
B 1 51 GLY 51 251 251 GLY GLY B . n 
B 1 52 GLY 52 252 252 GLY GLY B . n 
B 1 53 PHE 53 253 253 PHE PHE B . n 
B 1 54 VAL 54 254 254 VAL VAL B . n 
B 1 55 LYS 55 255 255 LYS LYS B . n 
B 1 56 VAL 56 256 256 VAL VAL B . n 
B 1 57 ARG 57 257 257 ARG ARG B . n 
B 1 58 GLN 58 258 258 GLN GLN B . n 
B 1 59 TYR 59 259 259 TYR TYR B . n 
B 1 60 ASP 60 260 260 ASP ASP B . n 
B 1 61 GLN 61 261 261 GLN GLN B . n 
B 1 62 ILE 62 262 262 ILE ILE B . n 
B 1 63 PRO 63 263 263 PRO PRO B . n 
B 1 64 ILE 64 264 264 ILE ILE B . n 
B 1 65 GLU 65 265 265 GLU GLU B . n 
B 1 66 ILE 66 266 266 ILE ILE B . n 
B 1 67 CYS 67 267 267 CYS CYS B . n 
B 1 68 GLY 68 268 268 GLY GLY B . n 
B 1 69 HIS 69 269 269 HIS HIS B . n 
B 1 70 LYS 70 270 270 LYS LYS B . n 
B 1 71 VAL 71 271 271 VAL VAL B . n 
B 1 72 ILE 72 272 272 ILE ILE B . n 
B 1 73 GLY 73 273 273 GLY GLY B . n 
B 1 74 THR 74 274 274 THR THR B . n 
B 1 75 VAL 75 275 275 VAL VAL B . n 
B 1 76 LEU 76 276 276 LEU LEU B . n 
B 1 77 VAL 77 277 277 VAL VAL B . n 
B 1 78 GLY 78 278 278 GLY GLY B . n 
B 1 79 PRO 79 279 279 PRO PRO B . n 
B 1 80 THR 80 280 280 THR THR B . n 
B 1 81 PRO 81 281 281 PRO PRO B . n 
B 1 82 THR 82 282 282 THR THR B . n 
B 1 83 ASN 83 283 283 ASN ASN B . n 
B 1 84 ILE 84 284 284 ILE ILE B . n 
B 1 85 ILE 85 285 285 ILE ILE B . n 
B 1 86 GLY 86 286 286 GLY GLY B . n 
B 1 87 ARG 87 287 287 ARG ARG B . n 
B 1 88 ASN 88 288 288 ASN ASN B . n 
B 1 89 LEU 89 289 289 LEU LEU B . n 
B 1 90 LEU 90 290 290 LEU LEU B . n 
B 1 91 THR 91 291 291 THR THR B . n 
B 1 92 GLN 92 292 292 GLN GLN B . n 
B 1 93 ILE 93 293 293 ILE ILE B . n 
B 1 94 GLY 94 294 294 GLY GLY B . n 
B 1 95 CYS 95 295 295 CYS CYS B . n 
B 1 96 THR 96 296 296 THR THR B . n 
B 1 97 LEU 97 297 297 LEU LEU B . n 
B 1 98 ASN 98 298 298 ASN ASN B . n 
B 1 99 PHE 99 299 299 PHE PHE B . n 
# 
loop_
_pdbx_nonpoly_scheme.asym_id 
_pdbx_nonpoly_scheme.entity_id 
_pdbx_nonpoly_scheme.mon_id 
_pdbx_nonpoly_scheme.ndb_seq_num 
_pdbx_nonpoly_scheme.pdb_seq_num 
_pdbx_nonpoly_scheme.auth_seq_num 
_pdbx_nonpoly_scheme.pdb_mon_id 
_pdbx_nonpoly_scheme.auth_mon_id 
_pdbx_nonpoly_scheme.pdb_strand_id 
_pdbx_nonpoly_scheme.pdb_ins_code 
C 2 MK1 1  524 524 MK1 L73 B . 
D 3 HOH 1  305 305 HOH HOH A . 
D 3 HOH 2  309 309 HOH HOH A . 
D 3 HOH 3  317 317 HOH HOH A . 
D 3 HOH 4  320 320 HOH HOH A . 
D 3 HOH 5  321 321 HOH HOH A . 
D 3 HOH 6  324 324 HOH HOH A . 
D 3 HOH 7  326 326 HOH HOH A . 
D 3 HOH 8  327 327 HOH HOH A . 
D 3 HOH 9  329 329 HOH HOH A . 
D 3 HOH 10 330 330 HOH HOH A . 
D 3 HOH 11 333 333 HOH HOH A . 
D 3 HOH 12 334 334 HOH HOH A . 
D 3 HOH 13 335 335 HOH HOH A . 
D 3 HOH 14 336 336 HOH HOH A . 
D 3 HOH 15 337 337 HOH HOH A . 
D 3 HOH 16 338 338 HOH HOH A . 
D 3 HOH 17 339 339 HOH HOH A . 
D 3 HOH 18 340 340 HOH HOH A . 
D 3 HOH 19 343 343 HOH HOH A . 
D 3 HOH 20 344 344 HOH HOH A . 
D 3 HOH 21 346 346 HOH HOH A . 
D 3 HOH 22 355 355 HOH HOH A . 
D 3 HOH 23 358 358 HOH HOH A . 
D 3 HOH 24 359 359 HOH HOH A . 
D 3 HOH 25 360 360 HOH HOH A . 
D 3 HOH 26 361 361 HOH HOH A . 
D 3 HOH 27 363 363 HOH HOH A . 
D 3 HOH 28 367 367 HOH HOH A . 
D 3 HOH 29 373 373 HOH HOH A . 
D 3 HOH 30 374 374 HOH HOH A . 
D 3 HOH 31 377 377 HOH HOH A . 
D 3 HOH 32 379 379 HOH HOH A . 
D 3 HOH 33 381 381 HOH HOH A . 
D 3 HOH 34 382 382 HOH HOH A . 
D 3 HOH 35 383 383 HOH HOH A . 
D 3 HOH 36 384 384 HOH HOH A . 
E 3 HOH 1  300 300 HOH HOH B . 
E 3 HOH 2  301 301 HOH HOH B . 
E 3 HOH 3  302 302 HOH HOH B . 
E 3 HOH 4  303 303 HOH HOH B . 
E 3 HOH 5  304 304 HOH HOH B . 
E 3 HOH 6  306 306 HOH HOH B . 
E 3 HOH 7  307 307 HOH HOH B . 
E 3 HOH 8  308 308 HOH HOH B . 
E 3 HOH 9  310 310 HOH HOH B . 
E 3 HOH 10 311 311 HOH HOH B . 
E 3 HOH 11 312 312 HOH HOH B . 
E 3 HOH 12 313 313 HOH HOH B . 
E 3 HOH 13 314 314 HOH HOH B . 
E 3 HOH 14 315 315 HOH HOH B . 
E 3 HOH 15 316 316 HOH HOH B . 
E 3 HOH 16 318 318 HOH HOH B . 
E 3 HOH 17 319 319 HOH HOH B . 
E 3 HOH 18 322 322 HOH HOH B . 
E 3 HOH 19 323 323 HOH HOH B . 
E 3 HOH 20 325 325 HOH HOH B . 
E 3 HOH 21 328 328 HOH HOH B . 
E 3 HOH 22 331 331 HOH HOH B . 
E 3 HOH 23 332 332 HOH HOH B . 
E 3 HOH 24 341 341 HOH HOH B . 
E 3 HOH 25 342 342 HOH HOH B . 
E 3 HOH 26 345 345 HOH HOH B . 
E 3 HOH 27 347 347 HOH HOH B . 
E 3 HOH 28 349 349 HOH HOH B . 
E 3 HOH 29 350 350 HOH HOH B . 
E 3 HOH 30 351 351 HOH HOH B . 
E 3 HOH 31 352 352 HOH HOH B . 
E 3 HOH 32 353 353 HOH HOH B . 
E 3 HOH 33 354 354 HOH HOH B . 
E 3 HOH 34 356 356 HOH HOH B . 
E 3 HOH 35 357 357 HOH HOH B . 
E 3 HOH 36 362 362 HOH HOH B . 
E 3 HOH 37 364 364 HOH HOH B . 
E 3 HOH 38 365 365 HOH HOH B . 
E 3 HOH 39 366 366 HOH HOH B . 
E 3 HOH 40 368 368 HOH HOH B . 
E 3 HOH 41 369 369 HOH HOH B . 
E 3 HOH 42 370 370 HOH HOH B . 
E 3 HOH 43 371 371 HOH HOH B . 
E 3 HOH 44 372 372 HOH HOH B . 
E 3 HOH 45 375 375 HOH HOH B . 
E 3 HOH 46 376 376 HOH HOH B . 
E 3 HOH 47 378 378 HOH HOH B . 
E 3 HOH 48 380 380 HOH HOH B . 
# 
_software.name             X-PLOR 
_software.classification   refinement 
_software.version          . 
_software.citation_id      ? 
_software.pdbx_ordinal     1 
# 
_cell.entry_id           1C6Y 
_cell.length_a           58.44 
_cell.length_b           88.26 
_cell.length_c           42.94 
_cell.angle_alpha        90.00 
_cell.angle_beta         90.00 
_cell.angle_gamma        90.00 
_cell.Z_PDB              8 
_cell.pdbx_unique_axis   ? 
# 
_symmetry.entry_id                         1C6Y 
_symmetry.space_group_name_H-M             'P 21 21 2' 
_symmetry.pdbx_full_space_group_name_H-M   ? 
_symmetry.cell_setting                     ? 
_symmetry.Int_Tables_number                18 
# 
_exptl.entry_id          1C6Y 
_exptl.method            'X-RAY DIFFRACTION' 
_exptl.crystals_number   ? 
# 
_exptl_crystal.id                    1 
_exptl_crystal.density_meas          ? 
_exptl_crystal.density_Matthews      2.56 
_exptl_crystal.density_percent_sol   51.98 
_exptl_crystal.description           ? 
# 
_exptl_crystal_grow.crystal_id      1 
_exptl_crystal_grow.method          ? 
_exptl_crystal_grow.temp            ? 
_exptl_crystal_grow.temp_details    ? 
_exptl_crystal_grow.pH              ? 
_exptl_crystal_grow.pdbx_pH_range   ? 
_exptl_crystal_grow.pdbx_details    
;THE CRYSTAL WAS PREPARED WITH CO CRYSTALLIZATION METHOD.
9X MUTANT PROTEASE HAS NINE POINT MUTATIONS COMPARED TO
WILD TYPE: L10V,K20M,L24I,S37D,M46I,I54V,L63P,A71V,V82T

THERE IS ONE PROTEASE DIMER IN AN ASYMMETRICAL UNIT.  THE
TWO MOLECULES ARE LABELED AS CHAIN A AND CHAIN B.  THERE
IS ONE L-735,524 INHIBITOR MOLECULE LABELED AS MK1.
;
# 
_diffrn.id                     1 
_diffrn.crystal_id             1 
_diffrn.ambient_temp           ? 
_diffrn.ambient_temp_details   ? 
# 
_diffrn_radiation.diffrn_id                        1 
_diffrn_radiation.wavelength_id                    1 
_diffrn_radiation.pdbx_monochromatic_or_laue_m_l   M 
_diffrn_radiation.monochromator                    ? 
_diffrn_radiation.pdbx_diffrn_protocol             'SINGLE WAVELENGTH' 
_diffrn_radiation.pdbx_scattering_type             x-ray 
# 
_diffrn_radiation_wavelength.id           1 
_diffrn_radiation_wavelength.wavelength   . 
_diffrn_radiation_wavelength.wt           1.0 
# 
_reflns.entry_id                     1C6Y 
_reflns.observed_criterion_sigma_I   ? 
_reflns.observed_criterion_sigma_F   ? 
_reflns.d_resolution_low             ? 
_reflns.d_resolution_high            ? 
_reflns.number_obs                   7254 
_reflns.number_all                   35099 
_reflns.percent_possible_obs         89.0 
_reflns.pdbx_Rmerge_I_obs            0.0520000 
_reflns.pdbx_Rsym_value              ? 
_reflns.pdbx_netI_over_sigmaI        ? 
_reflns.B_iso_Wilson_estimate        ? 
_reflns.pdbx_redundancy              ? 
_reflns.R_free_details               ? 
_reflns.limit_h_max                  ? 
_reflns.limit_h_min                  ? 
_reflns.limit_k_max                  ? 
_reflns.limit_k_min                  ? 
_reflns.limit_l_max                  ? 
_reflns.limit_l_min                  ? 
_reflns.observed_criterion_F_max     ? 
_reflns.observed_criterion_F_min     ? 
_reflns.pdbx_diffrn_id               1 
_reflns.pdbx_ordinal                 1 
# 
_reflns_shell.d_res_high             2.5 
_reflns_shell.d_res_low              2.59 
_reflns_shell.percent_possible_all   84.0 
_reflns_shell.Rmerge_I_obs           ? 
_reflns_shell.pdbx_Rsym_value        ? 
_reflns_shell.meanI_over_sigI_obs    ? 
_reflns_shell.pdbx_redundancy        ? 
_reflns_shell.percent_possible_obs   ? 
_reflns_shell.number_unique_all      ? 
_reflns_shell.pdbx_diffrn_id         ? 
_reflns_shell.pdbx_ordinal           1 
# 
_refine.entry_id                                 1C6Y 
_refine.ls_number_reflns_obs                     ? 
_refine.ls_number_reflns_all                     ? 
_refine.pdbx_ls_sigma_I                          ? 
_refine.pdbx_ls_sigma_F                          2.0 
_refine.pdbx_data_cutoff_high_absF               ? 
_refine.pdbx_data_cutoff_low_absF                ? 
_refine.pdbx_data_cutoff_high_rms_absF           ? 
_refine.ls_d_res_low                             8.0 
_refine.ls_d_res_high                            2.5 
_refine.ls_percent_reflns_obs                    ? 
_refine.ls_R_factor_obs                          0.1800000 
_refine.ls_R_factor_all                          ? 
_refine.ls_R_factor_R_work                       0.1800000 
_refine.ls_R_factor_R_free                       0.3100000 
_refine.ls_R_factor_R_free_error                 ? 
_refine.ls_R_factor_R_free_error_details         ? 
_refine.ls_percent_reflns_R_free                 ? 
_refine.ls_number_reflns_R_free                  ? 
_refine.ls_number_parameters                     ? 
_refine.ls_number_restraints                     ? 
_refine.occupancy_min                            ? 
_refine.occupancy_max                            ? 
_refine.B_iso_mean                               ? 
_refine.aniso_B[1][1]                            ? 
_refine.aniso_B[2][2]                            ? 
_refine.aniso_B[3][3]                            ? 
_refine.aniso_B[1][2]                            ? 
_refine.aniso_B[1][3]                            ? 
_refine.aniso_B[2][3]                            ? 
_refine.solvent_model_details                    ? 
_refine.solvent_model_param_ksol                 ? 
_refine.solvent_model_param_bsol                 ? 
_refine.pdbx_ls_cross_valid_method               ? 
_refine.details                                  ? 
_refine.pdbx_starting_model                      ? 
_refine.pdbx_method_to_determine_struct          ? 
_refine.pdbx_isotropic_thermal_model             ? 
_refine.pdbx_stereochemistry_target_values       ? 
_refine.pdbx_stereochem_target_val_spec_case     ? 
_refine.pdbx_R_Free_selection_details            ? 
_refine.pdbx_overall_ESU_R                       ? 
_refine.pdbx_overall_ESU_R_Free                  ? 
_refine.overall_SU_ML                            ? 
_refine.overall_SU_B                             ? 
_refine.ls_redundancy_reflns_obs                 ? 
_refine.B_iso_min                                ? 
_refine.B_iso_max                                ? 
_refine.correlation_coeff_Fo_to_Fc               ? 
_refine.correlation_coeff_Fo_to_Fc_free          ? 
_refine.overall_SU_R_Cruickshank_DPI             ? 
_refine.overall_SU_R_free                        ? 
_refine.pdbx_refine_id                           'X-RAY DIFFRACTION' 
_refine.pdbx_diffrn_id                           1 
_refine.pdbx_TLS_residual_ADP_flag               ? 
_refine.pdbx_solvent_vdw_probe_radii             ? 
_refine.pdbx_solvent_ion_probe_radii             ? 
_refine.pdbx_solvent_shrinkage_radii             ? 
_refine.pdbx_overall_phase_error                 ? 
_refine.pdbx_overall_SU_R_free_Cruickshank_DPI   ? 
_refine.pdbx_overall_SU_R_Blow_DPI               ? 
_refine.pdbx_overall_SU_R_free_Blow_DPI          ? 
# 
_refine_hist.pdbx_refine_id                   'X-RAY DIFFRACTION' 
_refine_hist.cycle_id                         LAST 
_refine_hist.pdbx_number_atoms_protein        1514 
_refine_hist.pdbx_number_atoms_nucleic_acid   0 
_refine_hist.pdbx_number_atoms_ligand         45 
_refine_hist.number_atoms_solvent             84 
_refine_hist.number_atoms_total               1643 
_refine_hist.d_res_high                       2.5 
_refine_hist.d_res_low                        8.0 
# 
loop_
_refine_ls_restr.type 
_refine_ls_restr.dev_ideal 
_refine_ls_restr.dev_ideal_target 
_refine_ls_restr.weight 
_refine_ls_restr.number 
_refine_ls_restr.pdbx_refine_id 
_refine_ls_restr.pdbx_restraint_function 
x_bond_d                0.017 ? ? ? 'X-RAY DIFFRACTION' ? 
x_bond_d_na             ?     ? ? ? 'X-RAY DIFFRACTION' ? 
x_bond_d_prot           ?     ? ? ? 'X-RAY DIFFRACTION' ? 
x_angle_d               ?     ? ? ? 'X-RAY DIFFRACTION' ? 
x_angle_d_na            ?     ? ? ? 'X-RAY DIFFRACTION' ? 
x_angle_d_prot          ?     ? ? ? 'X-RAY DIFFRACTION' ? 
x_angle_deg             2.1   ? ? ? 'X-RAY DIFFRACTION' ? 
x_angle_deg_na          ?     ? ? ? 'X-RAY DIFFRACTION' ? 
x_angle_deg_prot        ?     ? ? ? 'X-RAY DIFFRACTION' ? 
x_dihedral_angle_d      ?     ? ? ? 'X-RAY DIFFRACTION' ? 
x_dihedral_angle_d_na   ?     ? ? ? 'X-RAY DIFFRACTION' ? 
x_dihedral_angle_d_prot ?     ? ? ? 'X-RAY DIFFRACTION' ? 
x_improper_angle_d      ?     ? ? ? 'X-RAY DIFFRACTION' ? 
x_improper_angle_d_na   ?     ? ? ? 'X-RAY DIFFRACTION' ? 
x_improper_angle_d_prot ?     ? ? ? 'X-RAY DIFFRACTION' ? 
x_mcbond_it             ?     ? ? ? 'X-RAY DIFFRACTION' ? 
x_mcangle_it            ?     ? ? ? 'X-RAY DIFFRACTION' ? 
x_scbond_it             ?     ? ? ? 'X-RAY DIFFRACTION' ? 
x_scangle_it            ?     ? ? ? 'X-RAY DIFFRACTION' ? 
# 
_struct.entry_id                  1C6Y 
_struct.title                     
;ALTERNATE BINDING SITE FOR THE P1-P3 GROUP OF A CLASS OF POTENT HIV-1 PROTEASE INHIBITORS AS A RESULT OF CONCERTED STRUCTURAL CHANGE IN 80'S LOOP.
;
_struct.pdbx_model_details        ? 
_struct.pdbx_CASP_flag            ? 
_struct.pdbx_model_type_details   ? 
# 
_struct_keywords.entry_id        1C6Y 
_struct_keywords.pdbx_keywords   HYDROLASE 
_struct_keywords.text            hydrolase 
# 
loop_
_struct_asym.id 
_struct_asym.pdbx_blank_PDB_chainid_flag 
_struct_asym.pdbx_modified 
_struct_asym.entity_id 
_struct_asym.details 
A N N 1 ? 
B N N 1 ? 
C N N 2 ? 
D N N 3 ? 
E N N 3 ? 
# 
_struct_ref.id                         1 
_struct_ref.db_code                    O09893_9HIV1 
_struct_ref.db_name                    UNP 
_struct_ref.entity_id                  1 
_struct_ref.pdbx_db_accession          O09893 
_struct_ref.pdbx_align_begin           ? 
_struct_ref.pdbx_seq_one_letter_code   ? 
_struct_ref.pdbx_db_isoform            ? 
# 
loop_
_struct_ref_seq.align_id 
_struct_ref_seq.ref_id 
_struct_ref_seq.pdbx_PDB_id_code 
_struct_ref_seq.pdbx_strand_id 
_struct_ref_seq.seq_align_beg 
_struct_ref_seq.pdbx_seq_align_beg_ins_code 
_struct_ref_seq.seq_align_end 
_struct_ref_seq.pdbx_seq_align_end_ins_code 
_struct_ref_seq.pdbx_db_accession 
_struct_ref_seq.db_align_beg 
_struct_ref_seq.pdbx_db_align_beg_ins_code 
_struct_ref_seq.db_align_end 
_struct_ref_seq.pdbx_db_align_end_ins_code 
_struct_ref_seq.pdbx_auth_seq_align_beg 
_struct_ref_seq.pdbx_auth_seq_align_end 
1 1 1C6Y A 1 ? 99 ? O09893 1 ? 99 ? 1   99  
2 1 1C6Y B 1 ? 99 ? O09893 1 ? 99 ? 201 299 
# 
_pdbx_struct_assembly.id                   1 
_pdbx_struct_assembly.details              author_and_software_defined_assembly 
_pdbx_struct_assembly.method_details       PISA 
_pdbx_struct_assembly.oligomeric_details   dimeric 
_pdbx_struct_assembly.oligomeric_count     2 
# 
loop_
_pdbx_struct_assembly_prop.biol_id 
_pdbx_struct_assembly_prop.type 
_pdbx_struct_assembly_prop.value 
_pdbx_struct_assembly_prop.details 
1 'ABSA (A^2)' 5060 ? 
1 MORE         -21  ? 
1 'SSA (A^2)'  9560 ? 
# 
_pdbx_struct_assembly_gen.assembly_id       1 
_pdbx_struct_assembly_gen.oper_expression   1 
_pdbx_struct_assembly_gen.asym_id_list      A,B,C,D,E 
# 
_pdbx_struct_oper_list.id                   1 
_pdbx_struct_oper_list.type                 'identity operation' 
_pdbx_struct_oper_list.name                 1_555 
_pdbx_struct_oper_list.symmetry_operation   x,y,z 
_pdbx_struct_oper_list.matrix[1][1]         1.0000000000 
_pdbx_struct_oper_list.matrix[1][2]         0.0000000000 
_pdbx_struct_oper_list.matrix[1][3]         0.0000000000 
_pdbx_struct_oper_list.vector[1]            0.0000000000 
_pdbx_struct_oper_list.matrix[2][1]         0.0000000000 
_pdbx_struct_oper_list.matrix[2][2]         1.0000000000 
_pdbx_struct_oper_list.matrix[2][3]         0.0000000000 
_pdbx_struct_oper_list.vector[2]            0.0000000000 
_pdbx_struct_oper_list.matrix[3][1]         0.0000000000 
_pdbx_struct_oper_list.matrix[3][2]         0.0000000000 
_pdbx_struct_oper_list.matrix[3][3]         1.0000000000 
_pdbx_struct_oper_list.vector[3]            0.0000000000 
# 
_struct_biol.id                    1 
_struct_biol.pdbx_parent_biol_id   ? 
_struct_biol.details               ? 
# 
loop_
_struct_conf.conf_type_id 
_struct_conf.id 
_struct_conf.pdbx_PDB_helix_id 
_struct_conf.beg_label_comp_id 
_struct_conf.beg_label_asym_id 
_struct_conf.beg_label_seq_id 
_struct_conf.pdbx_beg_PDB_ins_code 
_struct_conf.end_label_comp_id 
_struct_conf.end_label_asym_id 
_struct_conf.end_label_seq_id 
_struct_conf.pdbx_end_PDB_ins_code 
_struct_conf.beg_auth_comp_id 
_struct_conf.beg_auth_asym_id 
_struct_conf.beg_auth_seq_id 
_struct_conf.end_auth_comp_id 
_struct_conf.end_auth_asym_id 
_struct_conf.end_auth_seq_id 
_struct_conf.pdbx_PDB_helix_class 
_struct_conf.details 
_struct_conf.pdbx_PDB_helix_length 
HELX_P HELX_P1 1 GLY A 86 ? THR A 91 ? GLY A 86  THR A 91  1 ? 6 
HELX_P HELX_P2 2 GLN A 92 ? GLY A 94 ? GLN A 92  GLY A 94  5 ? 3 
HELX_P HELX_P3 3 GLY B 86 ? THR B 91 ? GLY B 286 THR B 291 1 ? 6 
# 
_struct_conf_type.id          HELX_P 
_struct_conf_type.criteria    ? 
_struct_conf_type.reference   ? 
# 
loop_
_struct_sheet.id 
_struct_sheet.type 
_struct_sheet.number_strands 
_struct_sheet.details 
A ? 4 ? 
B ? 8 ? 
C ? 8 ? 
# 
loop_
_struct_sheet_order.sheet_id 
_struct_sheet_order.range_id_1 
_struct_sheet_order.range_id_2 
_struct_sheet_order.offset 
_struct_sheet_order.sense 
A 1 2 ? anti-parallel 
A 2 3 ? anti-parallel 
A 3 4 ? anti-parallel 
B 1 2 ? anti-parallel 
B 2 3 ? anti-parallel 
B 3 4 ? parallel      
B 4 5 ? anti-parallel 
B 5 6 ? parallel      
B 6 7 ? anti-parallel 
B 7 8 ? anti-parallel 
C 1 2 ? anti-parallel 
C 2 3 ? anti-parallel 
C 3 4 ? parallel      
C 4 5 ? anti-parallel 
C 5 6 ? parallel      
C 6 7 ? anti-parallel 
C 7 8 ? anti-parallel 
# 
loop_
_struct_sheet_range.sheet_id 
_struct_sheet_range.id 
_struct_sheet_range.beg_label_comp_id 
_struct_sheet_range.beg_label_asym_id 
_struct_sheet_range.beg_label_seq_id 
_struct_sheet_range.pdbx_beg_PDB_ins_code 
_struct_sheet_range.end_label_comp_id 
_struct_sheet_range.end_label_asym_id 
_struct_sheet_range.end_label_seq_id 
_struct_sheet_range.pdbx_end_PDB_ins_code 
_struct_sheet_range.beg_auth_comp_id 
_struct_sheet_range.beg_auth_asym_id 
_struct_sheet_range.beg_auth_seq_id 
_struct_sheet_range.end_auth_comp_id 
_struct_sheet_range.end_auth_asym_id 
_struct_sheet_range.end_auth_seq_id 
A 1 GLN A 2  ? THR A 4  ? GLN A 2   THR A 4   
A 2 THR B 96 ? ASN B 98 ? THR B 296 ASN B 298 
A 3 THR A 96 ? ASN A 98 ? THR A 96  ASN A 98  
A 4 GLN B 2  ? ILE B 3  ? GLN B 202 ILE B 203 
B 1 LYS A 43 ? GLY A 49 ? LYS A 43  GLY A 49  
B 2 GLY A 52 ? ILE A 66 ? GLY A 52  ILE A 66  
B 3 HIS A 69 ? VAL A 77 ? HIS A 69  VAL A 77  
B 4 THR A 31 ? LEU A 33 ? THR A 31  LEU A 33  
B 5 ILE A 84 ? ILE A 85 ? ILE A 84  ILE A 85  
B 6 GLN A 18 ? ILE A 24 ? GLN A 18  ILE A 24  
B 7 VAL A 10 ? ILE A 15 ? VAL A 10  ILE A 15  
B 8 GLY A 52 ? ILE A 66 ? GLY A 52  ILE A 66  
C 1 TRP B 42 ? GLY B 48 ? TRP B 242 GLY B 248 
C 2 PHE B 53 ? ILE B 66 ? PHE B 253 ILE B 266 
C 3 HIS B 69 ? GLY B 78 ? HIS B 269 GLY B 278 
C 4 VAL B 32 ? GLU B 34 ? VAL B 232 GLU B 234 
C 5 ASN B 83 ? ILE B 85 ? ASN B 283 ILE B 285 
C 6 GLN B 18 ? ILE B 24 ? GLN B 218 ILE B 224 
C 7 VAL B 10 ? ILE B 15 ? VAL B 210 ILE B 215 
C 8 PHE B 53 ? ILE B 66 ? PHE B 253 ILE B 266 
# 
loop_
_pdbx_struct_sheet_hbond.sheet_id 
_pdbx_struct_sheet_hbond.range_id_1 
_pdbx_struct_sheet_hbond.range_id_2 
_pdbx_struct_sheet_hbond.range_1_label_atom_id 
_pdbx_struct_sheet_hbond.range_1_label_comp_id 
_pdbx_struct_sheet_hbond.range_1_label_asym_id 
_pdbx_struct_sheet_hbond.range_1_label_seq_id 
_pdbx_struct_sheet_hbond.range_1_PDB_ins_code 
_pdbx_struct_sheet_hbond.range_1_auth_atom_id 
_pdbx_struct_sheet_hbond.range_1_auth_comp_id 
_pdbx_struct_sheet_hbond.range_1_auth_asym_id 
_pdbx_struct_sheet_hbond.range_1_auth_seq_id 
_pdbx_struct_sheet_hbond.range_2_label_atom_id 
_pdbx_struct_sheet_hbond.range_2_label_comp_id 
_pdbx_struct_sheet_hbond.range_2_label_asym_id 
_pdbx_struct_sheet_hbond.range_2_label_seq_id 
_pdbx_struct_sheet_hbond.range_2_PDB_ins_code 
_pdbx_struct_sheet_hbond.range_2_auth_atom_id 
_pdbx_struct_sheet_hbond.range_2_auth_comp_id 
_pdbx_struct_sheet_hbond.range_2_auth_asym_id 
_pdbx_struct_sheet_hbond.range_2_auth_seq_id 
A 1 2 N ILE A 3  ? N ILE A 3   O LEU B 97 ? O LEU B 297 
A 2 3 N ASN B 98 ? N ASN B 298 O THR A 96 ? O THR A 96  
A 3 4 O LEU A 97 ? O LEU A 97  N ILE B 3  ? N ILE B 203 
B 1 2 N GLY A 49 ? N GLY A 49  O GLY A 52 ? O GLY A 52  
B 2 3 N ILE A 66 ? N ILE A 66  O HIS A 69 ? O HIS A 69  
B 3 4 N LEU A 76 ? N LEU A 76  O THR A 31 ? O THR A 31  
B 4 5 O VAL A 32 ? O VAL A 32  N ILE A 84 ? N ILE A 84  
B 5 6 N ILE A 85 ? N ILE A 85  O LEU A 23 ? O LEU A 23  
B 6 7 O ALA A 22 ? O ALA A 22  N VAL A 11 ? N VAL A 11  
B 7 8 O LYS A 14 ? O LYS A 14  N GLU A 65 ? N GLU A 65  
C 1 2 O ILE B 47 ? O ILE B 247 N VAL B 54 ? N VAL B 254 
C 2 3 O ILE B 66 ? O ILE B 266 N HIS B 69 ? N HIS B 269 
C 3 4 O LEU B 76 ? O LEU B 276 N LEU B 33 ? N LEU B 233 
C 4 5 O VAL B 32 ? O VAL B 232 N ILE B 84 ? N ILE B 284 
C 5 6 N ASN B 83 ? N ASN B 283 O GLU B 21 ? O GLU B 221 
C 6 7 O ALA B 22 ? O ALA B 222 N VAL B 11 ? N VAL B 211 
C 7 8 N LYS B 14 ? N LYS B 214 O GLU B 65 ? O GLU B 265 
# 
_struct_site.id                   AC1 
_struct_site.pdbx_evidence_code   Software 
_struct_site.pdbx_auth_asym_id    B 
_struct_site.pdbx_auth_comp_id    MK1 
_struct_site.pdbx_auth_seq_id     524 
_struct_site.pdbx_auth_ins_code   ? 
_struct_site.pdbx_num_residues    20 
_struct_site.details              'BINDING SITE FOR RESIDUE MK1 B 524' 
# 
loop_
_struct_site_gen.id 
_struct_site_gen.site_id 
_struct_site_gen.pdbx_num_res 
_struct_site_gen.label_comp_id 
_struct_site_gen.label_asym_id 
_struct_site_gen.label_seq_id 
_struct_site_gen.pdbx_auth_ins_code 
_struct_site_gen.auth_comp_id 
_struct_site_gen.auth_asym_id 
_struct_site_gen.auth_seq_id 
_struct_site_gen.label_atom_id 
_struct_site_gen.label_alt_id 
_struct_site_gen.symmetry 
_struct_site_gen.details 
1  AC1 20 ASP A 25 ? ASP A 25  . ? 1_555 ? 
2  AC1 20 GLY A 48 ? GLY A 48  . ? 1_555 ? 
3  AC1 20 GLY A 49 ? GLY A 49  . ? 1_555 ? 
4  AC1 20 THR A 82 ? THR A 82  . ? 1_555 ? 
5  AC1 20 ILE A 84 ? ILE A 84  . ? 1_555 ? 
6  AC1 20 ASP B 25 ? ASP B 225 . ? 1_555 ? 
7  AC1 20 GLY B 27 ? GLY B 227 . ? 1_555 ? 
8  AC1 20 ALA B 28 ? ALA B 228 . ? 1_555 ? 
9  AC1 20 ASP B 29 ? ASP B 229 . ? 1_555 ? 
10 AC1 20 ASP B 30 ? ASP B 230 . ? 1_555 ? 
11 AC1 20 GLY B 48 ? GLY B 248 . ? 1_555 ? 
12 AC1 20 GLY B 49 ? GLY B 249 . ? 1_555 ? 
13 AC1 20 ILE B 50 ? ILE B 250 . ? 1_555 ? 
14 AC1 20 THR B 80 ? THR B 280 . ? 1_555 ? 
15 AC1 20 PRO B 81 ? PRO B 281 . ? 1_555 ? 
16 AC1 20 THR B 82 ? THR B 282 . ? 1_555 ? 
17 AC1 20 ILE B 84 ? ILE B 284 . ? 1_555 ? 
18 AC1 20 HOH E .  ? HOH B 302 . ? 1_555 ? 
19 AC1 20 HOH E .  ? HOH B 311 . ? 1_555 ? 
20 AC1 20 HOH E .  ? HOH B 328 . ? 1_555 ? 
# 
loop_
_pdbx_validate_rmsd_angle.id 
_pdbx_validate_rmsd_angle.PDB_model_num 
_pdbx_validate_rmsd_angle.auth_atom_id_1 
_pdbx_validate_rmsd_angle.auth_asym_id_1 
_pdbx_validate_rmsd_angle.auth_comp_id_1 
_pdbx_validate_rmsd_angle.auth_seq_id_1 
_pdbx_validate_rmsd_angle.PDB_ins_code_1 
_pdbx_validate_rmsd_angle.label_alt_id_1 
_pdbx_validate_rmsd_angle.auth_atom_id_2 
_pdbx_validate_rmsd_angle.auth_asym_id_2 
_pdbx_validate_rmsd_angle.auth_comp_id_2 
_pdbx_validate_rmsd_angle.auth_seq_id_2 
_pdbx_validate_rmsd_angle.PDB_ins_code_2 
_pdbx_validate_rmsd_angle.label_alt_id_2 
_pdbx_validate_rmsd_angle.auth_atom_id_3 
_pdbx_validate_rmsd_angle.auth_asym_id_3 
_pdbx_validate_rmsd_angle.auth_comp_id_3 
_pdbx_validate_rmsd_angle.auth_seq_id_3 
_pdbx_validate_rmsd_angle.PDB_ins_code_3 
_pdbx_validate_rmsd_angle.label_alt_id_3 
_pdbx_validate_rmsd_angle.angle_value 
_pdbx_validate_rmsd_angle.angle_target_value 
_pdbx_validate_rmsd_angle.angle_deviation 
_pdbx_validate_rmsd_angle.angle_standard_deviation 
_pdbx_validate_rmsd_angle.linker_flag 
1 1 CA A PRO 1   ? ? N A PRO 1   ? ? CD A PRO 1   ? ? 102.46 111.50 -9.04 1.40 N 
2 1 CA B PRO 201 ? ? N B PRO 201 ? ? CD B PRO 201 ? ? 101.88 111.50 -9.62 1.40 N 
# 
loop_
_pdbx_validate_torsion.id 
_pdbx_validate_torsion.PDB_model_num 
_pdbx_validate_torsion.auth_comp_id 
_pdbx_validate_torsion.auth_asym_id 
_pdbx_validate_torsion.auth_seq_id 
_pdbx_validate_torsion.PDB_ins_code 
_pdbx_validate_torsion.label_alt_id 
_pdbx_validate_torsion.phi 
_pdbx_validate_torsion.psi 
1 1 PRO A 9   ? ? -67.63 93.58   
2 1 GLU A 34  ? ? -69.49 -175.73 
3 1 GLN A 61  ? ? 34.98  56.83   
4 1 PRO A 79  ? ? -66.28 82.99   
5 1 PRO B 209 ? ? -66.48 97.40   
6 1 CYS B 267 ? ? 39.45  60.37   
# 
_pdbx_entry_details.entry_id                 1C6Y 
_pdbx_entry_details.compound_details         ? 
_pdbx_entry_details.source_details           ? 
_pdbx_entry_details.nonpolymer_details       
;L-735,524 IS N-[2(R)-HYDROXY-1(S)-INDANYL]-5-[(2(S)-
TERTIARY BUTYLAMINOCARBONYL)-4(3-PYRIDYLMETHYL)PIPERAZINO]
-4(S)-HYDROXY-2(R)-PHENYLMETHLPENTANAMIDE.
;
_pdbx_entry_details.sequence_details         ? 
_pdbx_entry_details.has_ligand_of_interest   ? 
# 
loop_
_chem_comp_atom.comp_id 
_chem_comp_atom.atom_id 
_chem_comp_atom.type_symbol 
_chem_comp_atom.pdbx_aromatic_flag 
_chem_comp_atom.pdbx_stereo_config 
_chem_comp_atom.pdbx_ordinal 
ALA N    N N N 1   
ALA CA   C N S 2   
ALA C    C N N 3   
ALA O    O N N 4   
ALA CB   C N N 5   
ALA OXT  O N N 6   
ALA H    H N N 7   
ALA H2   H N N 8   
ALA HA   H N N 9   
ALA HB1  H N N 10  
ALA HB2  H N N 11  
ALA HB3  H N N 12  
ALA HXT  H N N 13  
ARG N    N N N 14  
ARG CA   C N S 15  
ARG C    C N N 16  
ARG O    O N N 17  
ARG CB   C N N 18  
ARG CG   C N N 19  
ARG CD   C N N 20  
ARG NE   N N N 21  
ARG CZ   C N N 22  
ARG NH1  N N N 23  
ARG NH2  N N N 24  
ARG OXT  O N N 25  
ARG H    H N N 26  
ARG H2   H N N 27  
ARG HA   H N N 28  
ARG HB2  H N N 29  
ARG HB3  H N N 30  
ARG HG2  H N N 31  
ARG HG3  H N N 32  
ARG HD2  H N N 33  
ARG HD3  H N N 34  
ARG HE   H N N 35  
ARG HH11 H N N 36  
ARG HH12 H N N 37  
ARG HH21 H N N 38  
ARG HH22 H N N 39  
ARG HXT  H N N 40  
ASN N    N N N 41  
ASN CA   C N S 42  
ASN C    C N N 43  
ASN O    O N N 44  
ASN CB   C N N 45  
ASN CG   C N N 46  
ASN OD1  O N N 47  
ASN ND2  N N N 48  
ASN OXT  O N N 49  
ASN H    H N N 50  
ASN H2   H N N 51  
ASN HA   H N N 52  
ASN HB2  H N N 53  
ASN HB3  H N N 54  
ASN HD21 H N N 55  
ASN HD22 H N N 56  
ASN HXT  H N N 57  
ASP N    N N N 58  
ASP CA   C N S 59  
ASP C    C N N 60  
ASP O    O N N 61  
ASP CB   C N N 62  
ASP CG   C N N 63  
ASP OD1  O N N 64  
ASP OD2  O N N 65  
ASP OXT  O N N 66  
ASP H    H N N 67  
ASP H2   H N N 68  
ASP HA   H N N 69  
ASP HB2  H N N 70  
ASP HB3  H N N 71  
ASP HD2  H N N 72  
ASP HXT  H N N 73  
CYS N    N N N 74  
CYS CA   C N R 75  
CYS C    C N N 76  
CYS O    O N N 77  
CYS CB   C N N 78  
CYS SG   S N N 79  
CYS OXT  O N N 80  
CYS H    H N N 81  
CYS H2   H N N 82  
CYS HA   H N N 83  
CYS HB2  H N N 84  
CYS HB3  H N N 85  
CYS HG   H N N 86  
CYS HXT  H N N 87  
GLN N    N N N 88  
GLN CA   C N S 89  
GLN C    C N N 90  
GLN O    O N N 91  
GLN CB   C N N 92  
GLN CG   C N N 93  
GLN CD   C N N 94  
GLN OE1  O N N 95  
GLN NE2  N N N 96  
GLN OXT  O N N 97  
GLN H    H N N 98  
GLN H2   H N N 99  
GLN HA   H N N 100 
GLN HB2  H N N 101 
GLN HB3  H N N 102 
GLN HG2  H N N 103 
GLN HG3  H N N 104 
GLN HE21 H N N 105 
GLN HE22 H N N 106 
GLN HXT  H N N 107 
GLU N    N N N 108 
GLU CA   C N S 109 
GLU C    C N N 110 
GLU O    O N N 111 
GLU CB   C N N 112 
GLU CG   C N N 113 
GLU CD   C N N 114 
GLU OE1  O N N 115 
GLU OE2  O N N 116 
GLU OXT  O N N 117 
GLU H    H N N 118 
GLU H2   H N N 119 
GLU HA   H N N 120 
GLU HB2  H N N 121 
GLU HB3  H N N 122 
GLU HG2  H N N 123 
GLU HG3  H N N 124 
GLU HE2  H N N 125 
GLU HXT  H N N 126 
GLY N    N N N 127 
GLY CA   C N N 128 
GLY C    C N N 129 
GLY O    O N N 130 
GLY OXT  O N N 131 
GLY H    H N N 132 
GLY H2   H N N 133 
GLY HA2  H N N 134 
GLY HA3  H N N 135 
GLY HXT  H N N 136 
HIS N    N N N 137 
HIS CA   C N S 138 
HIS C    C N N 139 
HIS O    O N N 140 
HIS CB   C N N 141 
HIS CG   C Y N 142 
HIS ND1  N Y N 143 
HIS CD2  C Y N 144 
HIS CE1  C Y N 145 
HIS NE2  N Y N 146 
HIS OXT  O N N 147 
HIS H    H N N 148 
HIS H2   H N N 149 
HIS HA   H N N 150 
HIS HB2  H N N 151 
HIS HB3  H N N 152 
HIS HD1  H N N 153 
HIS HD2  H N N 154 
HIS HE1  H N N 155 
HIS HE2  H N N 156 
HIS HXT  H N N 157 
HOH O    O N N 158 
HOH H1   H N N 159 
HOH H2   H N N 160 
ILE N    N N N 161 
ILE CA   C N S 162 
ILE C    C N N 163 
ILE O    O N N 164 
ILE CB   C N S 165 
ILE CG1  C N N 166 
ILE CG2  C N N 167 
ILE CD1  C N N 168 
ILE OXT  O N N 169 
ILE H    H N N 170 
ILE H2   H N N 171 
ILE HA   H N N 172 
ILE HB   H N N 173 
ILE HG12 H N N 174 
ILE HG13 H N N 175 
ILE HG21 H N N 176 
ILE HG22 H N N 177 
ILE HG23 H N N 178 
ILE HD11 H N N 179 
ILE HD12 H N N 180 
ILE HD13 H N N 181 
ILE HXT  H N N 182 
LEU N    N N N 183 
LEU CA   C N S 184 
LEU C    C N N 185 
LEU O    O N N 186 
LEU CB   C N N 187 
LEU CG   C N N 188 
LEU CD1  C N N 189 
LEU CD2  C N N 190 
LEU OXT  O N N 191 
LEU H    H N N 192 
LEU H2   H N N 193 
LEU HA   H N N 194 
LEU HB2  H N N 195 
LEU HB3  H N N 196 
LEU HG   H N N 197 
LEU HD11 H N N 198 
LEU HD12 H N N 199 
LEU HD13 H N N 200 
LEU HD21 H N N 201 
LEU HD22 H N N 202 
LEU HD23 H N N 203 
LEU HXT  H N N 204 
LYS N    N N N 205 
LYS CA   C N S 206 
LYS C    C N N 207 
LYS O    O N N 208 
LYS CB   C N N 209 
LYS CG   C N N 210 
LYS CD   C N N 211 
LYS CE   C N N 212 
LYS NZ   N N N 213 
LYS OXT  O N N 214 
LYS H    H N N 215 
LYS H2   H N N 216 
LYS HA   H N N 217 
LYS HB2  H N N 218 
LYS HB3  H N N 219 
LYS HG2  H N N 220 
LYS HG3  H N N 221 
LYS HD2  H N N 222 
LYS HD3  H N N 223 
LYS HE2  H N N 224 
LYS HE3  H N N 225 
LYS HZ1  H N N 226 
LYS HZ2  H N N 227 
LYS HZ3  H N N 228 
LYS HXT  H N N 229 
MET N    N N N 230 
MET CA   C N S 231 
MET C    C N N 232 
MET O    O N N 233 
MET CB   C N N 234 
MET CG   C N N 235 
MET SD   S N N 236 
MET CE   C N N 237 
MET OXT  O N N 238 
MET H    H N N 239 
MET H2   H N N 240 
MET HA   H N N 241 
MET HB2  H N N 242 
MET HB3  H N N 243 
MET HG2  H N N 244 
MET HG3  H N N 245 
MET HE1  H N N 246 
MET HE2  H N N 247 
MET HE3  H N N 248 
MET HXT  H N N 249 
MK1 N1   N N N 250 
MK1 C1   C N N 251 
MK1 C2   C N S 252 
MK1 C3   C N N 253 
MK1 O1   O N N 254 
MK1 N2   N N N 255 
MK1 C4   C N N 256 
MK1 C5   C N N 257 
MK1 C6   C N N 258 
MK1 C7   C N N 259 
MK1 N3   N N N 260 
MK1 C8   C N N 261 
MK1 C9   C N N 262 
MK1 C10  C N N 263 
MK1 C11  C N S 264 
MK1 O2   O N N 265 
MK1 C12  C N N 266 
MK1 C13  C N R 267 
MK1 C14  C N N 268 
MK1 C15  C Y N 269 
MK1 C16  C Y N 270 
MK1 C17  C Y N 271 
MK1 C18  C Y N 272 
MK1 C19  C Y N 273 
MK1 C20  C Y N 274 
MK1 C21  C N N 275 
MK1 O3   O N N 276 
MK1 N4   N N N 277 
MK1 C22  C N S 278 
MK1 C23  C N R 279 
MK1 O4   O N N 280 
MK1 C24  C N N 281 
MK1 C25  C Y N 282 
MK1 C26  C Y N 283 
MK1 C27  C Y N 284 
MK1 C28  C Y N 285 
MK1 C29  C Y N 286 
MK1 C30  C Y N 287 
MK1 C31  C N N 288 
MK1 C32  C Y N 289 
MK1 C33  C Y N 290 
MK1 N5   N Y N 291 
MK1 C34  C Y N 292 
MK1 C35  C Y N 293 
MK1 C36  C Y N 294 
MK1 H11A H N N 295 
MK1 H12  H N N 296 
MK1 H2   H N N 297 
MK1 HN2  H N N 298 
MK1 H51  H N N 299 
MK1 H52  H N N 300 
MK1 H53  H N N 301 
MK1 H61  H N N 302 
MK1 H62  H N N 303 
MK1 H63  H N N 304 
MK1 H71  H N N 305 
MK1 H72  H N N 306 
MK1 H73  H N N 307 
MK1 H81  H N N 308 
MK1 H82  H N N 309 
MK1 H91  H N N 310 
MK1 H92  H N N 311 
MK1 H101 H N N 312 
MK1 H102 H N N 313 
MK1 H11  H N N 314 
MK1 HO2  H N N 315 
MK1 H121 H N N 316 
MK1 H122 H N N 317 
MK1 H13  H N N 318 
MK1 H141 H N N 319 
MK1 H142 H N N 320 
MK1 H16  H N N 321 
MK1 H17  H N N 322 
MK1 H18  H N N 323 
MK1 H19  H N N 324 
MK1 H20  H N N 325 
MK1 HN4  H N N 326 
MK1 H22  H N N 327 
MK1 H23  H N N 328 
MK1 HO4  H N N 329 
MK1 H241 H N N 330 
MK1 H242 H N N 331 
MK1 H26  H N N 332 
MK1 H27  H N N 333 
MK1 H28  H N N 334 
MK1 H29  H N N 335 
MK1 H311 H N N 336 
MK1 H312 H N N 337 
MK1 H33  H N N 338 
MK1 H34  H N N 339 
MK1 H35  H N N 340 
MK1 H36  H N N 341 
PHE N    N N N 342 
PHE CA   C N S 343 
PHE C    C N N 344 
PHE O    O N N 345 
PHE CB   C N N 346 
PHE CG   C Y N 347 
PHE CD1  C Y N 348 
PHE CD2  C Y N 349 
PHE CE1  C Y N 350 
PHE CE2  C Y N 351 
PHE CZ   C Y N 352 
PHE OXT  O N N 353 
PHE H    H N N 354 
PHE H2   H N N 355 
PHE HA   H N N 356 
PHE HB2  H N N 357 
PHE HB3  H N N 358 
PHE HD1  H N N 359 
PHE HD2  H N N 360 
PHE HE1  H N N 361 
PHE HE2  H N N 362 
PHE HZ   H N N 363 
PHE HXT  H N N 364 
PRO N    N N N 365 
PRO CA   C N S 366 
PRO C    C N N 367 
PRO O    O N N 368 
PRO CB   C N N 369 
PRO CG   C N N 370 
PRO CD   C N N 371 
PRO OXT  O N N 372 
PRO H    H N N 373 
PRO HA   H N N 374 
PRO HB2  H N N 375 
PRO HB3  H N N 376 
PRO HG2  H N N 377 
PRO HG3  H N N 378 
PRO HD2  H N N 379 
PRO HD3  H N N 380 
PRO HXT  H N N 381 
THR N    N N N 382 
THR CA   C N S 383 
THR C    C N N 384 
THR O    O N N 385 
THR CB   C N R 386 
THR OG1  O N N 387 
THR CG2  C N N 388 
THR OXT  O N N 389 
THR H    H N N 390 
THR H2   H N N 391 
THR HA   H N N 392 
THR HB   H N N 393 
THR HG1  H N N 394 
THR HG21 H N N 395 
THR HG22 H N N 396 
THR HG23 H N N 397 
THR HXT  H N N 398 
TRP N    N N N 399 
TRP CA   C N S 400 
TRP C    C N N 401 
TRP O    O N N 402 
TRP CB   C N N 403 
TRP CG   C Y N 404 
TRP CD1  C Y N 405 
TRP CD2  C Y N 406 
TRP NE1  N Y N 407 
TRP CE2  C Y N 408 
TRP CE3  C Y N 409 
TRP CZ2  C Y N 410 
TRP CZ3  C Y N 411 
TRP CH2  C Y N 412 
TRP OXT  O N N 413 
TRP H    H N N 414 
TRP H2   H N N 415 
TRP HA   H N N 416 
TRP HB2  H N N 417 
TRP HB3  H N N 418 
TRP HD1  H N N 419 
TRP HE1  H N N 420 
TRP HE3  H N N 421 
TRP HZ2  H N N 422 
TRP HZ3  H N N 423 
TRP HH2  H N N 424 
TRP HXT  H N N 425 
TYR N    N N N 426 
TYR CA   C N S 427 
TYR C    C N N 428 
TYR O    O N N 429 
TYR CB   C N N 430 
TYR CG   C Y N 431 
TYR CD1  C Y N 432 
TYR CD2  C Y N 433 
TYR CE1  C Y N 434 
TYR CE2  C Y N 435 
TYR CZ   C Y N 436 
TYR OH   O N N 437 
TYR OXT  O N N 438 
TYR H    H N N 439 
TYR H2   H N N 440 
TYR HA   H N N 441 
TYR HB2  H N N 442 
TYR HB3  H N N 443 
TYR HD1  H N N 444 
TYR HD2  H N N 445 
TYR HE1  H N N 446 
TYR HE2  H N N 447 
TYR HH   H N N 448 
TYR HXT  H N N 449 
VAL N    N N N 450 
VAL CA   C N S 451 
VAL C    C N N 452 
VAL O    O N N 453 
VAL CB   C N N 454 
VAL CG1  C N N 455 
VAL CG2  C N N 456 
VAL OXT  O N N 457 
VAL H    H N N 458 
VAL H2   H N N 459 
VAL HA   H N N 460 
VAL HB   H N N 461 
VAL HG11 H N N 462 
VAL HG12 H N N 463 
VAL HG13 H N N 464 
VAL HG21 H N N 465 
VAL HG22 H N N 466 
VAL HG23 H N N 467 
VAL HXT  H N N 468 
# 
loop_
_chem_comp_bond.comp_id 
_chem_comp_bond.atom_id_1 
_chem_comp_bond.atom_id_2 
_chem_comp_bond.value_order 
_chem_comp_bond.pdbx_aromatic_flag 
_chem_comp_bond.pdbx_stereo_config 
_chem_comp_bond.pdbx_ordinal 
ALA N   CA   sing N N 1   
ALA N   H    sing N N 2   
ALA N   H2   sing N N 3   
ALA CA  C    sing N N 4   
ALA CA  CB   sing N N 5   
ALA CA  HA   sing N N 6   
ALA C   O    doub N N 7   
ALA C   OXT  sing N N 8   
ALA CB  HB1  sing N N 9   
ALA CB  HB2  sing N N 10  
ALA CB  HB3  sing N N 11  
ALA OXT HXT  sing N N 12  
ARG N   CA   sing N N 13  
ARG N   H    sing N N 14  
ARG N   H2   sing N N 15  
ARG CA  C    sing N N 16  
ARG CA  CB   sing N N 17  
ARG CA  HA   sing N N 18  
ARG C   O    doub N N 19  
ARG C   OXT  sing N N 20  
ARG CB  CG   sing N N 21  
ARG CB  HB2  sing N N 22  
ARG CB  HB3  sing N N 23  
ARG CG  CD   sing N N 24  
ARG CG  HG2  sing N N 25  
ARG CG  HG3  sing N N 26  
ARG CD  NE   sing N N 27  
ARG CD  HD2  sing N N 28  
ARG CD  HD3  sing N N 29  
ARG NE  CZ   sing N N 30  
ARG NE  HE   sing N N 31  
ARG CZ  NH1  sing N N 32  
ARG CZ  NH2  doub N N 33  
ARG NH1 HH11 sing N N 34  
ARG NH1 HH12 sing N N 35  
ARG NH2 HH21 sing N N 36  
ARG NH2 HH22 sing N N 37  
ARG OXT HXT  sing N N 38  
ASN N   CA   sing N N 39  
ASN N   H    sing N N 40  
ASN N   H2   sing N N 41  
ASN CA  C    sing N N 42  
ASN CA  CB   sing N N 43  
ASN CA  HA   sing N N 44  
ASN C   O    doub N N 45  
ASN C   OXT  sing N N 46  
ASN CB  CG   sing N N 47  
ASN CB  HB2  sing N N 48  
ASN CB  HB3  sing N N 49  
ASN CG  OD1  doub N N 50  
ASN CG  ND2  sing N N 51  
ASN ND2 HD21 sing N N 52  
ASN ND2 HD22 sing N N 53  
ASN OXT HXT  sing N N 54  
ASP N   CA   sing N N 55  
ASP N   H    sing N N 56  
ASP N   H2   sing N N 57  
ASP CA  C    sing N N 58  
ASP CA  CB   sing N N 59  
ASP CA  HA   sing N N 60  
ASP C   O    doub N N 61  
ASP C   OXT  sing N N 62  
ASP CB  CG   sing N N 63  
ASP CB  HB2  sing N N 64  
ASP CB  HB3  sing N N 65  
ASP CG  OD1  doub N N 66  
ASP CG  OD2  sing N N 67  
ASP OD2 HD2  sing N N 68  
ASP OXT HXT  sing N N 69  
CYS N   CA   sing N N 70  
CYS N   H    sing N N 71  
CYS N   H2   sing N N 72  
CYS CA  C    sing N N 73  
CYS CA  CB   sing N N 74  
CYS CA  HA   sing N N 75  
CYS C   O    doub N N 76  
CYS C   OXT  sing N N 77  
CYS CB  SG   sing N N 78  
CYS CB  HB2  sing N N 79  
CYS CB  HB3  sing N N 80  
CYS SG  HG   sing N N 81  
CYS OXT HXT  sing N N 82  
GLN N   CA   sing N N 83  
GLN N   H    sing N N 84  
GLN N   H2   sing N N 85  
GLN CA  C    sing N N 86  
GLN CA  CB   sing N N 87  
GLN CA  HA   sing N N 88  
GLN C   O    doub N N 89  
GLN C   OXT  sing N N 90  
GLN CB  CG   sing N N 91  
GLN CB  HB2  sing N N 92  
GLN CB  HB3  sing N N 93  
GLN CG  CD   sing N N 94  
GLN CG  HG2  sing N N 95  
GLN CG  HG3  sing N N 96  
GLN CD  OE1  doub N N 97  
GLN CD  NE2  sing N N 98  
GLN NE2 HE21 sing N N 99  
GLN NE2 HE22 sing N N 100 
GLN OXT HXT  sing N N 101 
GLU N   CA   sing N N 102 
GLU N   H    sing N N 103 
GLU N   H2   sing N N 104 
GLU CA  C    sing N N 105 
GLU CA  CB   sing N N 106 
GLU CA  HA   sing N N 107 
GLU C   O    doub N N 108 
GLU C   OXT  sing N N 109 
GLU CB  CG   sing N N 110 
GLU CB  HB2  sing N N 111 
GLU CB  HB3  sing N N 112 
GLU CG  CD   sing N N 113 
GLU CG  HG2  sing N N 114 
GLU CG  HG3  sing N N 115 
GLU CD  OE1  doub N N 116 
GLU CD  OE2  sing N N 117 
GLU OE2 HE2  sing N N 118 
GLU OXT HXT  sing N N 119 
GLY N   CA   sing N N 120 
GLY N   H    sing N N 121 
GLY N   H2   sing N N 122 
GLY CA  C    sing N N 123 
GLY CA  HA2  sing N N 124 
GLY CA  HA3  sing N N 125 
GLY C   O    doub N N 126 
GLY C   OXT  sing N N 127 
GLY OXT HXT  sing N N 128 
HIS N   CA   sing N N 129 
HIS N   H    sing N N 130 
HIS N   H2   sing N N 131 
HIS CA  C    sing N N 132 
HIS CA  CB   sing N N 133 
HIS CA  HA   sing N N 134 
HIS C   O    doub N N 135 
HIS C   OXT  sing N N 136 
HIS CB  CG   sing N N 137 
HIS CB  HB2  sing N N 138 
HIS CB  HB3  sing N N 139 
HIS CG  ND1  sing Y N 140 
HIS CG  CD2  doub Y N 141 
HIS ND1 CE1  doub Y N 142 
HIS ND1 HD1  sing N N 143 
HIS CD2 NE2  sing Y N 144 
HIS CD2 HD2  sing N N 145 
HIS CE1 NE2  sing Y N 146 
HIS CE1 HE1  sing N N 147 
HIS NE2 HE2  sing N N 148 
HIS OXT HXT  sing N N 149 
HOH O   H1   sing N N 150 
HOH O   H2   sing N N 151 
ILE N   CA   sing N N 152 
ILE N   H    sing N N 153 
ILE N   H2   sing N N 154 
ILE CA  C    sing N N 155 
ILE CA  CB   sing N N 156 
ILE CA  HA   sing N N 157 
ILE C   O    doub N N 158 
ILE C   OXT  sing N N 159 
ILE CB  CG1  sing N N 160 
ILE CB  CG2  sing N N 161 
ILE CB  HB   sing N N 162 
ILE CG1 CD1  sing N N 163 
ILE CG1 HG12 sing N N 164 
ILE CG1 HG13 sing N N 165 
ILE CG2 HG21 sing N N 166 
ILE CG2 HG22 sing N N 167 
ILE CG2 HG23 sing N N 168 
ILE CD1 HD11 sing N N 169 
ILE CD1 HD12 sing N N 170 
ILE CD1 HD13 sing N N 171 
ILE OXT HXT  sing N N 172 
LEU N   CA   sing N N 173 
LEU N   H    sing N N 174 
LEU N   H2   sing N N 175 
LEU CA  C    sing N N 176 
LEU CA  CB   sing N N 177 
LEU CA  HA   sing N N 178 
LEU C   O    doub N N 179 
LEU C   OXT  sing N N 180 
LEU CB  CG   sing N N 181 
LEU CB  HB2  sing N N 182 
LEU CB  HB3  sing N N 183 
LEU CG  CD1  sing N N 184 
LEU CG  CD2  sing N N 185 
LEU CG  HG   sing N N 186 
LEU CD1 HD11 sing N N 187 
LEU CD1 HD12 sing N N 188 
LEU CD1 HD13 sing N N 189 
LEU CD2 HD21 sing N N 190 
LEU CD2 HD22 sing N N 191 
LEU CD2 HD23 sing N N 192 
LEU OXT HXT  sing N N 193 
LYS N   CA   sing N N 194 
LYS N   H    sing N N 195 
LYS N   H2   sing N N 196 
LYS CA  C    sing N N 197 
LYS CA  CB   sing N N 198 
LYS CA  HA   sing N N 199 
LYS C   O    doub N N 200 
LYS C   OXT  sing N N 201 
LYS CB  CG   sing N N 202 
LYS CB  HB2  sing N N 203 
LYS CB  HB3  sing N N 204 
LYS CG  CD   sing N N 205 
LYS CG  HG2  sing N N 206 
LYS CG  HG3  sing N N 207 
LYS CD  CE   sing N N 208 
LYS CD  HD2  sing N N 209 
LYS CD  HD3  sing N N 210 
LYS CE  NZ   sing N N 211 
LYS CE  HE2  sing N N 212 
LYS CE  HE3  sing N N 213 
LYS NZ  HZ1  sing N N 214 
LYS NZ  HZ2  sing N N 215 
LYS NZ  HZ3  sing N N 216 
LYS OXT HXT  sing N N 217 
MET N   CA   sing N N 218 
MET N   H    sing N N 219 
MET N   H2   sing N N 220 
MET CA  C    sing N N 221 
MET CA  CB   sing N N 222 
MET CA  HA   sing N N 223 
MET C   O    doub N N 224 
MET C   OXT  sing N N 225 
MET CB  CG   sing N N 226 
MET CB  HB2  sing N N 227 
MET CB  HB3  sing N N 228 
MET CG  SD   sing N N 229 
MET CG  HG2  sing N N 230 
MET CG  HG3  sing N N 231 
MET SD  CE   sing N N 232 
MET CE  HE1  sing N N 233 
MET CE  HE2  sing N N 234 
MET CE  HE3  sing N N 235 
MET OXT HXT  sing N N 236 
MK1 N1  C1   sing N N 237 
MK1 N1  C9   sing N N 238 
MK1 N1  C31  sing N N 239 
MK1 C1  C2   sing N N 240 
MK1 C1  H11A sing N N 241 
MK1 C1  H12  sing N N 242 
MK1 C2  C3   sing N N 243 
MK1 C2  N3   sing N N 244 
MK1 C2  H2   sing N N 245 
MK1 C3  O1   doub N N 246 
MK1 C3  N2   sing N N 247 
MK1 N2  C4   sing N N 248 
MK1 N2  HN2  sing N N 249 
MK1 C4  C5   sing N N 250 
MK1 C4  C6   sing N N 251 
MK1 C4  C7   sing N N 252 
MK1 C5  H51  sing N N 253 
MK1 C5  H52  sing N N 254 
MK1 C5  H53  sing N N 255 
MK1 C6  H61  sing N N 256 
MK1 C6  H62  sing N N 257 
MK1 C6  H63  sing N N 258 
MK1 C7  H71  sing N N 259 
MK1 C7  H72  sing N N 260 
MK1 C7  H73  sing N N 261 
MK1 N3  C8   sing N N 262 
MK1 N3  C10  sing N N 263 
MK1 C8  C9   sing N N 264 
MK1 C8  H81  sing N N 265 
MK1 C8  H82  sing N N 266 
MK1 C9  H91  sing N N 267 
MK1 C9  H92  sing N N 268 
MK1 C10 C11  sing N N 269 
MK1 C10 H101 sing N N 270 
MK1 C10 H102 sing N N 271 
MK1 C11 O2   sing N N 272 
MK1 C11 C12  sing N N 273 
MK1 C11 H11  sing N N 274 
MK1 O2  HO2  sing N N 275 
MK1 C12 C13  sing N N 276 
MK1 C12 H121 sing N N 277 
MK1 C12 H122 sing N N 278 
MK1 C13 C14  sing N N 279 
MK1 C13 C21  sing N N 280 
MK1 C13 H13  sing N N 281 
MK1 C14 C15  sing N N 282 
MK1 C14 H141 sing N N 283 
MK1 C14 H142 sing N N 284 
MK1 C15 C16  doub Y N 285 
MK1 C15 C20  sing Y N 286 
MK1 C16 C17  sing Y N 287 
MK1 C16 H16  sing N N 288 
MK1 C17 C18  doub Y N 289 
MK1 C17 H17  sing N N 290 
MK1 C18 C19  sing Y N 291 
MK1 C18 H18  sing N N 292 
MK1 C19 C20  doub Y N 293 
MK1 C19 H19  sing N N 294 
MK1 C20 H20  sing N N 295 
MK1 C21 O3   doub N N 296 
MK1 C21 N4   sing N N 297 
MK1 N4  C22  sing N N 298 
MK1 N4  HN4  sing N N 299 
MK1 C22 C23  sing N N 300 
MK1 C22 C30  sing N N 301 
MK1 C22 H22  sing N N 302 
MK1 C23 O4   sing N N 303 
MK1 C23 C24  sing N N 304 
MK1 C23 H23  sing N N 305 
MK1 O4  HO4  sing N N 306 
MK1 C24 C25  sing N N 307 
MK1 C24 H241 sing N N 308 
MK1 C24 H242 sing N N 309 
MK1 C25 C26  doub Y N 310 
MK1 C25 C30  sing Y N 311 
MK1 C26 C27  sing Y N 312 
MK1 C26 H26  sing N N 313 
MK1 C27 C28  doub Y N 314 
MK1 C27 H27  sing N N 315 
MK1 C28 C29  sing Y N 316 
MK1 C28 H28  sing N N 317 
MK1 C29 C30  doub Y N 318 
MK1 C29 H29  sing N N 319 
MK1 C31 C32  sing N N 320 
MK1 C31 H311 sing N N 321 
MK1 C31 H312 sing N N 322 
MK1 C32 C33  sing Y N 323 
MK1 C32 C36  doub Y N 324 
MK1 C33 N5   doub Y N 325 
MK1 C33 H33  sing N N 326 
MK1 N5  C34  sing Y N 327 
MK1 C34 C35  doub Y N 328 
MK1 C34 H34  sing N N 329 
MK1 C35 C36  sing Y N 330 
MK1 C35 H35  sing N N 331 
MK1 C36 H36  sing N N 332 
PHE N   CA   sing N N 333 
PHE N   H    sing N N 334 
PHE N   H2   sing N N 335 
PHE CA  C    sing N N 336 
PHE CA  CB   sing N N 337 
PHE CA  HA   sing N N 338 
PHE C   O    doub N N 339 
PHE C   OXT  sing N N 340 
PHE CB  CG   sing N N 341 
PHE CB  HB2  sing N N 342 
PHE CB  HB3  sing N N 343 
PHE CG  CD1  doub Y N 344 
PHE CG  CD2  sing Y N 345 
PHE CD1 CE1  sing Y N 346 
PHE CD1 HD1  sing N N 347 
PHE CD2 CE2  doub Y N 348 
PHE CD2 HD2  sing N N 349 
PHE CE1 CZ   doub Y N 350 
PHE CE1 HE1  sing N N 351 
PHE CE2 CZ   sing Y N 352 
PHE CE2 HE2  sing N N 353 
PHE CZ  HZ   sing N N 354 
PHE OXT HXT  sing N N 355 
PRO N   CA   sing N N 356 
PRO N   CD   sing N N 357 
PRO N   H    sing N N 358 
PRO CA  C    sing N N 359 
PRO CA  CB   sing N N 360 
PRO CA  HA   sing N N 361 
PRO C   O    doub N N 362 
PRO C   OXT  sing N N 363 
PRO CB  CG   sing N N 364 
PRO CB  HB2  sing N N 365 
PRO CB  HB3  sing N N 366 
PRO CG  CD   sing N N 367 
PRO CG  HG2  sing N N 368 
PRO CG  HG3  sing N N 369 
PRO CD  HD2  sing N N 370 
PRO CD  HD3  sing N N 371 
PRO OXT HXT  sing N N 372 
THR N   CA   sing N N 373 
THR N   H    sing N N 374 
THR N   H2   sing N N 375 
THR CA  C    sing N N 376 
THR CA  CB   sing N N 377 
THR CA  HA   sing N N 378 
THR C   O    doub N N 379 
THR C   OXT  sing N N 380 
THR CB  OG1  sing N N 381 
THR CB  CG2  sing N N 382 
THR CB  HB   sing N N 383 
THR OG1 HG1  sing N N 384 
THR CG2 HG21 sing N N 385 
THR CG2 HG22 sing N N 386 
THR CG2 HG23 sing N N 387 
THR OXT HXT  sing N N 388 
TRP N   CA   sing N N 389 
TRP N   H    sing N N 390 
TRP N   H2   sing N N 391 
TRP CA  C    sing N N 392 
TRP CA  CB   sing N N 393 
TRP CA  HA   sing N N 394 
TRP C   O    doub N N 395 
TRP C   OXT  sing N N 396 
TRP CB  CG   sing N N 397 
TRP CB  HB2  sing N N 398 
TRP CB  HB3  sing N N 399 
TRP CG  CD1  doub Y N 400 
TRP CG  CD2  sing Y N 401 
TRP CD1 NE1  sing Y N 402 
TRP CD1 HD1  sing N N 403 
TRP CD2 CE2  doub Y N 404 
TRP CD2 CE3  sing Y N 405 
TRP NE1 CE2  sing Y N 406 
TRP NE1 HE1  sing N N 407 
TRP CE2 CZ2  sing Y N 408 
TRP CE3 CZ3  doub Y N 409 
TRP CE3 HE3  sing N N 410 
TRP CZ2 CH2  doub Y N 411 
TRP CZ2 HZ2  sing N N 412 
TRP CZ3 CH2  sing Y N 413 
TRP CZ3 HZ3  sing N N 414 
TRP CH2 HH2  sing N N 415 
TRP OXT HXT  sing N N 416 
TYR N   CA   sing N N 417 
TYR N   H    sing N N 418 
TYR N   H2   sing N N 419 
TYR CA  C    sing N N 420 
TYR CA  CB   sing N N 421 
TYR CA  HA   sing N N 422 
TYR C   O    doub N N 423 
TYR C   OXT  sing N N 424 
TYR CB  CG   sing N N 425 
TYR CB  HB2  sing N N 426 
TYR CB  HB3  sing N N 427 
TYR CG  CD1  doub Y N 428 
TYR CG  CD2  sing Y N 429 
TYR CD1 CE1  sing Y N 430 
TYR CD1 HD1  sing N N 431 
TYR CD2 CE2  doub Y N 432 
TYR CD2 HD2  sing N N 433 
TYR CE1 CZ   doub Y N 434 
TYR CE1 HE1  sing N N 435 
TYR CE2 CZ   sing Y N 436 
TYR CE2 HE2  sing N N 437 
TYR CZ  OH   sing N N 438 
TYR OH  HH   sing N N 439 
TYR OXT HXT  sing N N 440 
VAL N   CA   sing N N 441 
VAL N   H    sing N N 442 
VAL N   H2   sing N N 443 
VAL CA  C    sing N N 444 
VAL CA  CB   sing N N 445 
VAL CA  HA   sing N N 446 
VAL C   O    doub N N 447 
VAL C   OXT  sing N N 448 
VAL CB  CG1  sing N N 449 
VAL CB  CG2  sing N N 450 
VAL CB  HB   sing N N 451 
VAL CG1 HG11 sing N N 452 
VAL CG1 HG12 sing N N 453 
VAL CG1 HG13 sing N N 454 
VAL CG2 HG21 sing N N 455 
VAL CG2 HG22 sing N N 456 
VAL CG2 HG23 sing N N 457 
VAL OXT HXT  sing N N 458 
# 
_atom_sites.entry_id                    1C6Y 
_atom_sites.fract_transf_matrix[1][1]   0.01521606 
_atom_sites.fract_transf_matrix[1][2]   0.00596438 
_atom_sites.fract_transf_matrix[1][3]   0.00506796 
_atom_sites.fract_transf_matrix[2][1]   -0.00389476 
_atom_sites.fract_transf_matrix[2][2]   0.01060994 
_atom_sites.fract_transf_matrix[2][3]   -0.00079299 
_atom_sites.fract_transf_matrix[3][1]   -0.00702726 
_atom_sites.fract_transf_matrix[3][2]   -0.00092162 
_atom_sites.fract_transf_matrix[3][3]   0.02218331 
_atom_sites.fract_transf_vector[1]      0.281724 
_atom_sites.fract_transf_vector[2]      0.318859 
_atom_sites.fract_transf_vector[3]      0.086514 
# 
loop_
_atom_type.symbol 
C 
N 
O 
S 
# 
loop_
_atom_site.group_PDB 
_atom_site.id 
_atom_site.type_symbol 
_atom_site.label_atom_id 
_atom_site.label_alt_id 
_atom_site.label_comp_id 
_atom_site.label_asym_id 
_atom_site.label_entity_id 
_atom_site.label_seq_id 
_atom_site.pdbx_PDB_ins_code 
_atom_site.Cartn_x 
_atom_site.Cartn_y 
_atom_site.Cartn_z 
_atom_site.occupancy 
_atom_site.B_iso_or_equiv 
_atom_site.pdbx_formal_charge 
_atom_site.auth_seq_id 
_atom_site.auth_comp_id 
_atom_site.auth_asym_id 
_atom_site.auth_atom_id 
_atom_site.pdbx_PDB_model_num 
ATOM   1    N N   . PRO A 1 1  ? 7.164   17.556  1.908   1.00 13.27 ? 1   PRO A N   1 
ATOM   2    C CA  . PRO A 1 1  ? 8.548   17.036  1.836   1.00 10.09 ? 1   PRO A CA  1 
ATOM   3    C C   . PRO A 1 1  ? 8.661   16.053  0.718   1.00 17.90 ? 1   PRO A C   1 
ATOM   4    O O   . PRO A 1 1  ? 7.753   15.948  -0.103  1.00 15.30 ? 1   PRO A O   1 
ATOM   5    C CB  . PRO A 1 1  ? 8.905   16.391  3.168   1.00 11.63 ? 1   PRO A CB  1 
ATOM   6    C CG  . PRO A 1 1  ? 7.581   16.211  3.806   1.00 13.63 ? 1   PRO A CG  1 
ATOM   7    C CD  . PRO A 1 1  ? 6.855   17.443  3.355   1.00 13.95 ? 1   PRO A CD  1 
ATOM   8    N N   . GLN A 1 2  ? 9.820   15.396  0.633   1.00 22.52 ? 2   GLN A N   1 
ATOM   9    C CA  . GLN A 1 2  ? 10.101  14.374  -0.369  1.00 23.00 ? 2   GLN A CA  1 
ATOM   10   C C   . GLN A 1 2  ? 10.575  13.226  0.380   1.00 24.33 ? 2   GLN A C   1 
ATOM   11   O O   . GLN A 1 2  ? 11.733  13.174  0.792   1.00 29.15 ? 2   GLN A O   1 
ATOM   12   C CB  . GLN A 1 2  ? 11.158  14.800  -1.366  1.00 26.11 ? 2   GLN A CB  1 
ATOM   13   C CG  . GLN A 1 2  ? 11.584  13.655  -2.279  1.00 28.83 ? 2   GLN A CG  1 
ATOM   14   C CD  . GLN A 1 2  ? 12.170  14.132  -3.588  1.00 36.84 ? 2   GLN A CD  1 
ATOM   15   O OE1 . GLN A 1 2  ? 13.376  14.034  -3.814  1.00 46.72 ? 2   GLN A OE1 1 
ATOM   16   N NE2 . GLN A 1 2  ? 11.314  14.642  -4.465  1.00 37.36 ? 2   GLN A NE2 1 
ATOM   17   N N   . ILE A 1 3  ? 9.671   12.286  0.599   1.00 23.93 ? 3   ILE A N   1 
ATOM   18   C CA  . ILE A 1 3  ? 9.950   11.080  1.355   1.00 21.16 ? 3   ILE A CA  1 
ATOM   19   C C   . ILE A 1 3  ? 10.363  9.933   0.459   1.00 22.02 ? 3   ILE A C   1 
ATOM   20   O O   . ILE A 1 3  ? 9.678   9.643   -0.520  1.00 22.95 ? 3   ILE A O   1 
ATOM   21   C CB  . ILE A 1 3  ? 8.710   10.686  2.153   1.00 18.49 ? 3   ILE A CB  1 
ATOM   22   C CG1 . ILE A 1 3  ? 8.305   11.852  3.069   1.00 20.98 ? 3   ILE A CG1 1 
ATOM   23   C CG2 . ILE A 1 3  ? 8.953   9.407   2.918   1.00 20.34 ? 3   ILE A CG2 1 
ATOM   24   C CD1 . ILE A 1 3  ? 7.101   11.568  3.956   1.00 24.91 ? 3   ILE A CD1 1 
ATOM   25   N N   . THR A 1 4  ? 11.521  9.335   0.755   1.00 25.11 ? 4   THR A N   1 
ATOM   26   C CA  . THR A 1 4  ? 12.041  8.195   -0.031  1.00 20.28 ? 4   THR A CA  1 
ATOM   27   C C   . THR A 1 4  ? 11.435  6.877   0.453   1.00 18.00 ? 4   THR A C   1 
ATOM   28   O O   . THR A 1 4  ? 10.830  6.815   1.535   1.00 11.39 ? 4   THR A O   1 
ATOM   29   C CB  . THR A 1 4  ? 13.602  8.072   0.005   1.00 19.39 ? 4   THR A CB  1 
ATOM   30   O OG1 . THR A 1 4  ? 14.087  8.336   1.330   1.00 23.03 ? 4   THR A OG1 1 
ATOM   31   C CG2 . THR A 1 4  ? 14.251  9.008   -1.001  1.00 8.19  ? 4   THR A CG2 1 
ATOM   32   N N   . LEU A 1 5  ? 11.611  5.827   -0.345  1.00 20.30 ? 5   LEU A N   1 
ATOM   33   C CA  . LEU A 1 5  ? 11.070  4.502   -0.044  1.00 22.78 ? 5   LEU A CA  1 
ATOM   34   C C   . LEU A 1 5  ? 12.040  3.424   0.420   1.00 25.24 ? 5   LEU A C   1 
ATOM   35   O O   . LEU A 1 5  ? 11.710  2.228   0.354   1.00 26.79 ? 5   LEU A O   1 
ATOM   36   C CB  . LEU A 1 5  ? 10.237  3.975   -1.260  1.00 14.40 ? 5   LEU A CB  1 
ATOM   37   C CG  . LEU A 1 5  ? 8.977   4.813   -1.457  1.00 13.07 ? 5   LEU A CG  1 
ATOM   38   C CD1 . LEU A 1 5  ? 8.302   4.428   -2.735  1.00 11.07 ? 5   LEU A CD1 1 
ATOM   39   C CD2 . LEU A 1 5  ? 8.052   4.698   -0.253  1.00 2.02  ? 5   LEU A CD2 1 
ATOM   40   N N   . TRP A 1 6  ? 13.212  3.820   0.923   1.00 22.88 ? 6   TRP A N   1 
ATOM   41   C CA  . TRP A 1 6  ? 14.199  2.856   1.396   1.00 18.80 ? 6   TRP A CA  1 
ATOM   42   C C   . TRP A 1 6  ? 13.752  2.222   2.711   1.00 20.68 ? 6   TRP A C   1 
ATOM   43   O O   . TRP A 1 6  ? 14.214  1.132   3.079   1.00 21.57 ? 6   TRP A O   1 
ATOM   44   C CB  . TRP A 1 6  ? 15.565  3.496   1.557   1.00 12.65 ? 6   TRP A CB  1 
ATOM   45   C CG  . TRP A 1 6  ? 16.136  3.973   0.278   1.00 8.21  ? 6   TRP A CG  1 
ATOM   46   C CD1 . TRP A 1 6  ? 16.175  5.259   -0.174  1.00 6.63  ? 6   TRP A CD1 1 
ATOM   47   C CD2 . TRP A 1 6  ? 16.753  3.185   -0.755  1.00 5.77  ? 6   TRP A CD2 1 
ATOM   48   N NE1 . TRP A 1 6  ? 16.769  5.317   -1.413  1.00 6.19  ? 6   TRP A NE1 1 
ATOM   49   C CE2 . TRP A 1 6  ? 17.128  4.067   -1.793  1.00 2.49  ? 6   TRP A CE2 1 
ATOM   50   C CE3 . TRP A 1 6  ? 17.019  1.811   -0.912  1.00 8.37  ? 6   TRP A CE3 1 
ATOM   51   C CZ2 . TRP A 1 6  ? 17.756  3.630   -2.963  1.00 9.04  ? 6   TRP A CZ2 1 
ATOM   52   C CZ3 . TRP A 1 6  ? 17.644  1.391   -2.078  1.00 7.97  ? 6   TRP A CZ3 1 
ATOM   53   C CH2 . TRP A 1 6  ? 18.001  2.296   -3.086  1.00 12.03 ? 6   TRP A CH2 1 
ATOM   54   N N   . GLN A 1 7  ? 12.854  2.911   3.412   1.00 20.08 ? 7   GLN A N   1 
ATOM   55   C CA  . GLN A 1 7  ? 12.274  2.430   4.661   1.00 19.24 ? 7   GLN A CA  1 
ATOM   56   C C   . GLN A 1 7  ? 10.751  2.574   4.463   1.00 17.07 ? 7   GLN A C   1 
ATOM   57   O O   . GLN A 1 7  ? 10.309  3.107   3.442   1.00 18.48 ? 7   GLN A O   1 
ATOM   58   C CB  . GLN A 1 7  ? 12.743  3.311   5.888   1.00 22.87 ? 7   GLN A CB  1 
ATOM   59   C CG  . GLN A 1 7  ? 13.972  2.794   6.645   1.00 28.34 ? 7   GLN A CG  1 
ATOM   60   C CD  . GLN A 1 7  ? 15.220  2.799   5.794   1.00 35.28 ? 7   GLN A CD  1 
ATOM   61   O OE1 . GLN A 1 7  ? 15.652  3.841   5.322   1.00 41.38 ? 7   GLN A OE1 1 
ATOM   62   N NE2 . GLN A 1 7  ? 15.797  1.627   5.578   1.00 42.25 ? 7   GLN A NE2 1 
ATOM   63   N N   . ARG A 1 8  ? 9.953   2.113   5.421   1.00 13.39 ? 8   ARG A N   1 
ATOM   64   C CA  . ARG A 1 8  ? 8.509   2.246   5.326   1.00 18.48 ? 8   ARG A CA  1 
ATOM   65   C C   . ARG A 1 8  ? 8.163   3.683   5.586   1.00 20.89 ? 8   ARG A C   1 
ATOM   66   O O   . ARG A 1 8  ? 8.540   4.225   6.633   1.00 23.11 ? 8   ARG A O   1 
ATOM   67   C CB  . ARG A 1 8  ? 7.824   1.409   6.363   1.00 19.19 ? 8   ARG A CB  1 
ATOM   68   C CG  . ARG A 1 8  ? 7.801   -0.056  6.058   1.00 24.33 ? 8   ARG A CG  1 
ATOM   69   C CD  . ARG A 1 8  ? 6.962   -0.789  7.087   1.00 23.74 ? 8   ARG A CD  1 
ATOM   70   N NE  . ARG A 1 8  ? 6.933   -2.215  6.803   1.00 23.68 ? 8   ARG A NE  1 
ATOM   71   C CZ  . ARG A 1 8  ? 6.403   -3.121  7.614   1.00 30.73 ? 8   ARG A CZ  1 
ATOM   72   N NH1 . ARG A 1 8  ? 6.424   -4.401  7.261   1.00 32.98 ? 8   ARG A NH1 1 
ATOM   73   N NH2 . ARG A 1 8  ? 5.860   -2.760  8.776   1.00 32.79 ? 8   ARG A NH2 1 
ATOM   74   N N   . PRO A 1 9  ? 7.473   4.351   4.644   1.00 20.92 ? 9   PRO A N   1 
ATOM   75   C CA  . PRO A 1 9  ? 7.100   5.758   4.831   1.00 18.67 ? 9   PRO A CA  1 
ATOM   76   C C   . PRO A 1 9  ? 6.054   5.968   5.959   1.00 21.49 ? 9   PRO A C   1 
ATOM   77   O O   . PRO A 1 9  ? 4.846   5.836   5.741   1.00 25.47 ? 9   PRO A O   1 
ATOM   78   C CB  . PRO A 1 9  ? 6.574   6.160   3.450   1.00 17.37 ? 9   PRO A CB  1 
ATOM   79   C CG  . PRO A 1 9  ? 6.116   4.850   2.859   1.00 18.04 ? 9   PRO A CG  1 
ATOM   80   C CD  . PRO A 1 9  ? 7.187   3.910   3.265   1.00 15.25 ? 9   PRO A CD  1 
ATOM   81   N N   . VAL A 1 10 ? 6.544   6.249   7.163   1.00 22.44 ? 10  VAL A N   1 
ATOM   82   C CA  . VAL A 1 10 ? 5.688   6.480   8.314   1.00 21.42 ? 10  VAL A CA  1 
ATOM   83   C C   . VAL A 1 10 ? 5.671   7.994   8.710   1.00 26.60 ? 10  VAL A C   1 
ATOM   84   O O   . VAL A 1 10 ? 6.692   8.688   8.645   1.00 22.40 ? 10  VAL A O   1 
ATOM   85   C CB  . VAL A 1 10 ? 6.155   5.643   9.525   1.00 22.70 ? 10  VAL A CB  1 
ATOM   86   C CG1 . VAL A 1 10 ? 5.127   5.717   10.647  1.00 25.36 ? 10  VAL A CG1 1 
ATOM   87   C CG2 . VAL A 1 10 ? 6.368   4.196   9.118   1.00 21.16 ? 10  VAL A CG2 1 
ATOM   88   N N   . VAL A 1 11 ? 4.477   8.479   9.017   1.00 30.66 ? 11  VAL A N   1 
ATOM   89   C CA  . VAL A 1 11 ? 4.263   9.859   9.431   1.00 33.81 ? 11  VAL A CA  1 
ATOM   90   C C   . VAL A 1 11 ? 3.477   9.846   10.690  1.00 36.31 ? 11  VAL A C   1 
ATOM   91   O O   . VAL A 1 11 ? 2.994   8.793   11.101  1.00 37.67 ? 11  VAL A O   1 
ATOM   92   C CB  . VAL A 1 11 ? 3.488   10.659  8.379   1.00 32.91 ? 11  VAL A CB  1 
ATOM   93   C CG1 . VAL A 1 11 ? 4.396   11.021  7.236   1.00 37.74 ? 11  VAL A CG1 1 
ATOM   94   C CG2 . VAL A 1 11 ? 2.301   9.864   7.882   1.00 34.90 ? 11  VAL A CG2 1 
ATOM   95   N N   . THR A 1 12 ? 3.349   11.001  11.337  1.00 39.31 ? 12  THR A N   1 
ATOM   96   C CA  . THR A 1 12 ? 2.591   11.064  12.577  1.00 39.13 ? 12  THR A CA  1 
ATOM   97   C C   . THR A 1 12 ? 1.298   11.753  12.368  1.00 37.13 ? 12  THR A C   1 
ATOM   98   O O   . THR A 1 12 ? 1.239   12.809  11.729  1.00 34.65 ? 12  THR A O   1 
ATOM   99   C CB  . THR A 1 12 ? 3.381   11.771  13.705  1.00 41.91 ? 12  THR A CB  1 
ATOM   100  O OG1 . THR A 1 12 ? 4.731   11.283  13.721  1.00 47.05 ? 12  THR A OG1 1 
ATOM   101  C CG2 . THR A 1 12 ? 2.737   11.497  15.073  1.00 40.56 ? 12  THR A CG2 1 
ATOM   102  N N   . ILE A 1 13 ? 0.230   11.118  12.830  1.00 37.61 ? 13  ILE A N   1 
ATOM   103  C CA  . ILE A 1 13 ? -1.111  11.672  12.722  1.00 39.31 ? 13  ILE A CA  1 
ATOM   104  C C   . ILE A 1 13 ? -1.680  11.882  14.120  1.00 42.30 ? 13  ILE A C   1 
ATOM   105  O O   . ILE A 1 13 ? -1.123  11.382  15.109  1.00 38.48 ? 13  ILE A O   1 
ATOM   106  C CB  . ILE A 1 13 ? -2.092  10.735  11.940  1.00 39.81 ? 13  ILE A CB  1 
ATOM   107  C CG1 . ILE A 1 13 ? -2.226  9.387   12.662  1.00 37.27 ? 13  ILE A CG1 1 
ATOM   108  C CG2 . ILE A 1 13 ? -1.628  10.561  10.488  1.00 33.89 ? 13  ILE A CG2 1 
ATOM   109  C CD1 . ILE A 1 13 ? -3.339  8.516   12.134  1.00 38.57 ? 13  ILE A CD1 1 
ATOM   110  N N   . LYS A 1 14 ? -2.794  12.605  14.199  1.00 44.64 ? 14  LYS A N   1 
ATOM   111  C CA  . LYS A 1 14 ? -3.433  12.840  15.486  1.00 49.04 ? 14  LYS A CA  1 
ATOM   112  C C   . LYS A 1 14 ? -4.872  12.511  15.429  1.00 48.07 ? 14  LYS A C   1 
ATOM   113  O O   . LYS A 1 14 ? -5.623  13.141  14.684  1.00 45.07 ? 14  LYS A O   1 
ATOM   114  C CB  . LYS A 1 14 ? -3.271  14.270  15.941  1.00 56.32 ? 14  LYS A CB  1 
ATOM   115  C CG  . LYS A 1 14 ? -3.554  14.447  17.427  1.00 64.69 ? 14  LYS A CG  1 
ATOM   116  C CD  . LYS A 1 14 ? -3.838  15.887  17.809  1.00 72.75 ? 14  LYS A CD  1 
ATOM   117  C CE  . LYS A 1 14 ? -5.346  16.196  17.800  1.00 79.25 ? 14  LYS A CE  1 
ATOM   118  N NZ  . LYS A 1 14 ? -5.994  16.181  16.456  1.00 80.56 ? 14  LYS A NZ  1 
ATOM   119  N N   . ILE A 1 15 ? -5.263  11.519  16.229  1.00 48.13 ? 15  ILE A N   1 
ATOM   120  C CA  . ILE A 1 15 ? -6.645  11.045  16.327  1.00 51.13 ? 15  ILE A CA  1 
ATOM   121  C C   . ILE A 1 15 ? -7.153  11.336  17.732  1.00 52.78 ? 15  ILE A C   1 
ATOM   122  O O   . ILE A 1 15 ? -6.635  10.792  18.705  1.00 53.60 ? 15  ILE A O   1 
ATOM   123  C CB  . ILE A 1 15 ? -6.738  9.497   16.052  1.00 52.30 ? 15  ILE A CB  1 
ATOM   124  C CG1 . ILE A 1 15 ? -6.760  9.197   14.544  1.00 48.63 ? 15  ILE A CG1 1 
ATOM   125  C CG2 . ILE A 1 15 ? -7.959  8.873   16.737  1.00 53.76 ? 15  ILE A CG2 1 
ATOM   126  C CD1 . ILE A 1 15 ? -8.095  9.440   13.889  1.00 49.85 ? 15  ILE A CD1 1 
ATOM   127  N N   . GLY A 1 16 ? -8.131  12.230  17.834  1.00 54.59 ? 16  GLY A N   1 
ATOM   128  C CA  . GLY A 1 16 ? -8.711  12.576  19.124  1.00 57.78 ? 16  GLY A CA  1 
ATOM   129  C C   . GLY A 1 16 ? -7.787  12.917  20.280  1.00 60.50 ? 16  GLY A C   1 
ATOM   130  O O   . GLY A 1 16 ? -7.968  12.408  21.392  1.00 62.64 ? 16  GLY A O   1 
ATOM   131  N N   . GLY A 1 17 ? -6.809  13.782  20.024  1.00 60.95 ? 17  GLY A N   1 
ATOM   132  C CA  . GLY A 1 17 ? -5.878  14.194  21.058  1.00 62.89 ? 17  GLY A CA  1 
ATOM   133  C C   . GLY A 1 17 ? -4.719  13.253  21.360  1.00 62.82 ? 17  GLY A C   1 
ATOM   134  O O   . GLY A 1 17 ? -3.956  13.481  22.299  1.00 64.19 ? 17  GLY A O   1 
ATOM   135  N N   . GLN A 1 18 ? -4.599  12.177  20.591  1.00 63.15 ? 18  GLN A N   1 
ATOM   136  C CA  . GLN A 1 18 ? -3.513  11.229  20.805  1.00 62.69 ? 18  GLN A CA  1 
ATOM   137  C C   . GLN A 1 18 ? -2.687  11.192  19.548  1.00 58.13 ? 18  GLN A C   1 
ATOM   138  O O   . GLN A 1 18 ? -3.223  11.188  18.444  1.00 54.55 ? 18  GLN A O   1 
ATOM   139  C CB  . GLN A 1 18 ? -4.058  9.802   21.124  1.00 66.04 ? 18  GLN A CB  1 
ATOM   140  C CG  . GLN A 1 18 ? -5.431  9.752   21.824  1.00 76.75 ? 18  GLN A CG  1 
ATOM   141  C CD  . GLN A 1 18 ? -5.436  10.302  23.250  1.00 82.21 ? 18  GLN A CD  1 
ATOM   142  O OE1 . GLN A 1 18 ? -4.658  9.873   24.111  1.00 87.20 ? 18  GLN A OE1 1 
ATOM   143  N NE2 . GLN A 1 18 ? -6.374  11.198  23.527  1.00 84.24 ? 18  GLN A NE2 1 
ATOM   144  N N   . LEU A 1 19 ? -1.372  11.245  19.717  1.00 54.73 ? 19  LEU A N   1 
ATOM   145  C CA  . LEU A 1 19 ? -0.436  11.206  18.597  1.00 51.04 ? 19  LEU A CA  1 
ATOM   146  C C   . LEU A 1 19 ? 0.041   9.787   18.367  1.00 49.92 ? 19  LEU A C   1 
ATOM   147  O O   . LEU A 1 19 ? 0.490   9.123   19.312  1.00 50.45 ? 19  LEU A O   1 
ATOM   148  C CB  . LEU A 1 19 ? 0.743   12.072  18.901  1.00 51.43 ? 19  LEU A CB  1 
ATOM   149  C CG  . LEU A 1 19 ? 0.513   13.534  18.789  1.00 54.35 ? 19  LEU A CG  1 
ATOM   150  C CD1 . LEU A 1 19 ? 1.515   14.266  19.662  1.00 56.79 ? 19  LEU A CD1 1 
ATOM   151  C CD2 . LEU A 1 19 ? 0.640   13.949  17.328  1.00 55.23 ? 19  LEU A CD2 1 
ATOM   152  N N   . MET A 1 20 ? -0.030  9.330   17.116  1.00 46.94 ? 20  MET A N   1 
ATOM   153  C CA  . MET A 1 20 ? 0.392   7.968   16.763  1.00 41.38 ? 20  MET A CA  1 
ATOM   154  C C   . MET A 1 20 ? 1.058   7.862   15.364  1.00 37.84 ? 20  MET A C   1 
ATOM   155  O O   . MET A 1 20 ? 0.903   8.747   14.527  1.00 36.96 ? 20  MET A O   1 
ATOM   156  C CB  . MET A 1 20 ? -0.818  6.994   16.852  1.00 43.66 ? 20  MET A CB  1 
ATOM   157  C CG  . MET A 1 20 ? -2.108  7.491   16.182  1.00 44.18 ? 20  MET A CG  1 
ATOM   158  S SD  . MET A 1 20 ? -3.502  6.368   16.442  1.00 45.64 ? 20  MET A SD  1 
ATOM   159  C CE  . MET A 1 20 ? -3.813  6.603   18.198  1.00 41.11 ? 20  MET A CE  1 
ATOM   160  N N   . GLU A 1 21 ? 1.830   6.798   15.153  1.00 38.29 ? 21  GLU A N   1 
ATOM   161  C CA  . GLU A 1 21 ? 2.510   6.562   13.871  1.00 35.50 ? 21  GLU A CA  1 
ATOM   162  C C   . GLU A 1 21 ? 1.559   5.847   12.840  1.00 28.39 ? 21  GLU A C   1 
ATOM   163  O O   . GLU A 1 21 ? 0.702   5.043   13.219  1.00 27.14 ? 21  GLU A O   1 
ATOM   164  C CB  . GLU A 1 21 ? 3.825   5.679   14.081  1.00 42.63 ? 21  GLU A CB  1 
ATOM   165  C CG  . GLU A 1 21 ? 5.045   6.436   14.642  1.00 53.02 ? 21  GLU A CG  1 
ATOM   166  C CD  . GLU A 1 21 ? 6.364   5.642   14.581  1.00 58.86 ? 21  GLU A CD  1 
ATOM   167  O OE1 . GLU A 1 21 ? 7.297   5.968   15.353  1.00 61.26 ? 21  GLU A OE1 1 
ATOM   168  O OE2 . GLU A 1 21 ? 6.475   4.705   13.757  1.00 60.32 ? 21  GLU A OE2 1 
ATOM   169  N N   . ALA A 1 22 ? 1.739   6.141   11.559  1.00 21.80 ? 22  ALA A N   1 
ATOM   170  C CA  . ALA A 1 22 ? 0.913   5.532   10.514  1.00 15.80 ? 22  ALA A CA  1 
ATOM   171  C C   . ALA A 1 22 ? 1.659   5.461   9.227   1.00 17.58 ? 22  ALA A C   1 
ATOM   172  O O   . ALA A 1 22 ? 2.500   6.301   8.947   1.00 21.67 ? 22  ALA A O   1 
ATOM   173  C CB  . ALA A 1 22 ? -0.364  6.291   10.321  1.00 15.58 ? 22  ALA A CB  1 
ATOM   174  N N   . LEU A 1 23 ? 1.330   4.465   8.416   1.00 16.26 ? 23  LEU A N   1 
ATOM   175  C CA  . LEU A 1 23 ? 1.990   4.221   7.139   1.00 11.77 ? 23  LEU A CA  1 
ATOM   176  C C   . LEU A 1 23 ? 1.297   4.806   5.899   1.00 15.88 ? 23  LEU A C   1 
ATOM   177  O O   . LEU A 1 23 ? 0.102   4.588   5.695   1.00 19.61 ? 23  LEU A O   1 
ATOM   178  C CB  . LEU A 1 23 ? 2.117   2.714   6.963   1.00 13.36 ? 23  LEU A CB  1 
ATOM   179  C CG  . LEU A 1 23 ? 2.693   2.087   5.681   1.00 7.05  ? 23  LEU A CG  1 
ATOM   180  C CD1 . LEU A 1 23 ? 4.188   2.255   5.622   1.00 7.83  ? 23  LEU A CD1 1 
ATOM   181  C CD2 . LEU A 1 23 ? 2.366   0.626   5.701   1.00 15.54 ? 23  LEU A CD2 1 
ATOM   182  N N   . ILE A 1 24 ? 2.049   5.518   5.061   1.00 12.61 ? 24  ILE A N   1 
ATOM   183  C CA  . ILE A 1 24 ? 1.482   6.085   3.849   1.00 12.17 ? 24  ILE A CA  1 
ATOM   184  C C   . ILE A 1 24 ? 1.350   4.962   2.868   1.00 13.51 ? 24  ILE A C   1 
ATOM   185  O O   . ILE A 1 24 ? 2.333   4.483   2.306   1.00 10.37 ? 24  ILE A O   1 
ATOM   186  C CB  . ILE A 1 24 ? 2.361   7.209   3.247   1.00 14.72 ? 24  ILE A CB  1 
ATOM   187  C CG1 . ILE A 1 24 ? 2.542   8.353   4.279   1.00 17.46 ? 24  ILE A CG1 1 
ATOM   188  C CG2 . ILE A 1 24 ? 1.702   7.786   1.966   1.00 7.53  ? 24  ILE A CG2 1 
ATOM   189  C CD1 . ILE A 1 24 ? 3.413   9.492   3.817   1.00 22.65 ? 24  ILE A CD1 1 
ATOM   190  N N   . ASP A 1 25 ? 0.111   4.546   2.651   1.00 13.56 ? 25  ASP A N   1 
ATOM   191  C CA  . ASP A 1 25 ? -0.146  3.414   1.772   1.00 8.91  ? 25  ASP A CA  1 
ATOM   192  C C   . ASP A 1 25 ? -0.937  3.775   0.614   1.00 8.50  ? 25  ASP A C   1 
ATOM   193  O O   . ASP A 1 25 ? -2.150  3.887   0.712   1.00 8.81  ? 25  ASP A O   1 
ATOM   194  C CB  . ASP A 1 25 ? -0.862  2.330   2.573   1.00 9.55  ? 25  ASP A CB  1 
ATOM   195  C CG  . ASP A 1 25 ? -0.817  0.964   1.909   1.00 10.65 ? 25  ASP A CG  1 
ATOM   196  O OD1 . ASP A 1 25 ? -0.892  -0.031  2.629   1.00 12.29 ? 25  ASP A OD1 1 
ATOM   197  O OD2 . ASP A 1 25 ? -0.716  0.873   0.671   1.00 12.86 ? 25  ASP A OD2 1 
ATOM   198  N N   . THR A 1 26 ? -0.283  3.844   -0.540  1.00 7.04  ? 26  THR A N   1 
ATOM   199  C CA  . THR A 1 26 ? -0.954  4.187   -1.785  1.00 9.24  ? 26  THR A CA  1 
ATOM   200  C C   . THR A 1 26 ? -1.784  2.991   -2.408  1.00 12.66 ? 26  THR A C   1 
ATOM   201  O O   . THR A 1 26 ? -2.546  3.185   -3.361  1.00 17.16 ? 26  THR A O   1 
ATOM   202  C CB  . THR A 1 26 ? 0.053   4.663   -2.846  1.00 8.36  ? 26  THR A CB  1 
ATOM   203  O OG1 . THR A 1 26 ? 0.891   3.573   -3.228  1.00 5.63  ? 26  THR A OG1 1 
ATOM   204  C CG2 . THR A 1 26 ? 0.910   5.774   -2.296  1.00 13.52 ? 26  THR A CG2 1 
ATOM   205  N N   . GLY A 1 27 ? -1.532  1.778   -1.932  1.00 5.10  ? 27  GLY A N   1 
ATOM   206  C CA  . GLY A 1 27 ? -2.260  0.620   -2.415  1.00 7.14  ? 27  GLY A CA  1 
ATOM   207  C C   . GLY A 1 27 ? -3.542  0.411   -1.609  1.00 8.00  ? 27  GLY A C   1 
ATOM   208  O O   . GLY A 1 27 ? -4.413  -0.349  -2.010  1.00 14.40 ? 27  GLY A O   1 
ATOM   209  N N   . ALA A 1 28 ? -3.656  1.069   -0.461  1.00 4.26  ? 28  ALA A N   1 
ATOM   210  C CA  . ALA A 1 28 ? -4.843  0.941   0.369   1.00 9.60  ? 28  ALA A CA  1 
ATOM   211  C C   . ALA A 1 28 ? -5.808  2.000   -0.050  1.00 16.13 ? 28  ALA A C   1 
ATOM   212  O O   . ALA A 1 28 ? -5.432  3.174   -0.147  1.00 21.17 ? 28  ALA A O   1 
ATOM   213  C CB  . ALA A 1 28 ? -4.491  1.119   1.855   1.00 5.01  ? 28  ALA A CB  1 
ATOM   214  N N   . ASP A 1 29 ? -7.065  1.625   -0.284  1.00 18.76 ? 29  ASP A N   1 
ATOM   215  C CA  . ASP A 1 29 ? -8.070  2.601   -0.698  1.00 17.06 ? 29  ASP A CA  1 
ATOM   216  C C   . ASP A 1 29 ? -8.575  3.363   0.467   1.00 15.84 ? 29  ASP A C   1 
ATOM   217  O O   . ASP A 1 29 ? -8.888  4.547   0.361   1.00 15.71 ? 29  ASP A O   1 
ATOM   218  C CB  . ASP A 1 29 ? -9.266  1.923   -1.394  1.00 16.74 ? 29  ASP A CB  1 
ATOM   219  C CG  . ASP A 1 29 ? -8.862  1.089   -2.596  1.00 18.64 ? 29  ASP A CG  1 
ATOM   220  O OD1 . ASP A 1 29 ? -9.418  -0.015  -2.739  1.00 29.66 ? 29  ASP A OD1 1 
ATOM   221  O OD2 . ASP A 1 29 ? -8.035  1.531   -3.422  1.00 17.09 ? 29  ASP A OD2 1 
ATOM   222  N N   . ASP A 1 30 ? -8.645  2.692   1.608   1.00 14.55 ? 30  ASP A N   1 
ATOM   223  C CA  . ASP A 1 30 ? -9.151  3.328   2.802   1.00 16.86 ? 30  ASP A CA  1 
ATOM   224  C C   . ASP A 1 30 ? -8.130  3.316   3.926   1.00 16.81 ? 30  ASP A C   1 
ATOM   225  O O   . ASP A 1 30 ? -7.068  2.704   3.822   1.00 16.93 ? 30  ASP A O   1 
ATOM   226  C CB  . ASP A 1 30 ? -10.444 2.644   3.246   1.00 30.55 ? 30  ASP A CB  1 
ATOM   227  C CG  . ASP A 1 30 ? -11.460 3.627   3.819   1.00 41.81 ? 30  ASP A CG  1 
ATOM   228  O OD1 . ASP A 1 30 ? -11.313 4.045   4.999   1.00 40.54 ? 30  ASP A OD1 1 
ATOM   229  O OD2 . ASP A 1 30 ? -12.411 3.973   3.077   1.00 44.48 ? 30  ASP A OD2 1 
ATOM   230  N N   . THR A 1 31 ? -8.466  3.988   5.016   1.00 13.36 ? 31  THR A N   1 
ATOM   231  C CA  . THR A 1 31 ? -7.601  4.107   6.170   1.00 14.67 ? 31  THR A CA  1 
ATOM   232  C C   . THR A 1 31 ? -7.997  3.194   7.252   1.00 16.80 ? 31  THR A C   1 
ATOM   233  O O   . THR A 1 31 ? -9.093  3.315   7.811   1.00 18.50 ? 31  THR A O   1 
ATOM   234  C CB  . THR A 1 31 ? -7.587  5.578   6.634   1.00 10.08 ? 31  THR A CB  1 
ATOM   235  O OG1 . THR A 1 31 ? -6.843  6.340   5.677   1.00 8.66  ? 31  THR A OG1 1 
ATOM   236  C CG2 . THR A 1 31 ? -6.990  5.747   8.040   1.00 5.34  ? 31  THR A CG2 1 
ATOM   237  N N   . VAL A 1 32 ? -7.105  2.260   7.571   1.00 14.51 ? 32  VAL A N   1 
ATOM   238  C CA  . VAL A 1 32 ? -7.369  1.260   8.600   1.00 19.96 ? 32  VAL A CA  1 
ATOM   239  C C   . VAL A 1 32 ? -6.504  1.517   9.828   1.00 24.40 ? 32  VAL A C   1 
ATOM   240  O O   . VAL A 1 32 ? -5.287  1.413   9.770   1.00 27.51 ? 32  VAL A O   1 
ATOM   241  C CB  . VAL A 1 32 ? -7.059  -0.161  8.073   1.00 21.69 ? 32  VAL A CB  1 
ATOM   242  C CG1 . VAL A 1 32 ? -7.625  -1.214  9.003   1.00 18.66 ? 32  VAL A CG1 1 
ATOM   243  C CG2 . VAL A 1 32 ? -7.600  -0.341  6.667   1.00 22.79 ? 32  VAL A CG2 1 
ATOM   244  N N   . LEU A 1 33 ? -7.133  1.833   10.948  1.00 28.12 ? 33  LEU A N   1 
ATOM   245  C CA  . LEU A 1 33 ? -6.390  2.120   12.171  1.00 30.71 ? 33  LEU A CA  1 
ATOM   246  C C   . LEU A 1 33 ? -6.477  1.021   13.204  1.00 34.47 ? 33  LEU A C   1 
ATOM   247  O O   . LEU A 1 33 ? -7.335  0.131   13.131  1.00 35.56 ? 33  LEU A O   1 
ATOM   248  C CB  . LEU A 1 33 ? -6.854  3.430   12.793  1.00 27.93 ? 33  LEU A CB  1 
ATOM   249  C CG  . LEU A 1 33 ? -6.701  4.661   11.925  1.00 28.78 ? 33  LEU A CG  1 
ATOM   250  C CD1 . LEU A 1 33 ? -7.368  5.832   12.626  1.00 30.95 ? 33  LEU A CD1 1 
ATOM   251  C CD2 . LEU A 1 33 ? -5.230  4.936   11.640  1.00 22.21 ? 33  LEU A CD2 1 
ATOM   252  N N   . GLU A 1 34 ? -5.598  1.087   14.191  1.00 39.67 ? 34  GLU A N   1 
ATOM   253  C CA  . GLU A 1 34 ? -5.561  0.112   15.259  1.00 46.25 ? 34  GLU A CA  1 
ATOM   254  C C   . GLU A 1 34 ? -6.745  0.181   16.204  1.00 50.03 ? 34  GLU A C   1 
ATOM   255  O O   . GLU A 1 34 ? -7.628  1.016   16.051  1.00 52.59 ? 34  GLU A O   1 
ATOM   256  C CB  . GLU A 1 34 ? -4.323  0.241   16.033  1.00 49.06 ? 34  GLU A CB  1 
ATOM   257  C CG  . GLU A 1 34 ? -3.194  -0.581  15.488  1.00 57.82 ? 34  GLU A CG  1 
ATOM   258  C CD  . GLU A 1 34 ? -2.271  -1.063  16.582  1.00 64.15 ? 34  GLU A CD  1 
ATOM   259  O OE1 . GLU A 1 34 ? -1.688  -0.207  17.292  1.00 66.97 ? 34  GLU A OE1 1 
ATOM   260  O OE2 . GLU A 1 34 ? -2.147  -2.298  16.739  1.00 67.19 ? 34  GLU A OE2 1 
ATOM   261  N N   . GLU A 1 35 ? -6.694  -0.642  17.243  1.00 55.10 ? 35  GLU A N   1 
ATOM   262  C CA  . GLU A 1 35 ? -7.747  -0.755  18.241  1.00 61.02 ? 35  GLU A CA  1 
ATOM   263  C C   . GLU A 1 35 ? -7.874  0.411   19.167  1.00 63.59 ? 35  GLU A C   1 
ATOM   264  O O   . GLU A 1 35 ? -7.012  0.619   20.027  1.00 68.12 ? 35  GLU A O   1 
ATOM   265  C CB  . GLU A 1 35 ? -7.546  -2.052  19.104  1.00 63.71 ? 35  GLU A CB  1 
ATOM   266  C CG  . GLU A 1 35 ? -6.356  -2.921  18.692  1.00 67.83 ? 35  GLU A CG  1 
ATOM   267  C CD  . GLU A 1 35 ? -6.521  -3.558  17.314  1.00 71.42 ? 35  GLU A CD  1 
ATOM   268  O OE1 . GLU A 1 35 ? -7.670  -3.798  16.882  1.00 75.46 ? 35  GLU A OE1 1 
ATOM   269  O OE2 . GLU A 1 35 ? -5.488  -3.823  16.660  1.00 72.62 ? 35  GLU A OE2 1 
ATOM   270  N N   . MET A 1 36 ? -8.974  1.144   19.031  1.00 64.10 ? 36  MET A N   1 
ATOM   271  C CA  . MET A 1 36 ? -9.256  2.294   19.886  1.00 64.27 ? 36  MET A CA  1 
ATOM   272  C C   . MET A 1 36 ? -10.716 2.521   19.861  1.00 65.95 ? 36  MET A C   1 
ATOM   273  O O   . MET A 1 36 ? -11.375 2.195   18.876  1.00 65.51 ? 36  MET A O   1 
ATOM   274  C CB  . MET A 1 36 ? -8.523  3.549   19.376  1.00 62.52 ? 36  MET A CB  1 
ATOM   275  C CG  . MET A 1 36 ? -8.877  3.943   17.949  1.00 62.95 ? 36  MET A CG  1 
ATOM   276  S SD  . MET A 1 36 ? -7.882  5.266   17.277  1.00 61.58 ? 36  MET A SD  1 
ATOM   277  C CE  . MET A 1 36 ? -6.539  4.333   16.550  1.00 62.46 ? 36  MET A CE  1 
ATOM   278  N N   . ASP A 1 37 ? -11.264 3.056   20.942  1.00 69.36 ? 37  ASP A N   1 
ATOM   279  C CA  . ASP A 1 37 ? -12.693 3.333   20.981  1.00 74.22 ? 37  ASP A CA  1 
ATOM   280  C C   . ASP A 1 37 ? -12.944 4.814   20.714  1.00 74.63 ? 37  ASP A C   1 
ATOM   281  O O   . ASP A 1 37 ? -12.846 5.660   21.617  1.00 74.61 ? 37  ASP A O   1 
ATOM   282  C CB  . ASP A 1 37 ? -13.372 2.808   22.334  1.00 77.37 ? 37  ASP A CB  1 
ATOM   283  C CG  . ASP A 1 37 ? -12.429 2.841   23.532  1.00 80.52 ? 37  ASP A CG  1 
ATOM   284  O OD1 . ASP A 1 37 ? -12.792 3.456   24.558  1.00 82.72 ? 37  ASP A OD1 1 
ATOM   285  O OD2 . ASP A 1 37 ? -11.349 2.212   23.480  1.00 81.94 ? 37  ASP A OD2 1 
ATOM   286  N N   . LEU A 1 38 ? -13.148 5.112   19.429  1.00 74.24 ? 38  LEU A N   1 
ATOM   287  C CA  . LEU A 1 38 ? -13.400 6.457   18.926  1.00 73.53 ? 38  LEU A CA  1 
ATOM   288  C C   . LEU A 1 38 ? -14.789 6.933   19.216  1.00 74.05 ? 38  LEU A C   1 
ATOM   289  O O   . LEU A 1 38 ? -15.747 6.159   19.128  1.00 73.08 ? 38  LEU A O   1 
ATOM   290  C CB  . LEU A 1 38 ? -13.166 6.506   17.390  1.00 71.70 ? 38  LEU A CB  1 
ATOM   291  C CG  . LEU A 1 38 ? -11.761 6.896   16.899  1.00 71.94 ? 38  LEU A CG  1 
ATOM   292  C CD1 . LEU A 1 38 ? -11.519 6.306   15.527  1.00 71.67 ? 38  LEU A CD1 1 
ATOM   293  C CD2 . LEU A 1 38 ? -11.598 8.413   16.876  1.00 71.78 ? 38  LEU A CD2 1 
ATOM   294  N N   . PRO A 1 39 ? -14.935 8.220   19.576  1.00 75.18 ? 39  PRO A N   1 
ATOM   295  C CA  . PRO A 1 39 ? -16.240 8.804   19.878  1.00 75.44 ? 39  PRO A CA  1 
ATOM   296  C C   . PRO A 1 39 ? -17.181 8.748   18.665  1.00 76.02 ? 39  PRO A C   1 
ATOM   297  O O   . PRO A 1 39 ? -16.832 9.212   17.576  1.00 76.07 ? 39  PRO A O   1 
ATOM   298  C CB  . PRO A 1 39 ? -15.878 10.258  20.269  1.00 76.56 ? 39  PRO A CB  1 
ATOM   299  C CG  . PRO A 1 39 ? -14.574 10.487  19.548  1.00 76.37 ? 39  PRO A CG  1 
ATOM   300  C CD  . PRO A 1 39 ? -13.864 9.206   19.815  1.00 74.35 ? 39  PRO A CD  1 
ATOM   301  N N   . GLY A 1 40 ? -18.360 8.168   18.866  1.00 77.12 ? 40  GLY A N   1 
ATOM   302  C CA  . GLY A 1 40 ? -19.337 8.071   17.794  1.00 77.01 ? 40  GLY A CA  1 
ATOM   303  C C   . GLY A 1 40 ? -19.888 6.672   17.563  1.00 78.13 ? 40  GLY A C   1 
ATOM   304  O O   . GLY A 1 40 ? -19.394 5.692   18.128  1.00 78.35 ? 40  GLY A O   1 
ATOM   305  N N   . ARG A 1 41 ? -20.930 6.586   16.735  1.00 78.72 ? 41  ARG A N   1 
ATOM   306  C CA  . ARG A 1 41 ? -21.580 5.312   16.410  1.00 77.53 ? 41  ARG A CA  1 
ATOM   307  C C   . ARG A 1 41 ? -20.899 4.597   15.202  1.00 75.12 ? 41  ARG A C   1 
ATOM   308  O O   . ARG A 1 41 ? -20.676 5.204   14.157  1.00 74.75 ? 41  ARG A O   1 
ATOM   309  C CB  . ARG A 1 41 ? -23.114 5.532   16.087  1.00 79.91 ? 41  ARG A CB  1 
ATOM   310  C CG  . ARG A 1 41 ? -23.874 6.423   17.065  1.00 80.34 ? 41  ARG A CG  1 
ATOM   311  C CD  . ARG A 1 41 ? -24.319 7.709   16.365  1.00 82.54 ? 41  ARG A CD  1 
ATOM   312  N NE  . ARG A 1 41 ? -25.305 8.458   17.138  1.00 83.09 ? 41  ARG A NE  1 
ATOM   313  C CZ  . ARG A 1 41 ? -26.080 9.420   16.641  1.00 82.42 ? 41  ARG A CZ  1 
ATOM   314  N NH1 . ARG A 1 41 ? -26.950 10.040  17.431  1.00 82.39 ? 41  ARG A NH1 1 
ATOM   315  N NH2 . ARG A 1 41 ? -25.999 9.761   15.359  1.00 81.66 ? 41  ARG A NH2 1 
ATOM   316  N N   . TRP A 1 42 ? -20.599 3.314   15.359  1.00 72.81 ? 42  TRP A N   1 
ATOM   317  C CA  . TRP A 1 42 ? -19.959 2.547   14.288  1.00 70.66 ? 42  TRP A CA  1 
ATOM   318  C C   . TRP A 1 42 ? -20.855 1.533   13.594  1.00 68.82 ? 42  TRP A C   1 
ATOM   319  O O   . TRP A 1 42 ? -21.896 1.145   14.122  1.00 70.94 ? 42  TRP A O   1 
ATOM   320  C CB  . TRP A 1 42 ? -18.673 1.843   14.800  1.00 70.45 ? 42  TRP A CB  1 
ATOM   321  C CG  . TRP A 1 42 ? -18.835 1.007   16.037  1.00 68.70 ? 42  TRP A CG  1 
ATOM   322  C CD1 . TRP A 1 42 ? -18.653 1.416   17.339  1.00 70.11 ? 42  TRP A CD1 1 
ATOM   323  C CD2 . TRP A 1 42 ? -19.133 -0.401  16.111  1.00 68.58 ? 42  TRP A CD2 1 
ATOM   324  N NE1 . TRP A 1 42 ? -18.811 0.355   18.198  1.00 71.37 ? 42  TRP A NE1 1 
ATOM   325  C CE2 . TRP A 1 42 ? -19.108 -0.758  17.487  1.00 69.42 ? 42  TRP A CE2 1 
ATOM   326  C CE3 . TRP A 1 42 ? -19.421 -1.389  15.153  1.00 66.80 ? 42  TRP A CE3 1 
ATOM   327  C CZ2 . TRP A 1 42 ? -19.354 -2.066  17.922  1.00 68.60 ? 42  TRP A CZ2 1 
ATOM   328  C CZ3 . TRP A 1 42 ? -19.662 -2.677  15.598  1.00 68.73 ? 42  TRP A CZ3 1 
ATOM   329  C CH2 . TRP A 1 42 ? -19.630 -3.004  16.975  1.00 68.66 ? 42  TRP A CH2 1 
ATOM   330  N N   . LYS A 1 43 ? -20.441 1.125   12.397  1.00 65.76 ? 43  LYS A N   1 
ATOM   331  C CA  . LYS A 1 43 ? -21.153 0.140   11.591  1.00 64.35 ? 43  LYS A CA  1 
ATOM   332  C C   . LYS A 1 43 ? -20.114 -0.781  10.973  1.00 62.58 ? 43  LYS A C   1 
ATOM   333  O O   . LYS A 1 43 ? -19.076 -0.319  10.511  1.00 64.86 ? 43  LYS A O   1 
ATOM   334  C CB  . LYS A 1 43 ? -22.023 0.841   10.475  1.00 63.03 ? 43  LYS A CB  1 
ATOM   335  C CG  . LYS A 1 43 ? -21.354 2.001   9.764   1.00 62.50 ? 43  LYS A CG  1 
ATOM   336  C CD  . LYS A 1 43 ? -22.364 2.735   8.891   1.00 67.21 ? 43  LYS A CD  1 
ATOM   337  C CE  . LYS A 1 43 ? -21.878 4.131   8.513   1.00 71.10 ? 43  LYS A CE  1 
ATOM   338  N NZ  . LYS A 1 43 ? -21.651 5.022   9.701   1.00 74.35 ? 43  LYS A NZ  1 
ATOM   339  N N   . PRO A 1 44 ? -20.343 -2.104  11.018  1.00 59.89 ? 44  PRO A N   1 
ATOM   340  C CA  . PRO A 1 44 ? -19.422 -3.108  10.464  1.00 55.11 ? 44  PRO A CA  1 
ATOM   341  C C   . PRO A 1 44 ? -19.207 -3.141  8.939   1.00 47.94 ? 44  PRO A C   1 
ATOM   342  O O   . PRO A 1 44 ? -20.100 -2.843  8.152   1.00 48.48 ? 44  PRO A O   1 
ATOM   343  C CB  . PRO A 1 44 ? -20.009 -4.432  10.981  1.00 56.65 ? 44  PRO A CB  1 
ATOM   344  C CG  . PRO A 1 44 ? -20.640 -4.025  12.271  1.00 58.93 ? 44  PRO A CG  1 
ATOM   345  C CD  . PRO A 1 44 ? -21.356 -2.763  11.862  1.00 60.49 ? 44  PRO A CD  1 
ATOM   346  N N   . LYS A 1 45 ? -17.998 -3.530  8.564   1.00 41.93 ? 45  LYS A N   1 
ATOM   347  C CA  . LYS A 1 45 ? -17.597 -3.657  7.168   1.00 35.14 ? 45  LYS A CA  1 
ATOM   348  C C   . LYS A 1 45 ? -16.579 -4.758  7.231   1.00 31.68 ? 45  LYS A C   1 
ATOM   349  O O   . LYS A 1 45 ? -15.946 -4.949  8.274   1.00 30.59 ? 45  LYS A O   1 
ATOM   350  C CB  . LYS A 1 45 ? -16.935 -2.350  6.667   1.00 29.17 ? 45  LYS A CB  1 
ATOM   351  C CG  . LYS A 1 45 ? -16.873 -2.202  5.151   1.00 31.21 ? 45  LYS A CG  1 
ATOM   352  C CD  . LYS A 1 45 ? -15.978 -1.032  4.774   1.00 31.53 ? 45  LYS A CD  1 
ATOM   353  C CE  . LYS A 1 45 ? -16.018 -0.693  3.288   1.00 34.25 ? 45  LYS A CE  1 
ATOM   354  N NZ  . LYS A 1 45 ? -17.127 0.253   2.968   1.00 37.77 ? 45  LYS A NZ  1 
ATOM   355  N N   . ILE A 1 46 ? -16.484 -5.563  6.180   1.00 28.46 ? 46  ILE A N   1 
ATOM   356  C CA  . ILE A 1 46 ? -15.505 -6.639  6.139   1.00 30.37 ? 46  ILE A CA  1 
ATOM   357  C C   . ILE A 1 46 ? -14.630 -6.405  4.962   1.00 28.10 ? 46  ILE A C   1 
ATOM   358  O O   . ILE A 1 46 ? -15.029 -6.644  3.825   1.00 30.18 ? 46  ILE A O   1 
ATOM   359  C CB  . ILE A 1 46 ? -16.150 -8.044  6.014   1.00 28.97 ? 46  ILE A CB  1 
ATOM   360  C CG1 . ILE A 1 46 ? -17.208 -8.252  7.081   1.00 25.36 ? 46  ILE A CG1 1 
ATOM   361  C CG2 . ILE A 1 46 ? -15.076 -9.130  6.172   1.00 34.43 ? 46  ILE A CG2 1 
ATOM   362  C CD1 . ILE A 1 46 ? -17.927 -9.600  6.956   1.00 28.07 ? 46  ILE A CD1 1 
ATOM   363  N N   . ILE A 1 47 ? -13.412 -5.957  5.233   1.00 23.85 ? 47  ILE A N   1 
ATOM   364  C CA  . ILE A 1 47 ? -12.451 -5.648  4.178   1.00 22.73 ? 47  ILE A CA  1 
ATOM   365  C C   . ILE A 1 47 ? -11.468 -6.805  3.885   1.00 19.43 ? 47  ILE A C   1 
ATOM   366  O O   . ILE A 1 47 ? -11.166 -7.606  4.762   1.00 18.88 ? 47  ILE A O   1 
ATOM   367  C CB  . ILE A 1 47 ? -11.654 -4.360  4.522   1.00 27.58 ? 47  ILE A CB  1 
ATOM   368  C CG1 . ILE A 1 47 ? -10.967 -4.519  5.883   1.00 21.64 ? 47  ILE A CG1 1 
ATOM   369  C CG2 . ILE A 1 47 ? -12.598 -3.142  4.534   1.00 25.08 ? 47  ILE A CG2 1 
ATOM   370  C CD1 . ILE A 1 47 ? -10.027 -3.399  6.228   1.00 20.80 ? 47  ILE A CD1 1 
ATOM   371  N N   . GLY A 1 48 ? -10.917 -6.849  2.680   1.00 19.80 ? 48  GLY A N   1 
ATOM   372  C CA  . GLY A 1 48 ? -10.017 -7.938  2.344   1.00 21.52 ? 48  GLY A CA  1 
ATOM   373  C C   . GLY A 1 48 ? -8.621  -7.558  1.923   1.00 21.44 ? 48  GLY A C   1 
ATOM   374  O O   . GLY A 1 48 ? -8.438  -6.874  0.922   1.00 18.79 ? 48  GLY A O   1 
ATOM   375  N N   . GLY A 1 49 ? -7.633  -8.063  2.661   1.00 24.62 ? 49  GLY A N   1 
ATOM   376  C CA  . GLY A 1 49 ? -6.239  -7.779  2.355   1.00 30.32 ? 49  GLY A CA  1 
ATOM   377  C C   . GLY A 1 49 ? -5.486  -8.975  1.785   1.00 34.35 ? 49  GLY A C   1 
ATOM   378  O O   . GLY A 1 49 ? -6.093  -9.890  1.218   1.00 38.71 ? 49  GLY A O   1 
ATOM   379  N N   . ILE A 1 50 ? -4.160  -8.955  1.938   1.00 35.55 ? 50  ILE A N   1 
ATOM   380  C CA  . ILE A 1 50 ? -3.266  -10.011 1.447   1.00 35.54 ? 50  ILE A CA  1 
ATOM   381  C C   . ILE A 1 50 ? -3.428  -11.365 2.129   1.00 32.88 ? 50  ILE A C   1 
ATOM   382  O O   . ILE A 1 50 ? -3.382  -12.393 1.467   1.00 31.51 ? 50  ILE A O   1 
ATOM   383  C CB  . ILE A 1 50 ? -1.777  -9.523  1.491   1.00 35.37 ? 50  ILE A CB  1 
ATOM   384  C CG1 . ILE A 1 50 ? -1.467  -8.710  0.227   1.00 37.63 ? 50  ILE A CG1 1 
ATOM   385  C CG2 . ILE A 1 50 ? -0.808  -10.682 1.632   1.00 34.95 ? 50  ILE A CG2 1 
ATOM   386  C CD1 . ILE A 1 50 ? -1.559  -9.505  -1.071  1.00 38.08 ? 50  ILE A CD1 1 
ATOM   387  N N   . GLY A 1 51 ? -3.656  -11.367 3.436   1.00 32.16 ? 51  GLY A N   1 
ATOM   388  C CA  . GLY A 1 51 ? -3.800  -12.625 4.145   1.00 31.96 ? 51  GLY A CA  1 
ATOM   389  C C   . GLY A 1 51 ? -5.194  -12.903 4.672   1.00 32.29 ? 51  GLY A C   1 
ATOM   390  O O   . GLY A 1 51 ? -5.360  -13.476 5.754   1.00 33.26 ? 51  GLY A O   1 
ATOM   391  N N   . GLY A 1 52 ? -6.200  -12.459 3.929   1.00 30.17 ? 52  GLY A N   1 
ATOM   392  C CA  . GLY A 1 52 ? -7.566  -12.703 4.346   1.00 28.15 ? 52  GLY A CA  1 
ATOM   393  C C   . GLY A 1 52 ? -8.441  -11.480 4.501   1.00 27.19 ? 52  GLY A C   1 
ATOM   394  O O   . GLY A 1 52 ? -8.027  -10.352 4.272   1.00 29.88 ? 52  GLY A O   1 
ATOM   395  N N   . PHE A 1 53 ? -9.676  -11.733 4.914   1.00 27.77 ? 53  PHE A N   1 
ATOM   396  C CA  . PHE A 1 53 ? -10.682 -10.699 5.123   1.00 27.79 ? 53  PHE A CA  1 
ATOM   397  C C   . PHE A 1 53 ? -10.787 -10.409 6.591   1.00 31.54 ? 53  PHE A C   1 
ATOM   398  O O   . PHE A 1 53 ? -10.781 -11.341 7.393   1.00 37.46 ? 53  PHE A O   1 
ATOM   399  C CB  . PHE A 1 53 ? -12.057 -11.182 4.554   1.00 21.54 ? 53  PHE A CB  1 
ATOM   400  C CG  . PHE A 1 53 ? -12.172 -11.047 3.058   1.00 15.89 ? 53  PHE A CG  1 
ATOM   401  C CD1 . PHE A 1 53 ? -12.781 -9.933  2.504   1.00 19.96 ? 53  PHE A CD1 1 
ATOM   402  C CD2 . PHE A 1 53 ? -11.630 -11.994 2.213   1.00 13.38 ? 53  PHE A CD2 1 
ATOM   403  C CE1 . PHE A 1 53 ? -12.845 -9.755  1.134   1.00 15.42 ? 53  PHE A CE1 1 
ATOM   404  C CE2 . PHE A 1 53 ? -11.682 -11.837 0.836   1.00 10.32 ? 53  PHE A CE2 1 
ATOM   405  C CZ  . PHE A 1 53 ? -12.294 -10.709 0.289   1.00 14.05 ? 53  PHE A CZ  1 
ATOM   406  N N   . VAL A 1 54 ? -10.864 -9.130  6.955   1.00 31.06 ? 54  VAL A N   1 
ATOM   407  C CA  . VAL A 1 54 ? -10.954 -8.701  8.355   1.00 29.73 ? 54  VAL A CA  1 
ATOM   408  C C   . VAL A 1 54 ? -12.267 -7.952  8.647   1.00 32.06 ? 54  VAL A C   1 
ATOM   409  O O   . VAL A 1 54 ? -12.834 -7.305  7.759   1.00 30.30 ? 54  VAL A O   1 
ATOM   410  C CB  . VAL A 1 54 ? -9.750  -7.771  8.726   1.00 30.52 ? 54  VAL A CB  1 
ATOM   411  C CG1 . VAL A 1 54 ? -9.756  -7.395  10.206  1.00 29.87 ? 54  VAL A CG1 1 
ATOM   412  C CG2 . VAL A 1 54 ? -8.453  -8.458  8.405   1.00 28.87 ? 54  VAL A CG2 1 
ATOM   413  N N   . LYS A 1 55 ? -12.751 -8.073  9.885   1.00 32.75 ? 55  LYS A N   1 
ATOM   414  C CA  . LYS A 1 55 ? -13.988 -7.408  10.302  1.00 37.54 ? 55  LYS A CA  1 
ATOM   415  C C   . LYS A 1 55 ? -13.627 -6.066  11.054  1.00 37.85 ? 55  LYS A C   1 
ATOM   416  O O   . LYS A 1 55 ? -13.131 -6.089  12.191  1.00 36.16 ? 55  LYS A O   1 
ATOM   417  C CB  . LYS A 1 55 ? -14.837 -8.351  11.219  1.00 42.71 ? 55  LYS A CB  1 
ATOM   418  C CG  . LYS A 1 55 ? -16.314 -7.991  11.298  1.00 48.79 ? 55  LYS A CG  1 
ATOM   419  C CD  . LYS A 1 55 ? -17.084 -9.021  12.110  1.00 55.66 ? 55  LYS A CD  1 
ATOM   420  C CE  . LYS A 1 55 ? -18.567 -8.668  12.227  1.00 62.64 ? 55  LYS A CE  1 
ATOM   421  N NZ  . LYS A 1 55 ? -19.386 -9.717  12.932  1.00 68.22 ? 55  LYS A NZ  1 
ATOM   422  N N   . VAL A 1 56 ? -13.889 -4.941  10.388  1.00 36.70 ? 56  VAL A N   1 
ATOM   423  C CA  . VAL A 1 56 ? -13.596 -3.606  10.921  1.00 33.69 ? 56  VAL A CA  1 
ATOM   424  C C   . VAL A 1 56 ? -14.818 -2.785  11.248  1.00 34.39 ? 56  VAL A C   1 
ATOM   425  O O   . VAL A 1 56 ? -15.880 -2.986  10.672  1.00 36.51 ? 56  VAL A O   1 
ATOM   426  C CB  . VAL A 1 56 ? -12.745 -2.781  9.921   1.00 32.46 ? 56  VAL A CB  1 
ATOM   427  C CG1 . VAL A 1 56 ? -11.460 -3.523  9.584   1.00 29.80 ? 56  VAL A CG1 1 
ATOM   428  C CG2 . VAL A 1 56 ? -13.533 -2.508  8.664   1.00 29.31 ? 56  VAL A CG2 1 
ATOM   429  N N   . ARG A 1 57 ? -14.650 -1.831  12.153  1.00 34.29 ? 57  ARG A N   1 
ATOM   430  C CA  . ARG A 1 57 ? -15.737 -0.940  12.560  1.00 38.06 ? 57  ARG A CA  1 
ATOM   431  C C   . ARG A 1 57 ? -15.579 0.391   11.748  1.00 38.06 ? 57  ARG A C   1 
ATOM   432  O O   . ARG A 1 57 ? -14.532 1.032   11.826  1.00 36.77 ? 57  ARG A O   1 
ATOM   433  C CB  . ARG A 1 57 ? -15.644 -0.656  14.079  1.00 41.36 ? 57  ARG A CB  1 
ATOM   434  C CG  . ARG A 1 57 ? -15.535 -1.916  14.924  1.00 51.96 ? 57  ARG A CG  1 
ATOM   435  C CD  . ARG A 1 57 ? -15.317 -1.626  16.409  1.00 59.41 ? 57  ARG A CD  1 
ATOM   436  N NE  . ARG A 1 57 ? -15.233 -2.868  17.181  1.00 71.59 ? 57  ARG A NE  1 
ATOM   437  C CZ  . ARG A 1 57 ? -14.988 -2.938  18.488  1.00 76.77 ? 57  ARG A CZ  1 
ATOM   438  N NH1 . ARG A 1 57 ? -14.934 -4.123  19.090  1.00 78.73 ? 57  ARG A NH1 1 
ATOM   439  N NH2 . ARG A 1 57 ? -14.796 -1.833  19.200  1.00 78.82 ? 57  ARG A NH2 1 
ATOM   440  N N   . GLN A 1 58 ? -16.571 0.756   10.936  1.00 35.83 ? 58  GLN A N   1 
ATOM   441  C CA  . GLN A 1 58 ? -16.464 1.986   10.163  1.00 36.36 ? 58  GLN A CA  1 
ATOM   442  C C   . GLN A 1 58 ? -16.955 3.192   10.935  1.00 37.45 ? 58  GLN A C   1 
ATOM   443  O O   . GLN A 1 58 ? -18.040 3.164   11.505  1.00 40.82 ? 58  GLN A O   1 
ATOM   444  C CB  . GLN A 1 58 ? -17.204 1.905   8.858   1.00 35.05 ? 58  GLN A CB  1 
ATOM   445  C CG  . GLN A 1 58 ? -16.784 3.005   7.908   1.00 45.01 ? 58  GLN A CG  1 
ATOM   446  C CD  . GLN A 1 58 ? -17.667 3.114   6.688   1.00 49.44 ? 58  GLN A CD  1 
ATOM   447  O OE1 . GLN A 1 58 ? -18.860 3.391   6.802   1.00 52.67 ? 58  GLN A OE1 1 
ATOM   448  N NE2 . GLN A 1 58 ? -17.084 2.924   5.508   1.00 56.00 ? 58  GLN A NE2 1 
ATOM   449  N N   . TYR A 1 59 ? -16.112 4.216   11.010  1.00 37.79 ? 59  TYR A N   1 
ATOM   450  C CA  . TYR A 1 59 ? -16.450 5.467   11.693  1.00 37.90 ? 59  TYR A CA  1 
ATOM   451  C C   . TYR A 1 59 ? -16.466 6.580   10.595  1.00 40.67 ? 59  TYR A C   1 
ATOM   452  O O   . TYR A 1 59 ? -15.594 6.588   9.721   1.00 38.98 ? 59  TYR A O   1 
ATOM   453  C CB  . TYR A 1 59 ? -15.391 5.803   12.757  1.00 39.80 ? 59  TYR A CB  1 
ATOM   454  C CG  . TYR A 1 59 ? -15.556 5.113   14.109  1.00 41.52 ? 59  TYR A CG  1 
ATOM   455  C CD1 . TYR A 1 59 ? -14.709 4.056   14.490  1.00 44.97 ? 59  TYR A CD1 1 
ATOM   456  C CD2 . TYR A 1 59 ? -16.517 5.558   15.037  1.00 42.54 ? 59  TYR A CD2 1 
ATOM   457  C CE1 . TYR A 1 59 ? -14.808 3.465   15.756  1.00 47.48 ? 59  TYR A CE1 1 
ATOM   458  C CE2 . TYR A 1 59 ? -16.626 4.971   16.309  1.00 45.31 ? 59  TYR A CE2 1 
ATOM   459  C CZ  . TYR A 1 59 ? -15.768 3.925   16.669  1.00 48.77 ? 59  TYR A CZ  1 
ATOM   460  O OH  . TYR A 1 59 ? -15.858 3.354   17.931  1.00 49.65 ? 59  TYR A OH  1 
ATOM   461  N N   . ASP A 1 60 ? -17.475 7.452   10.617  1.00 45.28 ? 60  ASP A N   1 
ATOM   462  C CA  . ASP A 1 60 ? -17.586 8.533   9.632   1.00 48.69 ? 60  ASP A CA  1 
ATOM   463  C C   . ASP A 1 60 ? -17.258 9.958   10.210  1.00 50.48 ? 60  ASP A C   1 
ATOM   464  O O   . ASP A 1 60 ? -17.264 10.165  11.432  1.00 45.96 ? 60  ASP A O   1 
ATOM   465  C CB  . ASP A 1 60 ? -19.038 8.530   8.948   1.00 56.15 ? 60  ASP A CB  1 
ATOM   466  C CG  . ASP A 1 60 ? -19.234 7.385   7.951   1.00 61.48 ? 60  ASP A CG  1 
ATOM   467  O OD1 . ASP A 1 60 ? -19.401 7.654   6.738   1.00 64.32 ? 60  ASP A OD1 1 
ATOM   468  O OD2 . ASP A 1 60 ? -19.230 6.211   8.385   1.00 62.43 ? 60  ASP A OD2 1 
ATOM   469  N N   . GLN A 1 61 ? -17.003 10.909  9.298   1.00 52.99 ? 61  GLN A N   1 
ATOM   470  C CA  . GLN A 1 61 ? -16.657 12.317  9.585   1.00 56.70 ? 61  GLN A CA  1 
ATOM   471  C C   . GLN A 1 61 ? -15.796 12.526  10.858  1.00 56.33 ? 61  GLN A C   1 
ATOM   472  O O   . GLN A 1 61 ? -16.175 13.255  11.784  1.00 55.79 ? 61  GLN A O   1 
ATOM   473  C CB  . GLN A 1 61 ? -17.948 13.300  9.551   1.00 63.19 ? 61  GLN A CB  1 
ATOM   474  C CG  . GLN A 1 61 ? -18.978 13.130  10.674  1.00 71.02 ? 61  GLN A CG  1 
ATOM   475  C CD  . GLN A 1 61 ? -19.094 14.360  11.577  1.00 74.43 ? 61  GLN A CD  1 
ATOM   476  O OE1 . GLN A 1 61 ? -19.656 15.386  11.185  1.00 72.85 ? 61  GLN A OE1 1 
ATOM   477  N NE2 . GLN A 1 61 ? -18.584 14.247  12.798  1.00 75.33 ? 61  GLN A NE2 1 
ATOM   478  N N   . ILE A 1 62 ? -14.646 11.855  10.872  1.00 56.05 ? 62  ILE A N   1 
ATOM   479  C CA  . ILE A 1 62 ? -13.670 11.905  11.962  1.00 54.67 ? 62  ILE A CA  1 
ATOM   480  C C   . ILE A 1 62 ? -12.559 12.880  11.602  1.00 53.60 ? 62  ILE A C   1 
ATOM   481  O O   . ILE A 1 62 ? -12.065 12.861  10.483  1.00 52.68 ? 62  ILE A O   1 
ATOM   482  C CB  . ILE A 1 62 ? -13.036 10.509  12.173  1.00 53.01 ? 62  ILE A CB  1 
ATOM   483  C CG1 . ILE A 1 62 ? -14.106 9.497   12.595  1.00 54.24 ? 62  ILE A CG1 1 
ATOM   484  C CG2 . ILE A 1 62 ? -11.919 10.562  13.197  1.00 52.73 ? 62  ILE A CG2 1 
ATOM   485  C CD1 . ILE A 1 62 ? -14.830 9.854   13.889  1.00 55.55 ? 62  ILE A CD1 1 
ATOM   486  N N   . PRO A 1 63 ? -12.186 13.782  12.536  1.00 54.20 ? 63  PRO A N   1 
ATOM   487  C CA  . PRO A 1 63 ? -11.120 14.768  12.282  1.00 54.24 ? 63  PRO A CA  1 
ATOM   488  C C   . PRO A 1 63 ? -9.668  14.200  12.546  1.00 51.36 ? 63  PRO A C   1 
ATOM   489  O O   . PRO A 1 63 ? -9.342  13.800  13.664  1.00 49.95 ? 63  PRO A O   1 
ATOM   490  C CB  . PRO A 1 63 ? -11.466 15.879  13.246  1.00 56.22 ? 63  PRO A CB  1 
ATOM   491  C CG  . PRO A 1 63 ? -12.031 15.126  14.420  1.00 58.07 ? 63  PRO A CG  1 
ATOM   492  C CD  . PRO A 1 63 ? -12.933 14.126  13.755  1.00 55.87 ? 63  PRO A CD  1 
ATOM   493  N N   . ILE A 1 64 ? -8.826  14.247  11.517  1.00 50.72 ? 64  ILE A N   1 
ATOM   494  C CA  . ILE A 1 64 ? -7.453  13.740  11.595  1.00 50.71 ? 64  ILE A CA  1 
ATOM   495  C C   . ILE A 1 64 ? -6.427  14.836  11.260  1.00 51.36 ? 64  ILE A C   1 
ATOM   496  O O   . ILE A 1 64 ? -6.559  15.521  10.257  1.00 50.09 ? 64  ILE A O   1 
ATOM   497  C CB  . ILE A 1 64 ? -7.230  12.582  10.568  1.00 49.77 ? 64  ILE A CB  1 
ATOM   498  C CG1 . ILE A 1 64 ? -8.268  11.508  10.738  1.00 48.32 ? 64  ILE A CG1 1 
ATOM   499  C CG2 . ILE A 1 64 ? -5.843  11.975  10.726  1.00 51.24 ? 64  ILE A CG2 1 
ATOM   500  C CD1 . ILE A 1 64 ? -9.280  11.455  9.614   1.00 49.72 ? 64  ILE A CD1 1 
ATOM   501  N N   . GLU A 1 65 ? -5.390  14.969  12.078  1.00 54.16 ? 65  GLU A N   1 
ATOM   502  C CA  . GLU A 1 65 ? -4.363  15.967  11.792  1.00 58.95 ? 65  GLU A CA  1 
ATOM   503  C C   . GLU A 1 65 ? -3.100  15.296  11.284  1.00 59.66 ? 65  GLU A C   1 
ATOM   504  O O   . GLU A 1 65 ? -2.305  14.789  12.075  1.00 61.23 ? 65  GLU A O   1 
ATOM   505  C CB  . GLU A 1 65 ? -4.055  16.870  13.047  1.00 61.56 ? 65  GLU A CB  1 
ATOM   506  C CG  . GLU A 1 65 ? -5.139  17.915  13.341  1.00 64.25 ? 65  GLU A CG  1 
ATOM   507  C CD  . GLU A 1 65 ? -4.804  18.838  14.511  1.00 65.29 ? 65  GLU A CD  1 
ATOM   508  O OE1 . GLU A 1 65 ? -3.692  19.414  14.532  1.00 66.22 ? 65  GLU A OE1 1 
ATOM   509  O OE2 . GLU A 1 65 ? -5.669  19.003  15.400  1.00 62.58 ? 65  GLU A OE2 1 
ATOM   510  N N   . ILE A 1 66 ? -2.943  15.240  9.965   1.00 60.86 ? 66  ILE A N   1 
ATOM   511  C CA  . ILE A 1 66 ? -1.757  14.635  9.369   1.00 63.41 ? 66  ILE A CA  1 
ATOM   512  C C   . ILE A 1 66 ? -0.690  15.677  9.213   1.00 65.92 ? 66  ILE A C   1 
ATOM   513  O O   . ILE A 1 66 ? -0.746  16.499  8.303   1.00 67.11 ? 66  ILE A O   1 
ATOM   514  C CB  . ILE A 1 66 ? -2.071  14.024  7.995   1.00 62.29 ? 66  ILE A CB  1 
ATOM   515  C CG1 . ILE A 1 66 ? -3.339  13.240  8.087   1.00 63.47 ? 66  ILE A CG1 1 
ATOM   516  C CG2 . ILE A 1 66 ? -0.929  13.114  7.523   1.00 61.35 ? 66  ILE A CG2 1 
ATOM   517  C CD1 . ILE A 1 66 ? -3.773  12.620  6.793   1.00 71.33 ? 66  ILE A CD1 1 
ATOM   518  N N   . CYS A 1 67 ? 0.278   15.677  10.126  1.00 69.54 ? 67  CYS A N   1 
ATOM   519  C CA  . CYS A 1 67 ? 1.370   16.646  10.073  1.00 72.75 ? 67  CYS A CA  1 
ATOM   520  C C   . CYS A 1 67 ? 0.860   18.147  10.092  1.00 73.34 ? 67  CYS A C   1 
ATOM   521  O O   . CYS A 1 67 ? 1.211   18.943  9.219   1.00 72.55 ? 67  CYS A O   1 
ATOM   522  C CB  . CYS A 1 67 ? 2.225   16.398  8.813   1.00 75.53 ? 67  CYS A CB  1 
ATOM   523  S SG  . CYS A 1 67 ? 2.813   14.688  8.613   1.00 80.85 ? 67  CYS A SG  1 
ATOM   524  N N   . GLY A 1 68 ? 0.019   18.477  11.074  1.00 73.52 ? 68  GLY A N   1 
ATOM   525  C CA  . GLY A 1 68 ? -0.509  19.831  11.219  1.00 72.60 ? 68  GLY A CA  1 
ATOM   526  C C   . GLY A 1 68 ? -1.632  20.245  10.271  1.00 71.73 ? 68  GLY A C   1 
ATOM   527  O O   . GLY A 1 68 ? -2.247  21.304  10.425  1.00 70.32 ? 68  GLY A O   1 
ATOM   528  N N   . HIS A 1 69 ? -1.901  19.391  9.288   1.00 68.70 ? 69  HIS A N   1 
ATOM   529  C CA  . HIS A 1 69 ? -2.929  19.633  8.282   1.00 65.45 ? 69  HIS A CA  1 
ATOM   530  C C   . HIS A 1 69 ? -4.209  18.946  8.794   1.00 60.15 ? 69  HIS A C   1 
ATOM   531  O O   . HIS A 1 69 ? -4.300  17.719  8.777   1.00 60.50 ? 69  HIS A O   1 
ATOM   532  C CB  . HIS A 1 69 ? -2.463  18.973  6.948   1.00 70.26 ? 69  HIS A CB  1 
ATOM   533  C CG  . HIS A 1 69 ? -3.099  19.531  5.713   1.00 76.71 ? 69  HIS A CG  1 
ATOM   534  N ND1 . HIS A 1 69 ? -4.453  19.456  5.465   1.00 81.41 ? 69  HIS A ND1 1 
ATOM   535  C CD2 . HIS A 1 69 ? -2.548  20.086  4.606   1.00 79.63 ? 69  HIS A CD2 1 
ATOM   536  C CE1 . HIS A 1 69 ? -4.710  19.934  4.260   1.00 82.66 ? 69  HIS A CE1 1 
ATOM   537  N NE2 . HIS A 1 69 ? -3.570  20.322  3.716   1.00 83.22 ? 69  HIS A NE2 1 
ATOM   538  N N   . LYS A 1 70 ? -5.169  19.722  9.288   1.00 54.78 ? 70  LYS A N   1 
ATOM   539  C CA  . LYS A 1 70 ? -6.419  19.137  9.776   1.00 49.67 ? 70  LYS A CA  1 
ATOM   540  C C   . LYS A 1 70 ? -7.253  18.797  8.573   1.00 45.61 ? 70  LYS A C   1 
ATOM   541  O O   . LYS A 1 70 ? -7.463  19.649  7.715   1.00 46.43 ? 70  LYS A O   1 
ATOM   542  C CB  . LYS A 1 70 ? -7.198  20.129  10.705  1.00 50.71 ? 70  LYS A CB  1 
ATOM   543  C CG  . LYS A 1 70 ? -8.619  19.673  11.056  1.00 53.78 ? 70  LYS A CG  1 
ATOM   544  C CD  . LYS A 1 70 ? -8.634  18.510  12.030  1.00 54.93 ? 70  LYS A CD  1 
ATOM   545  C CE  . LYS A 1 70 ? -8.705  18.997  13.473  1.00 61.76 ? 70  LYS A CE  1 
ATOM   546  N NZ  . LYS A 1 70 ? -8.538  17.893  14.462  1.00 62.97 ? 70  LYS A NZ  1 
ATOM   547  N N   . VAL A 1 71 ? -7.609  17.520  8.453   1.00 42.12 ? 71  VAL A N   1 
ATOM   548  C CA  . VAL A 1 71 ? -8.434  17.011  7.349   1.00 38.13 ? 71  VAL A CA  1 
ATOM   549  C C   . VAL A 1 71 ? -9.611  16.184  7.910   1.00 34.90 ? 71  VAL A C   1 
ATOM   550  O O   . VAL A 1 71 ? -9.741  16.049  9.125   1.00 35.88 ? 71  VAL A O   1 
ATOM   551  C CB  . VAL A 1 71 ? -7.602  16.136  6.376   1.00 39.94 ? 71  VAL A CB  1 
ATOM   552  C CG1 . VAL A 1 71 ? -6.496  16.965  5.732   1.00 38.39 ? 71  VAL A CG1 1 
ATOM   553  C CG2 . VAL A 1 71 ? -7.021  14.934  7.110   1.00 40.22 ? 71  VAL A CG2 1 
ATOM   554  N N   . ILE A 1 72 ? -10.469 15.648  7.043   1.00 34.59 ? 72  ILE A N   1 
ATOM   555  C CA  . ILE A 1 72 ? -11.607 14.852  7.524   1.00 35.90 ? 72  ILE A CA  1 
ATOM   556  C C   . ILE A 1 72 ? -11.931 13.629  6.561   1.00 32.49 ? 72  ILE A C   1 
ATOM   557  O O   . ILE A 1 72 ? -11.723 13.722  5.346   1.00 33.04 ? 72  ILE A O   1 
ATOM   558  C CB  . ILE A 1 72 ? -12.862 15.770  7.740   1.00 36.84 ? 72  ILE A CB  1 
ATOM   559  C CG1 . ILE A 1 72 ? -13.887 15.100  8.675   1.00 38.03 ? 72  ILE A CG1 1 
ATOM   560  C CG2 . ILE A 1 72 ? -13.511 16.104  6.422   1.00 38.23 ? 72  ILE A CG2 1 
ATOM   561  C CD1 . ILE A 1 72 ? -14.611 16.068  9.588   1.00 38.67 ? 72  ILE A CD1 1 
ATOM   562  N N   . GLY A 1 73 ? -12.381 12.507  7.128   1.00 30.34 ? 73  GLY A N   1 
ATOM   563  C CA  . GLY A 1 73 ? -12.702 11.331  6.319   1.00 26.05 ? 73  GLY A CA  1 
ATOM   564  C C   . GLY A 1 73 ? -13.143 10.094  7.107   1.00 26.28 ? 73  GLY A C   1 
ATOM   565  O O   . GLY A 1 73 ? -13.339 10.158  8.331   1.00 21.99 ? 73  GLY A O   1 
ATOM   566  N N   . THR A 1 74 ? -13.317 8.972   6.404   1.00 25.40 ? 74  THR A N   1 
ATOM   567  C CA  . THR A 1 74 ? -13.736 7.712   7.031   1.00 28.87 ? 74  THR A CA  1 
ATOM   568  C C   . THR A 1 74 ? -12.554 6.863   7.532   1.00 27.15 ? 74  THR A C   1 
ATOM   569  O O   . THR A 1 74 ? -11.614 6.610   6.783   1.00 25.94 ? 74  THR A O   1 
ATOM   570  C CB  . THR A 1 74 ? -14.496 6.826   6.036   1.00 30.42 ? 74  THR A CB  1 
ATOM   571  O OG1 . THR A 1 74 ? -14.566 7.467   4.760   1.00 33.62 ? 74  THR A OG1 1 
ATOM   572  C CG2 . THR A 1 74 ? -15.888 6.534   6.548   1.00 37.34 ? 74  THR A CG2 1 
ATOM   573  N N   . VAL A 1 75 ? -12.625 6.411   8.778   1.00 25.82 ? 75  VAL A N   1 
ATOM   574  C CA  . VAL A 1 75 ? -11.573 5.563   9.336   1.00 29.35 ? 75  VAL A CA  1 
ATOM   575  C C   . VAL A 1 75 ? -12.128 4.203   9.828   1.00 31.40 ? 75  VAL A C   1 
ATOM   576  O O   . VAL A 1 75 ? -13.033 4.163   10.668  1.00 31.53 ? 75  VAL A O   1 
ATOM   577  C CB  . VAL A 1 75 ? -10.776 6.249   10.501  1.00 30.47 ? 75  VAL A CB  1 
ATOM   578  C CG1 . VAL A 1 75 ? -9.908  7.377   9.956   1.00 35.29 ? 75  VAL A CG1 1 
ATOM   579  C CG2 . VAL A 1 75 ? -11.717 6.776   11.580  1.00 29.29 ? 75  VAL A CG2 1 
ATOM   580  N N   . LEU A 1 76 ? -11.598 3.110   9.278   1.00 30.44 ? 76  LEU A N   1 
ATOM   581  C CA  . LEU A 1 76 ? -12.017 1.759   9.654   1.00 29.23 ? 76  LEU A CA  1 
ATOM   582  C C   . LEU A 1 76 ? -11.121 1.305   10.832  1.00 31.45 ? 76  LEU A C   1 
ATOM   583  O O   . LEU A 1 76 ? -9.901  1.421   10.753  1.00 38.17 ? 76  LEU A O   1 
ATOM   584  C CB  . LEU A 1 76 ? -11.836 0.783   8.478   1.00 25.83 ? 76  LEU A CB  1 
ATOM   585  C CG  . LEU A 1 76 ? -11.971 1.274   7.029   1.00 23.34 ? 76  LEU A CG  1 
ATOM   586  C CD1 . LEU A 1 76 ? -11.644 0.154   6.062   1.00 23.30 ? 76  LEU A CD1 1 
ATOM   587  C CD2 . LEU A 1 76 ? -13.357 1.786   6.764   1.00 26.94 ? 76  LEU A CD2 1 
ATOM   588  N N   . VAL A 1 77 ? -11.719 0.808   11.909  1.00 31.26 ? 77  VAL A N   1 
ATOM   589  C CA  . VAL A 1 77 ? -10.943 0.354   13.060  1.00 32.50 ? 77  VAL A CA  1 
ATOM   590  C C   . VAL A 1 77 ? -11.070 -1.119  13.258  1.00 35.00 ? 77  VAL A C   1 
ATOM   591  O O   . VAL A 1 77 ? -12.163 -1.610  13.559  1.00 35.81 ? 77  VAL A O   1 
ATOM   592  C CB  . VAL A 1 77 ? -11.388 1.079   14.353  1.00 31.43 ? 77  VAL A CB  1 
ATOM   593  C CG1 . VAL A 1 77 ? -10.656 0.521   15.573  1.00 30.82 ? 77  VAL A CG1 1 
ATOM   594  C CG2 . VAL A 1 77 ? -11.117 2.565   14.228  1.00 34.55 ? 77  VAL A CG2 1 
ATOM   595  N N   . GLY A 1 78 ? -9.958  -1.839  13.101  1.00 38.26 ? 78  GLY A N   1 
ATOM   596  C CA  . GLY A 1 78 ? -9.967  -3.291  13.266  1.00 42.40 ? 78  GLY A CA  1 
ATOM   597  C C   . GLY A 1 78 ? -8.624  -3.889  13.649  1.00 44.65 ? 78  GLY A C   1 
ATOM   598  O O   . GLY A 1 78 ? -7.643  -3.153  13.784  1.00 47.39 ? 78  GLY A O   1 
ATOM   599  N N   . PRO A 1 79 ? -8.529  -5.224  13.838  1.00 47.63 ? 79  PRO A N   1 
ATOM   600  C CA  . PRO A 1 79 ? -7.272  -5.900  14.221  1.00 46.34 ? 79  PRO A CA  1 
ATOM   601  C C   . PRO A 1 79 ? -6.155  -5.844  13.122  1.00 42.74 ? 79  PRO A C   1 
ATOM   602  O O   . PRO A 1 79 ? -5.951  -6.806  12.367  1.00 45.33 ? 79  PRO A O   1 
ATOM   603  C CB  . PRO A 1 79 ? -7.730  -7.358  14.491  1.00 48.58 ? 79  PRO A CB  1 
ATOM   604  C CG  . PRO A 1 79 ? -9.180  -7.201  14.855  1.00 49.25 ? 79  PRO A CG  1 
ATOM   605  C CD  . PRO A 1 79 ? -9.656  -6.172  13.872  1.00 47.69 ? 79  PRO A CD  1 
ATOM   606  N N   . THR A 1 80 ? -5.429  -4.734  13.094  1.00 38.29 ? 80  THR A N   1 
ATOM   607  C CA  . THR A 1 80 ? -4.338  -4.512  12.146  1.00 34.29 ? 80  THR A CA  1 
ATOM   608  C C   . THR A 1 80 ? -2.998  -4.261  12.906  1.00 33.16 ? 80  THR A C   1 
ATOM   609  O O   . THR A 1 80 ? -2.962  -3.538  13.905  1.00 35.24 ? 80  THR A O   1 
ATOM   610  C CB  . THR A 1 80 ? -4.663  -3.310  11.226  1.00 28.21 ? 80  THR A CB  1 
ATOM   611  O OG1 . THR A 1 80 ? -3.655  -3.176  10.227  1.00 26.99 ? 80  THR A OG1 1 
ATOM   612  C CG2 . THR A 1 80 ? -4.768  -2.016  12.017  1.00 27.43 ? 80  THR A CG2 1 
ATOM   613  N N   . PRO A 1 81 ? -1.897  -4.866  12.423  1.00 32.80 ? 81  PRO A N   1 
ATOM   614  C CA  . PRO A 1 81 ? -0.567  -4.736  13.034  1.00 32.08 ? 81  PRO A CA  1 
ATOM   615  C C   . PRO A 1 81 ? 0.020   -3.389  13.017  1.00 30.48 ? 81  PRO A C   1 
ATOM   616  O O   . PRO A 1 81 ? 0.852   -3.055  13.861  1.00 33.48 ? 81  PRO A O   1 
ATOM   617  C CB  . PRO A 1 81 ? 0.273   -5.709  12.218  1.00 35.65 ? 81  PRO A CB  1 
ATOM   618  C CG  . PRO A 1 81 ? -0.392  -5.669  10.858  1.00 37.44 ? 81  PRO A CG  1 
ATOM   619  C CD  . PRO A 1 81 ? -1.846  -5.714  11.218  1.00 34.08 ? 81  PRO A CD  1 
ATOM   620  N N   . THR A 1 82 ? -0.334  -2.614  12.003  1.00 28.72 ? 82  THR A N   1 
ATOM   621  C CA  . THR A 1 82 ? 0.177   -1.270  11.854  1.00 27.00 ? 82  THR A CA  1 
ATOM   622  C C   . THR A 1 82 ? -0.942  -0.387  11.415  1.00 28.52 ? 82  THR A C   1 
ATOM   623  O O   . THR A 1 82 ? -1.885  -0.840  10.757  1.00 29.60 ? 82  THR A O   1 
ATOM   624  C CB  . THR A 1 82 ? 1.310   -1.227  10.784  1.00 28.58 ? 82  THR A CB  1 
ATOM   625  O OG1 . THR A 1 82 ? 1.724   0.133   10.552  1.00 26.07 ? 82  THR A OG1 1 
ATOM   626  C CG2 . THR A 1 82 ? 0.844   -1.861  9.463   1.00 23.54 ? 82  THR A CG2 1 
ATOM   627  N N   . ASN A 1 83 ? -0.886  0.875   11.828  1.00 24.22 ? 83  ASN A N   1 
ATOM   628  C CA  . ASN A 1 83 ? -1.888  1.841   11.420  1.00 16.27 ? 83  ASN A CA  1 
ATOM   629  C C   . ASN A 1 83 ? -1.542  2.103   9.968   1.00 16.32 ? 83  ASN A C   1 
ATOM   630  O O   . ASN A 1 83 ? -0.359  2.153   9.591   1.00 11.21 ? 83  ASN A O   1 
ATOM   631  C CB  . ASN A 1 83 ? -1.749  3.109   12.198  1.00 19.56 ? 83  ASN A CB  1 
ATOM   632  C CG  . ASN A 1 83 ? -2.233  2.982   13.610  1.00 27.02 ? 83  ASN A CG  1 
ATOM   633  O OD1 . ASN A 1 83 ? -3.424  2.796   13.839  1.00 33.02 ? 83  ASN A OD1 1 
ATOM   634  N ND2 . ASN A 1 83 ? -1.324  3.086   14.573  1.00 30.51 ? 83  ASN A ND2 1 
ATOM   635  N N   . ILE A 1 84 ? -2.559  2.223   9.134   1.00 15.31 ? 84  ILE A N   1 
ATOM   636  C CA  . ILE A 1 84 ? -2.320  2.473   7.723   1.00 18.42 ? 84  ILE A CA  1 
ATOM   637  C C   . ILE A 1 84 ? -3.244  3.508   7.215   1.00 18.59 ? 84  ILE A C   1 
ATOM   638  O O   . ILE A 1 84 ? -4.433  3.453   7.493   1.00 22.88 ? 84  ILE A O   1 
ATOM   639  C CB  . ILE A 1 84 ? -2.382  1.125   6.891   1.00 20.10 ? 84  ILE A CB  1 
ATOM   640  C CG1 . ILE A 1 84 ? -3.077  1.300   5.565   1.00 19.49 ? 84  ILE A CG1 1 
ATOM   641  C CG2 . ILE A 1 84 ? -2.958  -0.030  7.715   1.00 20.22 ? 84  ILE A CG2 1 
ATOM   642  C CD1 . ILE A 1 84 ? -3.116  0.007   4.764   1.00 22.23 ? 84  ILE A CD1 1 
ATOM   643  N N   . ILE A 1 85 ? -2.701  4.537   6.572   1.00 15.24 ? 85  ILE A N   1 
ATOM   644  C CA  . ILE A 1 85 ? -3.555  5.584   6.015   1.00 17.81 ? 85  ILE A CA  1 
ATOM   645  C C   . ILE A 1 85 ? -3.591  5.455   4.502   1.00 15.47 ? 85  ILE A C   1 
ATOM   646  O O   . ILE A 1 85 ? -2.549  5.438   3.830   1.00 17.23 ? 85  ILE A O   1 
ATOM   647  C CB  . ILE A 1 85 ? -3.185  7.047   6.476   1.00 21.26 ? 85  ILE A CB  1 
ATOM   648  C CG1 . ILE A 1 85 ? -1.969  7.525   5.840   1.00 24.39 ? 85  ILE A CG1 1 
ATOM   649  C CG2 . ILE A 1 85 ? -3.009  7.111   7.993   1.00 16.56 ? 85  ILE A CG2 1 
ATOM   650  C CD1 . ILE A 1 85 ? -1.800  9.012   6.002   1.00 35.69 ? 85  ILE A CD1 1 
ATOM   651  N N   . GLY A 1 86 ? -4.797  5.298   3.970   1.00 14.72 ? 86  GLY A N   1 
ATOM   652  C CA  . GLY A 1 86 ? -4.956  5.114   2.542   1.00 12.06 ? 86  GLY A CA  1 
ATOM   653  C C   . GLY A 1 86 ? -5.284  6.330   1.710   1.00 8.52  ? 86  GLY A C   1 
ATOM   654  O O   . GLY A 1 86 ? -5.409  7.448   2.210   1.00 6.49  ? 86  GLY A O   1 
ATOM   655  N N   . ARG A 1 87 ? -5.514  6.068   0.434   1.00 8.81  ? 87  ARG A N   1 
ATOM   656  C CA  . ARG A 1 87 ? -5.816  7.101   -0.539  1.00 11.80 ? 87  ARG A CA  1 
ATOM   657  C C   . ARG A 1 87 ? -6.915  8.097   -0.164  1.00 12.88 ? 87  ARG A C   1 
ATOM   658  O O   . ARG A 1 87 ? -6.912  9.224   -0.661  1.00 14.19 ? 87  ARG A O   1 
ATOM   659  C CB  . ARG A 1 87 ? -6.161  6.472   -1.905  1.00 5.24  ? 87  ARG A CB  1 
ATOM   660  C CG  . ARG A 1 87 ? -5.039  5.707   -2.557  1.00 3.74  ? 87  ARG A CG  1 
ATOM   661  C CD  . ARG A 1 87 ? -5.440  5.332   -3.971  1.00 6.88  ? 87  ARG A CD  1 
ATOM   662  N NE  . ARG A 1 87 ? -6.661  4.535   -3.973  1.00 19.39 ? 87  ARG A NE  1 
ATOM   663  C CZ  . ARG A 1 87 ? -7.810  4.917   -4.517  1.00 20.24 ? 87  ARG A CZ  1 
ATOM   664  N NH1 . ARG A 1 87 ? -8.861  4.106   -4.462  1.00 29.74 ? 87  ARG A NH1 1 
ATOM   665  N NH2 . ARG A 1 87 ? -7.925  6.101   -5.094  1.00 20.23 ? 87  ARG A NH2 1 
ATOM   666  N N   . ASN A 1 88 ? -7.838  7.717   0.716   1.00 12.26 ? 88  ASN A N   1 
ATOM   667  C CA  . ASN A 1 88 ? -8.910  8.621   1.060   1.00 13.27 ? 88  ASN A CA  1 
ATOM   668  C C   . ASN A 1 88 ? -8.415  9.884   1.815   1.00 19.19 ? 88  ASN A C   1 
ATOM   669  O O   . ASN A 1 88 ? -8.874  11.001  1.540   1.00 22.67 ? 88  ASN A O   1 
ATOM   670  C CB  . ASN A 1 88 ? -10.068 7.889   1.832   1.00 8.66  ? 88  ASN A CB  1 
ATOM   671  C CG  . ASN A 1 88 ? -9.682  7.494   3.238   1.00 17.24 ? 88  ASN A CG  1 
ATOM   672  O OD1 . ASN A 1 88 ? -8.558  7.053   3.486   1.00 24.16 ? 88  ASN A OD1 1 
ATOM   673  N ND2 . ASN A 1 88 ? -10.610 7.639   4.172   1.00 12.98 ? 88  ASN A ND2 1 
ATOM   674  N N   . LEU A 1 89 ? -7.456  9.706   2.719   1.00 20.03 ? 89  LEU A N   1 
ATOM   675  C CA  . LEU A 1 89 ? -6.937  10.833  3.490   1.00 14.18 ? 89  LEU A CA  1 
ATOM   676  C C   . LEU A 1 89 ? -5.739  11.479  2.833   1.00 15.55 ? 89  LEU A C   1 
ATOM   677  O O   . LEU A 1 89 ? -5.477  12.662  3.038   1.00 16.00 ? 89  LEU A O   1 
ATOM   678  C CB  . LEU A 1 89 ? -6.603  10.403  4.900   1.00 12.94 ? 89  LEU A CB  1 
ATOM   679  C CG  . LEU A 1 89 ? -7.810  10.011  5.748   1.00 14.02 ? 89  LEU A CG  1 
ATOM   680  C CD1 . LEU A 1 89 ? -7.340  9.458   7.073   1.00 15.40 ? 89  LEU A CD1 1 
ATOM   681  C CD2 . LEU A 1 89 ? -8.740  11.203  5.960   1.00 20.97 ? 89  LEU A CD2 1 
ATOM   682  N N   . LEU A 1 90 ? -5.037  10.724  1.991   1.00 12.01 ? 90  LEU A N   1 
ATOM   683  C CA  . LEU A 1 90 ? -3.858  11.228  1.309   1.00 10.83 ? 90  LEU A CA  1 
ATOM   684  C C   . LEU A 1 90 ? -4.152  12.294  0.288   1.00 11.85 ? 90  LEU A C   1 
ATOM   685  O O   . LEU A 1 90 ? -3.397  13.265  0.166   1.00 22.86 ? 90  LEU A O   1 
ATOM   686  C CB  . LEU A 1 90 ? -3.063  10.060  0.650   1.00 7.67  ? 90  LEU A CB  1 
ATOM   687  C CG  . LEU A 1 90 ? -2.435  9.019   1.567   1.00 7.14  ? 90  LEU A CG  1 
ATOM   688  C CD1 . LEU A 1 90 ? -1.872  7.952   0.682   1.00 2.06  ? 90  LEU A CD1 1 
ATOM   689  C CD2 . LEU A 1 90 ? -1.354  9.614   2.473   1.00 9.43  ? 90  LEU A CD2 1 
ATOM   690  N N   . THR A 1 91 ? -5.249  12.150  -0.442  1.00 14.17 ? 91  THR A N   1 
ATOM   691  C CA  . THR A 1 91 ? -5.618  13.129  -1.457  1.00 10.44 ? 91  THR A CA  1 
ATOM   692  C C   . THR A 1 91 ? -5.927  14.433  -0.769  1.00 10.36 ? 91  THR A C   1 
ATOM   693  O O   . THR A 1 91 ? -5.694  15.507  -1.308  1.00 11.12 ? 91  THR A O   1 
ATOM   694  C CB  . THR A 1 91 ? -6.859  12.686  -2.236  1.00 6.82  ? 91  THR A CB  1 
ATOM   695  O OG1 . THR A 1 91 ? -7.842  12.156  -1.326  1.00 6.65  ? 91  THR A OG1 1 
ATOM   696  C CG2 . THR A 1 91 ? -6.488  11.633  -3.223  1.00 6.29  ? 91  THR A CG2 1 
ATOM   697  N N   . GLN A 1 92 ? -6.454  14.340  0.445   1.00 10.75 ? 92  GLN A N   1 
ATOM   698  C CA  . GLN A 1 92 ? -6.804  15.519  1.226   1.00 18.01 ? 92  GLN A CA  1 
ATOM   699  C C   . GLN A 1 92 ? -5.561  16.417  1.543   1.00 19.30 ? 92  GLN A C   1 
ATOM   700  O O   . GLN A 1 92 ? -5.688  17.639  1.679   1.00 20.73 ? 92  GLN A O   1 
ATOM   701  C CB  . GLN A 1 92 ? -7.502  15.106  2.548   1.00 20.78 ? 92  GLN A CB  1 
ATOM   702  C CG  . GLN A 1 92 ? -8.946  14.633  2.368   1.00 25.07 ? 92  GLN A CG  1 
ATOM   703  C CD  . GLN A 1 92 ? -9.930  15.787  2.214   1.00 30.83 ? 92  GLN A CD  1 
ATOM   704  O OE1 . GLN A 1 92 ? -10.394 16.074  1.110   1.00 22.78 ? 92  GLN A OE1 1 
ATOM   705  N NE2 . GLN A 1 92 ? -10.273 16.443  3.343   1.00 27.91 ? 92  GLN A NE2 1 
ATOM   706  N N   . ILE A 1 93 ? -4.395  15.794  1.716   1.00 19.06 ? 93  ILE A N   1 
ATOM   707  C CA  . ILE A 1 93 ? -3.173  16.553  2.017   1.00 11.70 ? 93  ILE A CA  1 
ATOM   708  C C   . ILE A 1 93 ? -2.373  16.850  0.774   1.00 11.50 ? 93  ILE A C   1 
ATOM   709  O O   . ILE A 1 93 ? -1.306  17.439  0.844   1.00 17.35 ? 93  ILE A O   1 
ATOM   710  C CB  . ILE A 1 93 ? -2.280  15.833  3.047   1.00 9.42  ? 93  ILE A CB  1 
ATOM   711  C CG1 . ILE A 1 93 ? -1.706  14.570  2.454   1.00 9.14  ? 93  ILE A CG1 1 
ATOM   712  C CG2 . ILE A 1 93 ? -3.104  15.515  4.307   1.00 6.84  ? 93  ILE A CG2 1 
ATOM   713  C CD1 . ILE A 1 93 ? -0.899  13.789  3.459   1.00 11.24 ? 93  ILE A CD1 1 
ATOM   714  N N   . GLY A 1 94 ? -2.861  16.419  -0.377  1.00 10.44 ? 94  GLY A N   1 
ATOM   715  C CA  . GLY A 1 94 ? -2.163  16.694  -1.623  1.00 13.14 ? 94  GLY A CA  1 
ATOM   716  C C   . GLY A 1 94 ? -0.995  15.791  -1.957  1.00 16.50 ? 94  GLY A C   1 
ATOM   717  O O   . GLY A 1 94 ? -0.239  16.069  -2.889  1.00 19.89 ? 94  GLY A O   1 
ATOM   718  N N   . CYS A 1 95 ? -0.883  14.668  -1.256  1.00 18.15 ? 95  CYS A N   1 
ATOM   719  C CA  . CYS A 1 95 ? 0.209   13.732  -1.479  1.00 17.90 ? 95  CYS A CA  1 
ATOM   720  C C   . CYS A 1 95 ? 0.217   13.144  -2.885  1.00 15.99 ? 95  CYS A C   1 
ATOM   721  O O   . CYS A 1 95 ? -0.796  12.636  -3.354  1.00 15.26 ? 95  CYS A O   1 
ATOM   722  C CB  . CYS A 1 95 ? 0.149   12.590  -0.435  1.00 25.38 ? 95  CYS A CB  1 
ATOM   723  S SG  . CYS A 1 95 ? 1.388   11.294  -0.663  1.00 32.94 ? 95  CYS A SG  1 
ATOM   724  N N   . THR A 1 96 ? 1.347   13.278  -3.573  1.00 15.45 ? 96  THR A N   1 
ATOM   725  C CA  . THR A 1 96 ? 1.501   12.712  -4.915  1.00 16.38 ? 96  THR A CA  1 
ATOM   726  C C   . THR A 1 96 ? 2.597   11.615  -4.904  1.00 18.59 ? 96  THR A C   1 
ATOM   727  O O   . THR A 1 96 ? 3.204   11.335  -3.856  1.00 19.91 ? 96  THR A O   1 
ATOM   728  C CB  . THR A 1 96 ? 1.854   13.770  -5.989  1.00 18.91 ? 96  THR A CB  1 
ATOM   729  O OG1 . THR A 1 96 ? 3.058   14.460  -5.634  1.00 25.82 ? 96  THR A OG1 1 
ATOM   730  C CG2 . THR A 1 96 ? 0.729   14.768  -6.139  1.00 23.01 ? 96  THR A CG2 1 
ATOM   731  N N   . LEU A 1 97 ? 2.867   11.049  -6.079  1.00 12.16 ? 97  LEU A N   1 
ATOM   732  C CA  . LEU A 1 97 ? 3.828   9.975   -6.265  1.00 11.14 ? 97  LEU A CA  1 
ATOM   733  C C   . LEU A 1 97 ? 4.654   10.433  -7.440  1.00 14.23 ? 97  LEU A C   1 
ATOM   734  O O   . LEU A 1 97 ? 4.076   10.786  -8.469  1.00 16.30 ? 97  LEU A O   1 
ATOM   735  C CB  . LEU A 1 97 ? 3.029   8.709   -6.656  1.00 15.91 ? 97  LEU A CB  1 
ATOM   736  C CG  . LEU A 1 97 ? 3.378   7.320   -6.276  1.00 12.73 ? 97  LEU A CG  1 
ATOM   737  C CD1 . LEU A 1 97 ? 3.537   7.220   -4.781  1.00 15.10 ? 97  LEU A CD1 1 
ATOM   738  C CD2 . LEU A 1 97 ? 2.252   6.424   -6.736  1.00 6.98  ? 97  LEU A CD2 1 
ATOM   739  N N   . ASN A 1 98 ? 5.986   10.480  -7.319  1.00 19.33 ? 98  ASN A N   1 
ATOM   740  C CA  . ASN A 1 98 ? 6.840   10.953  -8.431  1.00 21.13 ? 98  ASN A CA  1 
ATOM   741  C C   . ASN A 1 98 ? 7.969   10.029  -8.791  1.00 21.81 ? 98  ASN A C   1 
ATOM   742  O O   . ASN A 1 98 ? 8.512   9.360   -7.909  1.00 26.80 ? 98  ASN A O   1 
ATOM   743  C CB  . ASN A 1 98 ? 7.487   12.367  -8.082  1.00 26.18 ? 98  ASN A CB  1 
ATOM   744  C CG  . ASN A 1 98 ? 6.464   13.456  -7.782  1.00 32.23 ? 98  ASN A CG  1 
ATOM   745  O OD1 . ASN A 1 98 ? 6.077   13.655  -6.621  1.00 33.74 ? 98  ASN A OD1 1 
ATOM   746  N ND2 . ASN A 1 98 ? 6.036   14.181  -8.824  1.00 32.83 ? 98  ASN A ND2 1 
ATOM   747  N N   . PHE A 1 99 ? 8.349   9.999   -10.075 1.00 21.97 ? 99  PHE A N   1 
ATOM   748  C CA  . PHE A 1 99 ? 9.473   9.169   -10.539 1.00 25.96 ? 99  PHE A CA  1 
ATOM   749  C C   . PHE A 1 99 ? 9.981   9.480   -11.929 1.00 27.86 ? 99  PHE A C   1 
ATOM   750  O O   . PHE A 1 99 ? 9.156   9.897   -12.770 1.00 35.75 ? 99  PHE A O   1 
ATOM   751  C CB  . PHE A 1 99 ? 9.157   7.618   -10.414 1.00 31.46 ? 99  PHE A CB  1 
ATOM   752  C CG  . PHE A 1 99 ? 8.063   7.112   -11.338 1.00 37.06 ? 99  PHE A CG  1 
ATOM   753  C CD1 . PHE A 1 99 ? 8.343   6.718   -12.642 1.00 42.21 ? 99  PHE A CD1 1 
ATOM   754  C CD2 . PHE A 1 99 ? 6.762   6.991   -10.882 1.00 39.89 ? 99  PHE A CD2 1 
ATOM   755  C CE1 . PHE A 1 99 ? 7.337   6.202   -13.484 1.00 45.94 ? 99  PHE A CE1 1 
ATOM   756  C CE2 . PHE A 1 99 ? 5.752   6.485   -11.694 1.00 44.01 ? 99  PHE A CE2 1 
ATOM   757  C CZ  . PHE A 1 99 ? 6.032   6.086   -13.006 1.00 47.77 ? 99  PHE A CZ  1 
ATOM   758  N N   . PRO B 1 1  ? 6.803   11.149  -14.149 1.00 35.18 ? 201 PRO B N   1 
ATOM   759  C CA  . PRO B 1 1  ? 5.440   11.749  -14.048 1.00 30.60 ? 201 PRO B CA  1 
ATOM   760  C C   . PRO B 1 1  ? 5.044   12.018  -12.611 1.00 28.46 ? 201 PRO B C   1 
ATOM   761  O O   . PRO B 1 1  ? 5.714   11.587  -11.679 1.00 29.91 ? 201 PRO B O   1 
ATOM   762  C CB  . PRO B 1 1  ? 4.451   10.783  -14.650 1.00 33.85 ? 201 PRO B CB  1 
ATOM   763  C CG  . PRO B 1 1  ? 5.060   9.465   -14.285 1.00 34.74 ? 201 PRO B CG  1 
ATOM   764  C CD  . PRO B 1 1  ? 6.497   9.767   -14.633 1.00 37.50 ? 201 PRO B CD  1 
ATOM   765  N N   . GLN B 1 2  ? 3.952   12.753  -12.445 1.00 26.13 ? 202 GLN B N   1 
ATOM   766  C CA  . GLN B 1 2  ? 3.392   13.075  -11.132 1.00 23.30 ? 202 GLN B CA  1 
ATOM   767  C C   . GLN B 1 2  ? 2.117   12.282  -11.131 1.00 20.86 ? 202 GLN B C   1 
ATOM   768  O O   . GLN B 1 2  ? 1.440   12.239  -12.147 1.00 24.49 ? 202 GLN B O   1 
ATOM   769  C CB  . GLN B 1 2  ? 3.066   14.593  -11.038 1.00 23.16 ? 202 GLN B CB  1 
ATOM   770  C CG  . GLN B 1 2  ? 2.534   15.072  -9.696  1.00 30.77 ? 202 GLN B CG  1 
ATOM   771  C CD  . GLN B 1 2  ? 1.855   16.434  -9.795  1.00 36.85 ? 202 GLN B CD  1 
ATOM   772  O OE1 . GLN B 1 2  ? 2.330   17.326  -10.501 1.00 42.52 ? 202 GLN B OE1 1 
ATOM   773  N NE2 . GLN B 1 2  ? 0.725   16.588  -9.109  1.00 37.30 ? 202 GLN B NE2 1 
ATOM   774  N N   . ILE B 1 3  ? 1.814   11.574  -10.053 1.00 18.11 ? 203 ILE B N   1 
ATOM   775  C CA  . ILE B 1 3  ? 0.586   10.794  -9.993  1.00 14.95 ? 203 ILE B CA  1 
ATOM   776  C C   . ILE B 1 3  ? -0.150  11.101  -8.767  1.00 12.50 ? 203 ILE B C   1 
ATOM   777  O O   . ILE B 1 3  ? 0.424   11.130  -7.691  1.00 9.38  ? 203 ILE B O   1 
ATOM   778  C CB  . ILE B 1 3  ? 0.853   9.238   -10.070 1.00 20.49 ? 203 ILE B CB  1 
ATOM   779  C CG1 . ILE B 1 3  ? 1.235   8.824   -11.507 1.00 21.43 ? 203 ILE B CG1 1 
ATOM   780  C CG2 . ILE B 1 3  ? -0.400  8.447   -9.685  1.00 17.63 ? 203 ILE B CG2 1 
ATOM   781  C CD1 . ILE B 1 3  ? 2.402   7.867   -11.613 1.00 16.95 ? 203 ILE B CD1 1 
ATOM   782  N N   . THR B 1 4  ? -1.432  11.419  -8.927  1.00 15.22 ? 204 THR B N   1 
ATOM   783  C CA  . THR B 1 4  ? -2.294  11.723  -7.777  1.00 13.66 ? 204 THR B CA  1 
ATOM   784  C C   . THR B 1 4  ? -3.081  10.437  -7.312  1.00 11.47 ? 204 THR B C   1 
ATOM   785  O O   . THR B 1 4  ? -3.161  9.431   -8.021  1.00 10.84 ? 204 THR B O   1 
ATOM   786  C CB  . THR B 1 4  ? -3.279  12.889  -8.060  1.00 18.17 ? 204 THR B CB  1 
ATOM   787  O OG1 . THR B 1 4  ? -3.996  12.636  -9.281  1.00 20.07 ? 204 THR B OG1 1 
ATOM   788  C CG2 . THR B 1 4  ? -2.522  14.201  -8.191  1.00 17.75 ? 204 THR B CG2 1 
ATOM   789  N N   . LEU B 1 5  ? -3.672  10.517  -6.135  1.00 9.37  ? 205 LEU B N   1 
ATOM   790  C CA  . LEU B 1 5  ? -4.373  9.391   -5.574  1.00 6.91  ? 205 LEU B CA  1 
ATOM   791  C C   . LEU B 1 5  ? -5.918  9.451   -5.561  1.00 9.96  ? 205 LEU B C   1 
ATOM   792  O O   . LEU B 1 5  ? -6.555  8.924   -4.640  1.00 13.58 ? 205 LEU B O   1 
ATOM   793  C CB  . LEU B 1 5  ? -3.801  9.122   -4.134  1.00 6.94  ? 205 LEU B CB  1 
ATOM   794  C CG  . LEU B 1 5  ? -2.253  9.157   -4.123  1.00 12.12 ? 205 LEU B CG  1 
ATOM   795  C CD1 . LEU B 1 5  ? -1.733  8.980   -2.723  1.00 16.84 ? 205 LEU B CD1 1 
ATOM   796  C CD2 . LEU B 1 5  ? -1.675  8.103   -5.064  1.00 14.15 ? 205 LEU B CD2 1 
ATOM   797  N N   . TRP B 1 6  ? -6.525  10.100  -6.549  1.00 14.78 ? 206 TRP B N   1 
ATOM   798  C CA  . TRP B 1 6  ? -7.985  10.169  -6.599  1.00 15.67 ? 206 TRP B CA  1 
ATOM   799  C C   . TRP B 1 6  ? -8.462  8.871   -7.139  1.00 17.58 ? 206 TRP B C   1 
ATOM   800  O O   . TRP B 1 6  ? -9.449  8.324   -6.652  1.00 17.52 ? 206 TRP B O   1 
ATOM   801  C CB  . TRP B 1 6  ? -8.483  11.371  -7.468  1.00 11.73 ? 206 TRP B CB  1 
ATOM   802  C CG  . TRP B 1 6  ? -7.972  12.671  -6.971  1.00 8.00  ? 206 TRP B CG  1 
ATOM   803  C CD1 . TRP B 1 6  ? -6.908  13.384  -7.468  1.00 12.11 ? 206 TRP B CD1 1 
ATOM   804  C CD2 . TRP B 1 6  ? -8.436  13.417  -5.828  1.00 4.64  ? 206 TRP B CD2 1 
ATOM   805  N NE1 . TRP B 1 6  ? -6.683  14.504  -6.697  1.00 7.15  ? 206 TRP B NE1 1 
ATOM   806  C CE2 . TRP B 1 6  ? -7.600  14.553  -5.696  1.00 4.52  ? 206 TRP B CE2 1 
ATOM   807  C CE3 . TRP B 1 6  ? -9.486  13.245  -4.905  1.00 7.35  ? 206 TRP B CE3 1 
ATOM   808  C CZ2 . TRP B 1 6  ? -7.781  15.507  -4.674  1.00 11.61 ? 206 TRP B CZ2 1 
ATOM   809  C CZ3 . TRP B 1 6  ? -9.654  14.200  -3.900  1.00 8.01  ? 206 TRP B CZ3 1 
ATOM   810  C CH2 . TRP B 1 6  ? -8.806  15.314  -3.797  1.00 10.06 ? 206 TRP B CH2 1 
ATOM   811  N N   . GLN B 1 7  ? -7.823  8.422   -8.217  1.00 19.68 ? 207 GLN B N   1 
ATOM   812  C CA  . GLN B 1 7  ? -8.107  7.116   -8.793  1.00 27.84 ? 207 GLN B CA  1 
ATOM   813  C C   . GLN B 1 7  ? -6.839  6.242   -8.256  1.00 28.08 ? 207 GLN B C   1 
ATOM   814  O O   . GLN B 1 7  ? -5.796  6.814   -7.919  1.00 25.86 ? 207 GLN B O   1 
ATOM   815  C CB  . GLN B 1 7  ? -8.144  7.159   -10.376 1.00 35.42 ? 207 GLN B CB  1 
ATOM   816  C CG  . GLN B 1 7  ? -9.465  7.635   -11.007 1.00 45.03 ? 207 GLN B CG  1 
ATOM   817  C CD  . GLN B 1 7  ? -9.512  9.142   -11.289 1.00 57.34 ? 207 GLN B CD  1 
ATOM   818  O OE1 . GLN B 1 7  ? -8.574  9.713   -11.851 1.00 60.92 ? 207 GLN B OE1 1 
ATOM   819  N NE2 . GLN B 1 7  ? -10.626 9.780   -10.930 1.00 60.32 ? 207 GLN B NE2 1 
ATOM   820  N N   . ARG B 1 8  ? -6.970  4.920   -8.148  1.00 23.60 ? 208 ARG B N   1 
ATOM   821  C CA  . ARG B 1 8  ? -5.856  4.104   -7.676  1.00 17.24 ? 208 ARG B CA  1 
ATOM   822  C C   . ARG B 1 8  ? -4.720  4.154   -8.722  1.00 12.01 ? 208 ARG B C   1 
ATOM   823  O O   . ARG B 1 8  ? -4.983  4.072   -9.927  1.00 11.03 ? 208 ARG B O   1 
ATOM   824  C CB  . ARG B 1 8  ? -6.315  2.653   -7.308  1.00 20.88 ? 208 ARG B CB  1 
ATOM   825  C CG  . ARG B 1 8  ? -6.785  1.783   -8.430  1.00 28.90 ? 208 ARG B CG  1 
ATOM   826  C CD  . ARG B 1 8  ? -7.939  0.891   -7.967  1.00 37.25 ? 208 ARG B CD  1 
ATOM   827  N NE  . ARG B 1 8  ? -7.598  -0.065  -6.921  1.00 37.57 ? 208 ARG B NE  1 
ATOM   828  C CZ  . ARG B 1 8  ? -8.462  -0.498  -6.007  1.00 40.47 ? 208 ARG B CZ  1 
ATOM   829  N NH1 . ARG B 1 8  ? -8.079  -1.377  -5.094  1.00 42.54 ? 208 ARG B NH1 1 
ATOM   830  N NH2 . ARG B 1 8  ? -9.712  -0.056  -5.998  1.00 41.51 ? 208 ARG B NH2 1 
ATOM   831  N N   . PRO B 1 9  ? -3.464  4.373   -8.273  1.00 9.69  ? 209 PRO B N   1 
ATOM   832  C CA  . PRO B 1 9  ? -2.256  4.474   -9.100  1.00 8.67  ? 209 PRO B CA  1 
ATOM   833  C C   . PRO B 1 9  ? -1.846  3.234   -9.795  1.00 14.07 ? 209 PRO B C   1 
ATOM   834  O O   . PRO B 1 9  ? -1.186  2.372   -9.218  1.00 19.19 ? 209 PRO B O   1 
ATOM   835  C CB  . PRO B 1 9  ? -1.216  4.980   -8.116  1.00 7.30  ? 209 PRO B CB  1 
ATOM   836  C CG  . PRO B 1 9  ? -1.662  4.334   -6.824  1.00 13.09 ? 209 PRO B CG  1 
ATOM   837  C CD  . PRO B 1 9  ? -3.137  4.528   -6.842  1.00 9.87  ? 209 PRO B CD  1 
ATOM   838  N N   . VAL B 1 10 ? -2.234  3.133   -11.061 1.00 13.97 ? 210 VAL B N   1 
ATOM   839  C CA  . VAL B 1 10 ? -1.939  1.973   -11.878 1.00 14.94 ? 210 VAL B CA  1 
ATOM   840  C C   . VAL B 1 10 ? -1.086  2.340   -13.028 1.00 18.69 ? 210 VAL B C   1 
ATOM   841  O O   . VAL B 1 10 ? -1.374  3.308   -13.740 1.00 17.36 ? 210 VAL B O   1 
ATOM   842  C CB  . VAL B 1 10 ? -3.254  1.342   -12.416 1.00 19.37 ? 210 VAL B CB  1 
ATOM   843  C CG1 . VAL B 1 10 ? -2.961  0.192   -13.381 1.00 20.86 ? 210 VAL B CG1 1 
ATOM   844  C CG2 . VAL B 1 10 ? -4.090  0.835   -11.256 1.00 18.83 ? 210 VAL B CG2 1 
ATOM   845  N N   . VAL B 1 11 ? -0.024  1.563   -13.233 1.00 15.95 ? 211 VAL B N   1 
ATOM   846  C CA  . VAL B 1 11 ? 0.891   1.790   -14.342 1.00 16.49 ? 211 VAL B CA  1 
ATOM   847  C C   . VAL B 1 11 ? 0.969   0.580   -15.223 1.00 16.75 ? 211 VAL B C   1 
ATOM   848  O O   . VAL B 1 11 ? 0.642   -0.513  -14.795 1.00 13.51 ? 211 VAL B O   1 
ATOM   849  C CB  . VAL B 1 11 ? 2.316   2.142   -13.860 1.00 15.68 ? 211 VAL B CB  1 
ATOM   850  C CG1 . VAL B 1 11 ? 2.342   3.553   -13.320 1.00 16.37 ? 211 VAL B CG1 1 
ATOM   851  C CG2 . VAL B 1 11 ? 2.777   1.155   -12.805 1.00 14.45 ? 211 VAL B CG2 1 
ATOM   852  N N   . THR B 1 12 ? 1.415   0.778   -16.458 1.00 20.67 ? 212 THR B N   1 
ATOM   853  C CA  . THR B 1 12 ? 1.563   -0.302  -17.420 1.00 24.06 ? 212 THR B CA  1 
ATOM   854  C C   . THR B 1 12 ? 3.020   -0.840  -17.353 1.00 29.45 ? 212 THR B C   1 
ATOM   855  O O   . THR B 1 12 ? 3.963   -0.127  -17.674 1.00 34.26 ? 212 THR B O   1 
ATOM   856  C CB  . THR B 1 12 ? 1.302   0.205   -18.848 1.00 27.11 ? 212 THR B CB  1 
ATOM   857  O OG1 . THR B 1 12 ? 0.009   0.829   -18.906 1.00 30.78 ? 212 THR B OG1 1 
ATOM   858  C CG2 . THR B 1 12 ? 1.379   -0.936  -19.864 1.00 29.85 ? 212 THR B CG2 1 
ATOM   859  N N   . ILE B 1 13 ? 3.178   -2.078  -16.902 1.00 30.17 ? 213 ILE B N   1 
ATOM   860  C CA  . ILE B 1 13 ? 4.496   -2.715  -16.816 1.00 29.79 ? 213 ILE B CA  1 
ATOM   861  C C   . ILE B 1 13 ? 4.638   -3.813  -17.928 1.00 31.07 ? 213 ILE B C   1 
ATOM   862  O O   . ILE B 1 13 ? 3.652   -4.203  -18.555 1.00 32.33 ? 213 ILE B O   1 
ATOM   863  C CB  . ILE B 1 13 ? 4.723   -3.411  -15.449 1.00 28.02 ? 213 ILE B CB  1 
ATOM   864  C CG1 . ILE B 1 13 ? 3.774   -4.598  -15.294 1.00 26.94 ? 213 ILE B CG1 1 
ATOM   865  C CG2 . ILE B 1 13 ? 4.540   -2.420  -14.310 1.00 26.79 ? 213 ILE B CG2 1 
ATOM   866  C CD1 . ILE B 1 13 ? 4.177   -5.567  -14.196 1.00 23.23 ? 213 ILE B CD1 1 
ATOM   867  N N   . LYS B 1 14 ? 5.862   -4.284  -18.144 1.00 28.72 ? 214 LYS B N   1 
ATOM   868  C CA  . LYS B 1 14 ? 6.116   -5.334  -19.126 1.00 28.47 ? 214 LYS B CA  1 
ATOM   869  C C   . LYS B 1 14 ? 6.920   -6.375  -18.483 1.00 33.97 ? 214 LYS B C   1 
ATOM   870  O O   . LYS B 1 14 ? 8.045   -6.119  -18.057 1.00 34.36 ? 214 LYS B O   1 
ATOM   871  C CB  . LYS B 1 14 ? 6.841   -4.797  -20.379 1.00 20.63 ? 214 LYS B CB  1 
ATOM   872  C CG  . LYS B 1 14 ? 7.083   -5.878  -21.430 1.00 24.83 ? 214 LYS B CG  1 
ATOM   873  C CD  . LYS B 1 14 ? 7.497   -5.331  -22.807 1.00 28.61 ? 214 LYS B CD  1 
ATOM   874  C CE  . LYS B 1 14 ? 8.929   -4.817  -22.847 1.00 25.13 ? 214 LYS B CE  1 
ATOM   875  N NZ  . LYS B 1 14 ? 9.364   -4.474  -24.245 1.00 26.55 ? 214 LYS B NZ  1 
ATOM   876  N N   . ILE B 1 15 ? 6.340   -7.561  -18.344 1.00 39.42 ? 215 ILE B N   1 
ATOM   877  C CA  . ILE B 1 15 ? 7.045   -8.682  -17.730 1.00 45.21 ? 215 ILE B CA  1 
ATOM   878  C C   . ILE B 1 15 ? 6.830   -9.893  -18.560 1.00 51.09 ? 215 ILE B C   1 
ATOM   879  O O   . ILE B 1 15 ? 5.720   -10.409 -18.650 1.00 57.20 ? 215 ILE B O   1 
ATOM   880  C CB  . ILE B 1 15 ? 6.607   -8.904  -16.251 1.00 42.37 ? 215 ILE B CB  1 
ATOM   881  C CG1 . ILE B 1 15 ? 7.261   -10.184 -15.672 1.00 41.89 ? 215 ILE B CG1 1 
ATOM   882  C CG2 . ILE B 1 15 ? 5.088   -8.889  -16.116 1.00 44.17 ? 215 ILE B CG2 1 
ATOM   883  C CD1 . ILE B 1 15 ? 7.660   -10.046 -14.202 1.00 41.98 ? 215 ILE B CD1 1 
ATOM   884  N N   . GLY B 1 16 ? 7.890   -10.318 -19.240 1.00 54.23 ? 216 GLY B N   1 
ATOM   885  C CA  . GLY B 1 16 ? 7.815   -11.479 -20.107 1.00 54.23 ? 216 GLY B CA  1 
ATOM   886  C C   . GLY B 1 16 ? 7.343   -11.138 -21.507 1.00 53.42 ? 216 GLY B C   1 
ATOM   887  O O   . GLY B 1 16 ? 6.854   -12.012 -22.224 1.00 56.58 ? 216 GLY B O   1 
ATOM   888  N N   . GLY B 1 17 ? 7.497   -9.870  -21.893 1.00 52.76 ? 217 GLY B N   1 
ATOM   889  C CA  . GLY B 1 17 ? 7.085   -9.411  -23.211 1.00 50.84 ? 217 GLY B CA  1 
ATOM   890  C C   . GLY B 1 17 ? 5.609   -9.056  -23.325 1.00 49.85 ? 217 GLY B C   1 
ATOM   891  O O   . GLY B 1 17 ? 5.176   -8.456  -24.302 1.00 45.98 ? 217 GLY B O   1 
ATOM   892  N N   . GLN B 1 18 ? 4.843   -9.418  -22.301 1.00 51.92 ? 218 GLN B N   1 
ATOM   893  C CA  . GLN B 1 18 ? 3.407   -9.168  -22.273 1.00 53.89 ? 218 GLN B CA  1 
ATOM   894  C C   . GLN B 1 18 ? 3.117   -7.957  -21.416 1.00 51.41 ? 218 GLN B C   1 
ATOM   895  O O   . GLN B 1 18 ? 3.725   -7.784  -20.356 1.00 51.51 ? 218 GLN B O   1 
ATOM   896  C CB  . GLN B 1 18 ? 2.647   -10.426 -21.705 1.00 60.28 ? 218 GLN B CB  1 
ATOM   897  C CG  . GLN B 1 18 ? 2.225   -11.475 -22.750 1.00 69.63 ? 218 GLN B CG  1 
ATOM   898  C CD  . GLN B 1 18 ? 3.369   -12.351 -23.249 1.00 74.49 ? 218 GLN B CD  1 
ATOM   899  O OE1 . GLN B 1 18 ? 3.609   -12.451 -24.455 1.00 75.99 ? 218 GLN B OE1 1 
ATOM   900  N NE2 . GLN B 1 18 ? 4.049   -13.022 -22.329 1.00 77.10 ? 218 GLN B NE2 1 
ATOM   901  N N   . LEU B 1 19 ? 2.183   -7.119  -21.857 1.00 48.06 ? 219 LEU B N   1 
ATOM   902  C CA  . LEU B 1 19 ? 1.829   -5.920  -21.101 1.00 44.38 ? 219 LEU B CA  1 
ATOM   903  C C   . LEU B 1 19 ? 0.816   -6.187  -20.056 1.00 41.25 ? 219 LEU B C   1 
ATOM   904  O O   . LEU B 1 19 ? -0.235  -6.760  -20.329 1.00 43.30 ? 219 LEU B O   1 
ATOM   905  C CB  . LEU B 1 19 ? 1.304   -4.789  -22.027 1.00 46.89 ? 219 LEU B CB  1 
ATOM   906  C CG  . LEU B 1 19 ? 2.317   -3.904  -22.726 1.00 49.21 ? 219 LEU B CG  1 
ATOM   907  C CD1 . LEU B 1 19 ? 1.605   -2.711  -23.365 1.00 50.45 ? 219 LEU B CD1 1 
ATOM   908  C CD2 . LEU B 1 19 ? 3.313   -3.419  -21.702 1.00 50.06 ? 219 LEU B CD2 1 
ATOM   909  N N   . MET B 1 20 ? 1.138   -5.821  -18.826 1.00 35.73 ? 220 MET B N   1 
ATOM   910  C CA  . MET B 1 20 ? 0.203   -5.994  -17.726 1.00 31.25 ? 220 MET B CA  1 
ATOM   911  C C   . MET B 1 20 ? -0.025  -4.653  -17.057 1.00 28.43 ? 220 MET B C   1 
ATOM   912  O O   . MET B 1 20 ? 0.497   -3.634  -17.499 1.00 24.98 ? 220 MET B O   1 
ATOM   913  C CB  . MET B 1 20 ? 0.723   -6.956  -16.733 1.00 32.77 ? 220 MET B CB  1 
ATOM   914  C CG  . MET B 1 20 ? 1.055   -8.302  -17.303 1.00 33.71 ? 220 MET B CG  1 
ATOM   915  S SD  . MET B 1 20 ? 1.467   -9.316  -15.938 1.00 37.08 ? 220 MET B SD  1 
ATOM   916  C CE  . MET B 1 20 ? -0.172  -9.909  -15.512 1.00 42.62 ? 220 MET B CE  1 
ATOM   917  N N   . GLU B 1 21 ? -0.857  -4.644  -16.025 1.00 23.64 ? 221 GLU B N   1 
ATOM   918  C CA  . GLU B 1 21 ? -1.170  -3.430  -15.298 1.00 23.07 ? 221 GLU B CA  1 
ATOM   919  C C   . GLU B 1 21 ? -0.900  -3.699  -13.865 1.00 20.31 ? 221 GLU B C   1 
ATOM   920  O O   . GLU B 1 21 ? -1.220  -4.775  -13.364 1.00 19.77 ? 221 GLU B O   1 
ATOM   921  C CB  . GLU B 1 21 ? -2.678  -3.038  -15.497 1.00 31.15 ? 221 GLU B CB  1 
ATOM   922  C CG  . GLU B 1 21 ? -2.969  -2.057  -16.650 1.00 41.85 ? 221 GLU B CG  1 
ATOM   923  C CD  . GLU B 1 21 ? -2.985  -2.706  -18.027 1.00 51.45 ? 221 GLU B CD  1 
ATOM   924  O OE1 . GLU B 1 21 ? -4.035  -3.263  -18.413 1.00 59.87 ? 221 GLU B OE1 1 
ATOM   925  O OE2 . GLU B 1 21 ? -1.961  -2.644  -18.739 1.00 51.97 ? 221 GLU B OE2 1 
ATOM   926  N N   . ALA B 1 22 ? -0.334  -2.726  -13.162 1.00 19.84 ? 222 ALA B N   1 
ATOM   927  C CA  . ALA B 1 22 ? -0.015  -2.921  -11.749 1.00 15.43 ? 222 ALA B CA  1 
ATOM   928  C C   . ALA B 1 22 ? -0.223  -1.686  -10.883 1.00 15.10 ? 222 ALA B C   1 
ATOM   929  O O   . ALA B 1 22 ? -0.186  -0.548  -11.352 1.00 15.52 ? 222 ALA B O   1 
ATOM   930  C CB  . ALA B 1 22 ? 1.421   -3.437  -11.587 1.00 12.65 ? 222 ALA B CB  1 
ATOM   931  N N   . LEU B 1 23 ? -0.450  -1.950  -9.605  1.00 12.26 ? 223 LEU B N   1 
ATOM   932  C CA  . LEU B 1 23 ? -0.697  -0.947  -8.585  1.00 10.90 ? 223 LEU B CA  1 
ATOM   933  C C   . LEU B 1 23 ? 0.562   -0.547  -7.867  1.00 13.65 ? 223 LEU B C   1 
ATOM   934  O O   . LEU B 1 23 ? 1.206   -1.395  -7.239  1.00 11.17 ? 223 LEU B O   1 
ATOM   935  C CB  . LEU B 1 23 ? -1.671  -1.532  -7.547  1.00 9.31  ? 223 LEU B CB  1 
ATOM   936  C CG  . LEU B 1 23 ? -2.058  -0.766  -6.300  1.00 7.83  ? 223 LEU B CG  1 
ATOM   937  C CD1 . LEU B 1 23 ? -2.922  0.432   -6.651  1.00 8.76  ? 223 LEU B CD1 1 
ATOM   938  C CD2 . LEU B 1 23 ? -2.809  -1.706  -5.374  1.00 2.49  ? 223 LEU B CD2 1 
ATOM   939  N N   . ILE B 1 24 ? 0.908   0.745   -7.928  1.00 16.05 ? 224 ILE B N   1 
ATOM   940  C CA  . ILE B 1 24 ? 2.086   1.261   -7.230  1.00 7.31  ? 224 ILE B CA  1 
ATOM   941  C C   . ILE B 1 24 ? 1.695   1.319   -5.771  1.00 7.42  ? 224 ILE B C   1 
ATOM   942  O O   . ILE B 1 24 ? 0.971   2.207   -5.340  1.00 8.42  ? 224 ILE B O   1 
ATOM   943  C CB  . ILE B 1 24 ? 2.538   2.662   -7.759  1.00 3.39  ? 224 ILE B CB  1 
ATOM   944  C CG1 . ILE B 1 24 ? 3.025   2.529   -9.256  1.00 4.88  ? 224 ILE B CG1 1 
ATOM   945  C CG2 . ILE B 1 24 ? 3.693   3.233   -6.897  1.00 2.01  ? 224 ILE B CG2 1 
ATOM   946  C CD1 . ILE B 1 24 ? 4.106   3.495   -9.683  1.00 14.69 ? 224 ILE B CD1 1 
ATOM   947  N N   . ASP B 1 25 ? 2.182   0.343   -5.018  1.00 5.55  ? 225 ASP B N   1 
ATOM   948  C CA  . ASP B 1 25 ? 1.834   0.209   -3.597  1.00 9.64  ? 225 ASP B CA  1 
ATOM   949  C C   . ASP B 1 25 ? 3.027   0.460   -2.613  1.00 17.69 ? 225 ASP B C   1 
ATOM   950  O O   . ASP B 1 25 ? 3.854   -0.441  -2.368  1.00 22.51 ? 225 ASP B O   1 
ATOM   951  C CB  . ASP B 1 25 ? 1.200   -1.253  -3.373  1.00 4.14  ? 225 ASP B CB  1 
ATOM   952  C CG  . ASP B 1 25 ? 0.675   -1.476  -1.969  1.00 6.39  ? 225 ASP B CG  1 
ATOM   953  O OD1 . ASP B 1 25 ? 0.109   -2.545  -1.731  1.00 12.39 ? 225 ASP B OD1 1 
ATOM   954  O OD2 . ASP B 1 25 ? 0.820   -0.608  -1.099  1.00 13.69 ? 225 ASP B OD2 1 
ATOM   955  N N   . THR B 1 26 ? 3.028   1.640   -1.988  1.00 14.24 ? 226 THR B N   1 
ATOM   956  C CA  . THR B 1 26 ? 4.094   2.003   -1.050  1.00 9.89  ? 226 THR B CA  1 
ATOM   957  C C   . THR B 1 26 ? 3.946   1.359   0.333   1.00 10.81 ? 226 THR B C   1 
ATOM   958  O O   . THR B 1 26 ? 4.839   1.459   1.175   1.00 10.50 ? 226 THR B O   1 
ATOM   959  C CB  . THR B 1 26 ? 4.252   3.540   -0.921  1.00 10.21 ? 226 THR B CB  1 
ATOM   960  O OG1 . THR B 1 26 ? 3.073   4.109   -0.338  1.00 9.50  ? 226 THR B OG1 1 
ATOM   961  C CG2 . THR B 1 26 ? 4.498   4.155   -2.296  1.00 7.49  ? 226 THR B CG2 1 
ATOM   962  N N   . GLY B 1 27 ? 2.814   0.712   0.575   1.00 7.72  ? 227 GLY B N   1 
ATOM   963  C CA  . GLY B 1 27 ? 2.588   0.045   1.849   1.00 6.19  ? 227 GLY B CA  1 
ATOM   964  C C   . GLY B 1 27 ? 3.040   -1.411  1.810   1.00 5.70  ? 227 GLY B C   1 
ATOM   965  O O   . GLY B 1 27 ? 2.938   -2.137  2.796   1.00 2.81  ? 227 GLY B O   1 
ATOM   966  N N   . ALA B 1 28 ? 3.561   -1.812  0.655   1.00 4.10  ? 228 ALA B N   1 
ATOM   967  C CA  . ALA B 1 28 ? 4.025   -3.173  0.451   1.00 10.38 ? 228 ALA B CA  1 
ATOM   968  C C   . ALA B 1 28 ? 5.532   -3.235  0.368   1.00 10.22 ? 228 ALA B C   1 
ATOM   969  O O   . ALA B 1 28 ? 6.129   -2.672  -0.559  1.00 9.73  ? 228 ALA B O   1 
ATOM   970  C CB  . ALA B 1 28 ? 3.418   -3.728  -0.834  1.00 13.58 ? 228 ALA B CB  1 
ATOM   971  N N   . ASP B 1 29 ? 6.153   -4.005  1.258   1.00 9.15  ? 229 ASP B N   1 
ATOM   972  C CA  . ASP B 1 29 ? 7.603   -4.113  1.262   1.00 9.01  ? 229 ASP B CA  1 
ATOM   973  C C   . ASP B 1 29 ? 8.075   -4.725  0.049   1.00 12.21 ? 229 ASP B C   1 
ATOM   974  O O   . ASP B 1 29 ? 9.002   -4.220  -0.603  1.00 13.23 ? 229 ASP B O   1 
ATOM   975  C CB  . ASP B 1 29 ? 8.061   -4.907  2.378   1.00 9.24  ? 229 ASP B CB  1 
ATOM   976  C CG  . ASP B 1 29 ? 7.621   -4.343  3.718   1.00 18.54 ? 229 ASP B CG  1 
ATOM   977  O OD1 . ASP B 1 29 ? 7.418   -3.116  3.843   1.00 22.37 ? 229 ASP B OD1 1 
ATOM   978  O OD2 . ASP B 1 29 ? 7.487   -5.138  4.669   1.00 21.00 ? 229 ASP B OD2 1 
ATOM   979  N N   . ASP B 1 30 ? 7.386   -5.786  -0.349  1.00 13.56 ? 230 ASP B N   1 
ATOM   980  C CA  . ASP B 1 30 ? 7.748   -6.538  -1.531  1.00 17.39 ? 230 ASP B CA  1 
ATOM   981  C C   . ASP B 1 30 ? 6.804   -6.365  -2.695  1.00 17.91 ? 230 ASP B C   1 
ATOM   982  O O   . ASP B 1 30 ? 5.754   -5.741  -2.567  1.00 19.02 ? 230 ASP B O   1 
ATOM   983  C CB  . ASP B 1 30 ? 7.856   -8.034  -1.172  1.00 19.70 ? 230 ASP B CB  1 
ATOM   984  C CG  . ASP B 1 30 ? 8.696   -8.282  0.061   1.00 25.01 ? 230 ASP B CG  1 
ATOM   985  O OD1 . ASP B 1 30 ? 8.133   -8.689  1.105   1.00 19.64 ? 230 ASP B OD1 1 
ATOM   986  O OD2 . ASP B 1 30 ? 9.919   -8.022  -0.013  1.00 23.93 ? 230 ASP B OD2 1 
ATOM   987  N N   . THR B 1 31 ? 7.203   -6.914  -3.840  1.00 16.23 ? 231 THR B N   1 
ATOM   988  C CA  . THR B 1 31 ? 6.441   -6.891  -5.076  1.00 16.81 ? 231 THR B CA  1 
ATOM   989  C C   . THR B 1 31 ? 5.763   -8.278  -5.324  1.00 18.03 ? 231 THR B C   1 
ATOM   990  O O   . THR B 1 31 ? 6.447   -9.269  -5.521  1.00 18.89 ? 231 THR B O   1 
ATOM   991  C CB  . THR B 1 31 ? 7.385   -6.577  -6.245  1.00 14.58 ? 231 THR B CB  1 
ATOM   992  O OG1 . THR B 1 31 ? 7.878   -5.236  -6.110  1.00 20.24 ? 231 THR B OG1 1 
ATOM   993  C CG2 . THR B 1 31 ? 6.681   -6.727  -7.573  1.00 14.53 ? 231 THR B CG2 1 
ATOM   994  N N   . VAL B 1 32 ? 4.432   -8.316  -5.294  1.00 19.79 ? 232 VAL B N   1 
ATOM   995  C CA  . VAL B 1 32 ? 3.675   -9.562  -5.515  1.00 14.73 ? 232 VAL B CA  1 
ATOM   996  C C   . VAL B 1 32 ? 2.825   -9.537  -6.843  1.00 15.69 ? 232 VAL B C   1 
ATOM   997  O O   . VAL B 1 32 ? 1.940   -8.704  -6.998  1.00 12.84 ? 232 VAL B O   1 
ATOM   998  C CB  . VAL B 1 32 ? 2.710   -9.836  -4.345  1.00 10.70 ? 232 VAL B CB  1 
ATOM   999  C CG1 . VAL B 1 32 ? 1.998   -11.166 -4.529  1.00 14.39 ? 232 VAL B CG1 1 
ATOM   1000 C CG2 . VAL B 1 32 ? 3.465   -9.866  -3.047  1.00 15.38 ? 232 VAL B CG2 1 
ATOM   1001 N N   . LEU B 1 33 ? 3.134   -10.447 -7.763  1.00 17.22 ? 233 LEU B N   1 
ATOM   1002 C CA  . LEU B 1 33 ? 2.415   -10.553 -9.041  1.00 19.28 ? 233 LEU B CA  1 
ATOM   1003 C C   . LEU B 1 33 ? 1.326   -11.670 -8.972  1.00 26.60 ? 233 LEU B C   1 
ATOM   1004 O O   . LEU B 1 33 ? 1.354   -12.519 -8.068  1.00 32.37 ? 233 LEU B O   1 
ATOM   1005 C CB  . LEU B 1 33 ? 3.351   -10.865 -10.165 1.00 9.68  ? 233 LEU B CB  1 
ATOM   1006 C CG  . LEU B 1 33 ? 4.380   -9.796  -10.585 1.00 20.30 ? 233 LEU B CG  1 
ATOM   1007 C CD1 . LEU B 1 33 ? 5.031   -10.283 -11.872 1.00 18.56 ? 233 LEU B CD1 1 
ATOM   1008 C CD2 . LEU B 1 33 ? 3.747   -8.415  -10.815 1.00 17.43 ? 233 LEU B CD2 1 
ATOM   1009 N N   . GLU B 1 34 ? 0.383   -11.649 -9.914  1.00 33.10 ? 234 GLU B N   1 
ATOM   1010 C CA  . GLU B 1 34 ? -0.689  -12.647 -9.965  1.00 33.75 ? 234 GLU B CA  1 
ATOM   1011 C C   . GLU B 1 34 ? -0.106  -13.945 -10.355 1.00 34.22 ? 234 GLU B C   1 
ATOM   1012 O O   . GLU B 1 34 ? 0.917   -13.972 -11.052 1.00 38.04 ? 234 GLU B O   1 
ATOM   1013 C CB  . GLU B 1 34 ? -1.747  -12.263 -11.002 1.00 28.66 ? 234 GLU B CB  1 
ATOM   1014 C CG  . GLU B 1 34 ? -2.617  -11.075 -10.634 1.00 27.79 ? 234 GLU B CG  1 
ATOM   1015 C CD  . GLU B 1 34 ? -3.424  -10.537 -11.819 1.00 29.04 ? 234 GLU B CD  1 
ATOM   1016 O OE1 . GLU B 1 34 ? -4.345  -9.731  -11.571 1.00 27.21 ? 234 GLU B OE1 1 
ATOM   1017 O OE2 . GLU B 1 34 ? -3.146  -10.918 -12.984 1.00 21.43 ? 234 GLU B OE2 1 
ATOM   1018 N N   . GLU B 1 35 ? -0.762  -15.036 -9.958  1.00 31.62 ? 235 GLU B N   1 
ATOM   1019 C CA  . GLU B 1 35 ? -0.303  -16.386 -10.264 1.00 33.43 ? 235 GLU B CA  1 
ATOM   1020 C C   . GLU B 1 35 ? 0.086   -16.546 -11.715 1.00 33.33 ? 235 GLU B C   1 
ATOM   1021 O O   . GLU B 1 35 ? -0.724  -16.282 -12.607 1.00 36.88 ? 235 GLU B O   1 
ATOM   1022 C CB  . GLU B 1 35 ? -1.400  -17.393 -9.913  1.00 34.81 ? 235 GLU B CB  1 
ATOM   1023 C CG  . GLU B 1 35 ? -1.672  -17.512 -8.423  1.00 39.33 ? 235 GLU B CG  1 
ATOM   1024 C CD  . GLU B 1 35 ? -0.990  -18.709 -7.756  1.00 42.15 ? 235 GLU B CD  1 
ATOM   1025 O OE1 . GLU B 1 35 ? -0.127  -19.364 -8.387  1.00 40.89 ? 235 GLU B OE1 1 
ATOM   1026 O OE2 . GLU B 1 35 ? -1.343  -18.994 -6.588  1.00 44.51 ? 235 GLU B OE2 1 
ATOM   1027 N N   . MET B 1 36 ? 1.340   -16.927 -11.951 1.00 32.75 ? 236 MET B N   1 
ATOM   1028 C CA  . MET B 1 36 ? 1.846   -17.137 -13.308 1.00 33.34 ? 236 MET B CA  1 
ATOM   1029 C C   . MET B 1 36 ? 3.211   -17.858 -13.247 1.00 30.53 ? 236 MET B C   1 
ATOM   1030 O O   . MET B 1 36 ? 3.701   -18.185 -12.161 1.00 26.11 ? 236 MET B O   1 
ATOM   1031 C CB  . MET B 1 36 ? 1.998   -15.752 -14.069 1.00 37.12 ? 236 MET B CB  1 
ATOM   1032 C CG  . MET B 1 36 ? 3.049   -14.800 -13.483 1.00 38.12 ? 236 MET B CG  1 
ATOM   1033 S SD  . MET B 1 36 ? 3.015   -13.166 -14.215 1.00 40.82 ? 236 MET B SD  1 
ATOM   1034 C CE  . MET B 1 36 ? 3.749   -13.491 -15.834 1.00 34.99 ? 236 MET B CE  1 
ATOM   1035 N N   . ASP B 1 37 ? 3.773   -18.141 -14.420 1.00 30.53 ? 237 ASP B N   1 
ATOM   1036 C CA  . ASP B 1 37 ? 5.076   -18.785 -14.512 1.00 30.78 ? 237 ASP B CA  1 
ATOM   1037 C C   . ASP B 1 37 ? 6.037   -17.768 -14.982 1.00 30.83 ? 237 ASP B C   1 
ATOM   1038 O O   . ASP B 1 37 ? 5.756   -17.013 -15.924 1.00 26.88 ? 237 ASP B O   1 
ATOM   1039 C CB  . ASP B 1 37 ? 5.090   -19.969 -15.557 1.00 34.01 ? 237 ASP B CB  1 
ATOM   1040 C CG  . ASP B 1 37 ? 4.427   -21.247 -15.051 1.00 39.43 ? 237 ASP B CG  1 
ATOM   1041 O OD1 . ASP B 1 37 ? 3.953   -22.007 -15.923 1.00 41.00 ? 237 ASP B OD1 1 
ATOM   1042 O OD2 . ASP B 1 37 ? 4.410   -21.508 -13.823 1.00 39.53 ? 237 ASP B OD2 1 
ATOM   1043 N N   . LEU B 1 38 ? 7.177   -17.705 -14.312 1.00 32.84 ? 238 LEU B N   1 
ATOM   1044 C CA  . LEU B 1 38 ? 8.245   -16.793 -14.688 1.00 32.80 ? 238 LEU B CA  1 
ATOM   1045 C C   . LEU B 1 38 ? 9.410   -17.713 -15.018 1.00 33.43 ? 238 LEU B C   1 
ATOM   1046 O O   . LEU B 1 38 ? 9.574   -18.754 -14.374 1.00 29.70 ? 238 LEU B O   1 
ATOM   1047 C CB  . LEU B 1 38 ? 8.602   -15.832 -13.526 1.00 27.06 ? 238 LEU B CB  1 
ATOM   1048 C CG  . LEU B 1 38 ? 7.426   -14.959 -13.045 1.00 20.80 ? 238 LEU B CG  1 
ATOM   1049 C CD1 . LEU B 1 38 ? 7.718   -14.370 -11.684 1.00 11.81 ? 238 LEU B CD1 1 
ATOM   1050 C CD2 . LEU B 1 38 ? 7.130   -13.881 -14.053 1.00 16.31 ? 238 LEU B CD2 1 
ATOM   1051 N N   . PRO B 1 39 ? 10.231  -17.351 -16.016 1.00 37.14 ? 239 PRO B N   1 
ATOM   1052 C CA  . PRO B 1 39 ? 11.382  -18.150 -16.448 1.00 37.15 ? 239 PRO B CA  1 
ATOM   1053 C C   . PRO B 1 39 ? 12.653  -18.151 -15.512 1.00 36.96 ? 239 PRO B C   1 
ATOM   1054 O O   . PRO B 1 39 ? 13.782  -17.941 -15.969 1.00 40.34 ? 239 PRO B O   1 
ATOM   1055 C CB  . PRO B 1 39 ? 11.674  -17.581 -17.811 1.00 43.58 ? 239 PRO B CB  1 
ATOM   1056 C CG  . PRO B 1 39 ? 11.369  -16.102 -17.615 1.00 44.55 ? 239 PRO B CG  1 
ATOM   1057 C CD  . PRO B 1 39 ? 10.085  -16.132 -16.844 1.00 39.17 ? 239 PRO B CD  1 
ATOM   1058 N N   . GLY B 1 40 ? 12.435  -18.405 -14.227 1.00 34.13 ? 240 GLY B N   1 
ATOM   1059 C CA  . GLY B 1 40 ? 13.524  -18.474 -13.272 1.00 31.55 ? 240 GLY B CA  1 
ATOM   1060 C C   . GLY B 1 40 ? 13.154  -19.541 -12.246 1.00 31.48 ? 240 GLY B C   1 
ATOM   1061 O O   . GLY B 1 40 ? 12.124  -20.196 -12.385 1.00 31.46 ? 240 GLY B O   1 
ATOM   1062 N N   . ARG B 1 41 ? 13.999  -19.767 -11.246 1.00 29.61 ? 241 ARG B N   1 
ATOM   1063 C CA  . ARG B 1 41 ? 13.676  -20.751 -10.216 1.00 26.51 ? 241 ARG B CA  1 
ATOM   1064 C C   . ARG B 1 41 ? 13.072  -20.009 -9.075  1.00 25.90 ? 241 ARG B C   1 
ATOM   1065 O O   . ARG B 1 41 ? 13.240  -18.801 -8.960  1.00 28.21 ? 241 ARG B O   1 
ATOM   1066 C CB  . ARG B 1 41 ? 14.916  -21.526 -9.734  1.00 26.28 ? 241 ARG B CB  1 
ATOM   1067 C CG  . ARG B 1 41 ? 15.739  -22.168 -10.839 1.00 25.85 ? 241 ARG B CG  1 
ATOM   1068 C CD  . ARG B 1 41 ? 16.708  -23.200 -10.271 1.00 28.75 ? 241 ARG B CD  1 
ATOM   1069 N NE  . ARG B 1 41 ? 16.207  -24.540 -10.526 1.00 25.28 ? 241 ARG B NE  1 
ATOM   1070 C CZ  . ARG B 1 41 ? 15.636  -25.331 -9.623  1.00 22.23 ? 241 ARG B CZ  1 
ATOM   1071 N NH1 . ARG B 1 41 ? 15.194  -26.514 -10.007 1.00 24.52 ? 241 ARG B NH1 1 
ATOM   1072 N NH2 . ARG B 1 41 ? 15.554  -24.990 -8.344  1.00 11.97 ? 241 ARG B NH2 1 
ATOM   1073 N N   . TRP B 1 42 ? 12.345  -20.716 -8.224  1.00 24.46 ? 242 TRP B N   1 
ATOM   1074 C CA  . TRP B 1 42 ? 11.695  -20.083 -7.084  1.00 22.28 ? 242 TRP B CA  1 
ATOM   1075 C C   . TRP B 1 42 ? 11.879  -20.869 -5.804  1.00 25.91 ? 242 TRP B C   1 
ATOM   1076 O O   . TRP B 1 42 ? 12.176  -22.071 -5.837  1.00 26.86 ? 242 TRP B O   1 
ATOM   1077 C CB  . TRP B 1 42 ? 10.137  -19.833 -7.372  1.00 18.46 ? 242 TRP B CB  1 
ATOM   1078 C CG  . TRP B 1 42 ? 9.302   -21.089 -7.562  1.00 13.03 ? 242 TRP B CG  1 
ATOM   1079 C CD1 . TRP B 1 42 ? 9.075   -21.776 -8.743  1.00 13.16 ? 242 TRP B CD1 1 
ATOM   1080 C CD2 . TRP B 1 42 ? 8.591   -21.830 -6.543  1.00 2.21  ? 242 TRP B CD2 1 
ATOM   1081 N NE1 . TRP B 1 42 ? 8.288   -22.879 -8.506  1.00 10.87 ? 242 TRP B NE1 1 
ATOM   1082 C CE2 . TRP B 1 42 ? 7.983   -22.938 -7.182  1.00 5.95  ? 242 TRP B CE2 1 
ATOM   1083 C CE3 . TRP B 1 42 ? 8.417   -21.664 -5.165  1.00 4.08  ? 242 TRP B CE3 1 
ATOM   1084 C CZ2 . TRP B 1 42 ? 7.213   -23.876 -6.476  1.00 2.04  ? 242 TRP B CZ2 1 
ATOM   1085 C CZ3 . TRP B 1 42 ? 7.644   -22.601 -4.478  1.00 4.86  ? 242 TRP B CZ3 1 
ATOM   1086 C CH2 . TRP B 1 42 ? 7.059   -23.689 -5.135  1.00 2.10  ? 242 TRP B CH2 1 
ATOM   1087 N N   . LYS B 1 43 ? 11.768  -20.152 -4.690  1.00 25.39 ? 243 LYS B N   1 
ATOM   1088 C CA  . LYS B 1 43 ? 11.889  -20.706 -3.349  1.00 29.12 ? 243 LYS B CA  1 
ATOM   1089 C C   . LYS B 1 43 ? 10.647  -20.210 -2.646  1.00 27.93 ? 243 LYS B C   1 
ATOM   1090 O O   . LYS B 1 43 ? 10.030  -19.255 -3.099  1.00 24.31 ? 243 LYS B O   1 
ATOM   1091 C CB  . LYS B 1 43 ? 13.176  -20.146 -2.633  1.00 34.70 ? 243 LYS B CB  1 
ATOM   1092 C CG  . LYS B 1 43 ? 13.208  -18.617 -2.483  1.00 44.77 ? 243 LYS B CG  1 
ATOM   1093 C CD  . LYS B 1 43 ? 14.383  -18.124 -1.622  1.00 53.47 ? 243 LYS B CD  1 
ATOM   1094 C CE  . LYS B 1 43 ? 14.163  -18.379 -0.131  1.00 57.68 ? 243 LYS B CE  1 
ATOM   1095 N NZ  . LYS B 1 43 ? 13.115  -17.494 0.468   1.00 62.94 ? 243 LYS B NZ  1 
ATOM   1096 N N   . PRO B 1 44 ? 10.236  -20.861 -1.551  1.00 28.21 ? 244 PRO B N   1 
ATOM   1097 C CA  . PRO B 1 44 ? 9.037   -20.391 -0.865  1.00 27.74 ? 244 PRO B CA  1 
ATOM   1098 C C   . PRO B 1 44 ? 9.326   -19.141 0.020   1.00 25.74 ? 244 PRO B C   1 
ATOM   1099 O O   . PRO B 1 44 ? 10.481  -18.866 0.357   1.00 26.01 ? 244 PRO B O   1 
ATOM   1100 C CB  . PRO B 1 44 ? 8.629   -21.630 -0.027  1.00 30.72 ? 244 PRO B CB  1 
ATOM   1101 C CG  . PRO B 1 44 ? 9.948   -22.223 0.336   1.00 31.90 ? 244 PRO B CG  1 
ATOM   1102 C CD  . PRO B 1 44 ? 10.725  -22.126 -0.958  1.00 33.43 ? 244 PRO B CD  1 
ATOM   1103 N N   . LYS B 1 45 ? 8.266   -18.405 0.348   1.00 26.02 ? 245 LYS B N   1 
ATOM   1104 C CA  . LYS B 1 45 ? 8.354   -17.210 1.202   1.00 23.61 ? 245 LYS B CA  1 
ATOM   1105 C C   . LYS B 1 45 ? 7.022   -16.910 1.826   1.00 22.68 ? 245 LYS B C   1 
ATOM   1106 O O   . LYS B 1 45 ? 6.005   -16.898 1.146   1.00 28.96 ? 245 LYS B O   1 
ATOM   1107 C CB  . LYS B 1 45 ? 8.835   -15.968 0.415   1.00 22.57 ? 245 LYS B CB  1 
ATOM   1108 C CG  . LYS B 1 45 ? 9.151   -14.776 1.339   1.00 30.09 ? 245 LYS B CG  1 
ATOM   1109 C CD  . LYS B 1 45 ? 9.547   -13.504 0.593   1.00 30.66 ? 245 LYS B CD  1 
ATOM   1110 C CE  . LYS B 1 45 ? 10.257  -12.507 1.520   1.00 34.25 ? 245 LYS B CE  1 
ATOM   1111 N NZ  . LYS B 1 45 ? 9.468   -12.075 2.729   1.00 39.43 ? 245 LYS B NZ  1 
ATOM   1112 N N   . ILE B 1 46 ? 7.015   -16.640 3.122   1.00 23.69 ? 246 ILE B N   1 
ATOM   1113 C CA  . ILE B 1 46 ? 5.783   -16.325 3.831   1.00 27.94 ? 246 ILE B CA  1 
ATOM   1114 C C   . ILE B 1 46 ? 5.703   -14.842 4.115   1.00 31.14 ? 246 ILE B C   1 
ATOM   1115 O O   . ILE B 1 46 ? 6.506   -14.326 4.891   1.00 30.76 ? 246 ILE B O   1 
ATOM   1116 C CB  . ILE B 1 46 ? 5.729   -17.077 5.187   1.00 33.79 ? 246 ILE B CB  1 
ATOM   1117 C CG1 . ILE B 1 46 ? 5.791   -18.596 4.952   1.00 38.01 ? 246 ILE B CG1 1 
ATOM   1118 C CG2 . ILE B 1 46 ? 4.475   -16.691 5.974   1.00 34.20 ? 246 ILE B CG2 1 
ATOM   1119 C CD1 . ILE B 1 46 ? 5.761   -19.426 6.225   1.00 43.23 ? 246 ILE B CD1 1 
ATOM   1120 N N   . ILE B 1 47 ? 4.755   -14.153 3.479   1.00 33.72 ? 247 ILE B N   1 
ATOM   1121 C CA  . ILE B 1 47 ? 4.563   -12.708 3.706   1.00 30.72 ? 247 ILE B CA  1 
ATOM   1122 C C   . ILE B 1 47 ? 3.296   -12.499 4.458   1.00 34.49 ? 247 ILE B C   1 
ATOM   1123 O O   . ILE B 1 47 ? 2.350   -13.295 4.335   1.00 35.80 ? 247 ILE B O   1 
ATOM   1124 C CB  . ILE B 1 47 ? 4.435   -11.870 2.412   1.00 29.70 ? 247 ILE B CB  1 
ATOM   1125 C CG1 . ILE B 1 47 ? 3.330   -12.426 1.538   1.00 25.02 ? 247 ILE B CG1 1 
ATOM   1126 C CG2 . ILE B 1 47 ? 5.774   -11.739 1.704   1.00 25.25 ? 247 ILE B CG2 1 
ATOM   1127 C CD1 . ILE B 1 47 ? 3.062   -11.604 0.306   1.00 28.04 ? 247 ILE B CD1 1 
ATOM   1128 N N   . GLY B 1 48 ? 3.235   -11.412 5.222   1.00 35.64 ? 248 GLY B N   1 
ATOM   1129 C CA  . GLY B 1 48 ? 2.045   -11.117 6.002   1.00 35.82 ? 248 GLY B CA  1 
ATOM   1130 C C   . GLY B 1 48 ? 1.424   -9.779  5.653   1.00 35.55 ? 248 GLY B C   1 
ATOM   1131 O O   . GLY B 1 48 ? 2.126   -8.820  5.316   1.00 34.98 ? 248 GLY B O   1 
ATOM   1132 N N   . GLY B 1 49 ? 0.099   -9.709  5.753   1.00 32.62 ? 249 GLY B N   1 
ATOM   1133 C CA  . GLY B 1 49 ? -0.605  -8.477  5.441   1.00 28.18 ? 249 GLY B CA  1 
ATOM   1134 C C   . GLY B 1 49 ? -1.856  -8.344  6.279   1.00 27.83 ? 249 GLY B C   1 
ATOM   1135 O O   . GLY B 1 49 ? -1.892  -8.804  7.416   1.00 27.82 ? 249 GLY B O   1 
ATOM   1136 N N   . ILE B 1 50 ? -2.881  -7.710  5.720   1.00 31.36 ? 250 ILE B N   1 
ATOM   1137 C CA  . ILE B 1 50 ? -4.152  -7.512  6.412   1.00 36.90 ? 250 ILE B CA  1 
ATOM   1138 C C   . ILE B 1 50 ? -4.906  -8.804  6.398   1.00 38.44 ? 250 ILE B C   1 
ATOM   1139 O O   . ILE B 1 50 ? -5.280  -9.298  5.331   1.00 42.46 ? 250 ILE B O   1 
ATOM   1140 C CB  . ILE B 1 50 ? -4.983  -6.387  5.723   1.00 37.23 ? 250 ILE B CB  1 
ATOM   1141 C CG1 . ILE B 1 50 ? -4.320  -5.074  5.962   1.00 39.67 ? 250 ILE B CG1 1 
ATOM   1142 C CG2 . ILE B 1 50 ? -6.413  -6.341  6.265   1.00 37.56 ? 250 ILE B CG2 1 
ATOM   1143 C CD1 . ILE B 1 50 ? -4.316  -4.648  7.433   1.00 35.86 ? 250 ILE B CD1 1 
ATOM   1144 N N   . GLY B 1 51 ? -5.085  -9.403  7.568   1.00 37.84 ? 251 GLY B N   1 
ATOM   1145 C CA  . GLY B 1 51 ? -5.804  -10.660 7.640   1.00 39.74 ? 251 GLY B CA  1 
ATOM   1146 C C   . GLY B 1 51 ? -4.959  -11.794 8.177   1.00 39.32 ? 251 GLY B C   1 
ATOM   1147 O O   . GLY B 1 51 ? -5.406  -12.542 9.052   1.00 43.74 ? 251 GLY B O   1 
ATOM   1148 N N   . GLY B 1 52 ? -3.732  -11.902 7.670   1.00 38.09 ? 252 GLY B N   1 
ATOM   1149 C CA  . GLY B 1 52 ? -2.832  -12.956 8.115   1.00 35.27 ? 252 GLY B CA  1 
ATOM   1150 C C   . GLY B 1 52 ? -1.668  -13.179 7.171   1.00 30.81 ? 252 GLY B C   1 
ATOM   1151 O O   . GLY B 1 52 ? -1.275  -12.274 6.438   1.00 26.87 ? 252 GLY B O   1 
ATOM   1152 N N   . PHE B 1 53 ? -1.103  -14.384 7.227   1.00 30.52 ? 253 PHE B N   1 
ATOM   1153 C CA  . PHE B 1 53 ? 0.038   -14.777 6.399   1.00 26.74 ? 253 PHE B CA  1 
ATOM   1154 C C   . PHE B 1 53 ? -0.380  -15.578 5.310   1.00 26.79 ? 253 PHE B C   1 
ATOM   1155 O O   . PHE B 1 53 ? -1.392  -16.267 5.379   1.00 29.47 ? 253 PHE B O   1 
ATOM   1156 C CB  . PHE B 1 53 ? 1.045   -15.543 7.209   1.00 28.34 ? 253 PHE B CB  1 
ATOM   1157 C CG  . PHE B 1 53 ? 1.752   -14.718 8.231   1.00 32.68 ? 253 PHE B CG  1 
ATOM   1158 C CD1 . PHE B 1 53 ? 2.877   -13.998 7.890   1.00 34.40 ? 253 PHE B CD1 1 
ATOM   1159 C CD2 . PHE B 1 53 ? 1.293   -14.663 9.534   1.00 38.84 ? 253 PHE B CD2 1 
ATOM   1160 C CE1 . PHE B 1 53 ? 3.548   -13.226 8.828   1.00 37.61 ? 253 PHE B CE1 1 
ATOM   1161 C CE2 . PHE B 1 53 ? 1.950   -13.892 10.491  1.00 43.05 ? 253 PHE B CE2 1 
ATOM   1162 C CZ  . PHE B 1 53 ? 3.086   -13.169 10.138  1.00 42.21 ? 253 PHE B CZ  1 
ATOM   1163 N N   . VAL B 1 54 ? 0.417   -15.568 4.256   1.00 27.39 ? 254 VAL B N   1 
ATOM   1164 C CA  . VAL B 1 54 ? 0.104   -16.336 3.062   1.00 26.70 ? 254 VAL B CA  1 
ATOM   1165 C C   . VAL B 1 54 ? 1.466   -16.824 2.438   1.00 26.09 ? 254 VAL B C   1 
ATOM   1166 O O   . VAL B 1 54 ? 2.518   -16.240 2.704   1.00 28.61 ? 254 VAL B O   1 
ATOM   1167 C CB  . VAL B 1 54 ? -0.763  -15.466 2.069   1.00 27.65 ? 254 VAL B CB  1 
ATOM   1168 C CG1 . VAL B 1 54 ? 0.040   -14.290 1.505   1.00 24.83 ? 254 VAL B CG1 1 
ATOM   1169 C CG2 . VAL B 1 54 ? -1.362  -16.321 0.954   1.00 33.96 ? 254 VAL B CG2 1 
ATOM   1170 N N   . LYS B 1 55 ? 1.422   -17.936 1.704   1.00 25.31 ? 255 LYS B N   1 
ATOM   1171 C CA  . LYS B 1 55 ? 2.609   -18.528 1.089   1.00 21.89 ? 255 LYS B CA  1 
ATOM   1172 C C   . LYS B 1 55 ? 2.688   -18.175 -0.334  1.00 19.41 ? 255 LYS B C   1 
ATOM   1173 O O   . LYS B 1 55 ? 1.757   -18.423 -1.093  1.00 24.42 ? 255 LYS B O   1 
ATOM   1174 C CB  . LYS B 1 55 ? 2.570   -20.045 1.239   1.00 26.39 ? 255 LYS B CB  1 
ATOM   1175 C CG  . LYS B 1 55 ? 3.933   -20.705 1.410   1.00 33.96 ? 255 LYS B CG  1 
ATOM   1176 C CD  . LYS B 1 55 ? 4.780   -20.698 0.128   1.00 37.60 ? 255 LYS B CD  1 
ATOM   1177 C CE  . LYS B 1 55 ? 4.237   -21.660 -0.917  1.00 41.67 ? 255 LYS B CE  1 
ATOM   1178 N NZ  . LYS B 1 55 ? 5.050   -21.649 -2.170  1.00 42.54 ? 255 LYS B NZ  1 
ATOM   1179 N N   . VAL B 1 56 ? 3.808   -17.583 -0.721  1.00 16.97 ? 256 VAL B N   1 
ATOM   1180 C CA  . VAL B 1 56 ? 4.006   -17.163 -2.105  1.00 12.21 ? 256 VAL B CA  1 
ATOM   1181 C C   . VAL B 1 56 ? 5.258   -17.808 -2.674  1.00 11.03 ? 256 VAL B C   1 
ATOM   1182 O O   . VAL B 1 56 ? 5.993   -18.491 -1.958  1.00 9.51  ? 256 VAL B O   1 
ATOM   1183 C CB  . VAL B 1 56 ? 4.101   -15.606 -2.213  1.00 10.85 ? 256 VAL B CB  1 
ATOM   1184 C CG1 . VAL B 1 56 ? 2.778   -14.980 -1.844  1.00 14.74 ? 256 VAL B CG1 1 
ATOM   1185 C CG2 . VAL B 1 56 ? 5.162   -15.069 -1.275  1.00 6.43  ? 256 VAL B CG2 1 
ATOM   1186 N N   . ARG B 1 57 ? 5.519   -17.566 -3.953  1.00 9.74  ? 257 ARG B N   1 
ATOM   1187 C CA  . ARG B 1 57 ? 6.684   -18.127 -4.612  1.00 12.39 ? 257 ARG B CA  1 
ATOM   1188 C C   . ARG B 1 57 ? 7.697   -17.018 -4.954  1.00 16.86 ? 257 ARG B C   1 
ATOM   1189 O O   . ARG B 1 57 ? 7.407   -16.133 -5.754  1.00 17.87 ? 257 ARG B O   1 
ATOM   1190 C CB  . ARG B 1 57 ? 6.269   -18.916 -5.890  1.00 10.48 ? 257 ARG B CB  1 
ATOM   1191 C CG  . ARG B 1 57 ? 5.280   -20.045 -5.577  1.00 14.48 ? 257 ARG B CG  1 
ATOM   1192 C CD  . ARG B 1 57 ? 4.993   -20.964 -6.771  1.00 24.02 ? 257 ARG B CD  1 
ATOM   1193 N NE  . ARG B 1 57 ? 4.130   -20.371 -7.787  1.00 35.44 ? 257 ARG B NE  1 
ATOM   1194 C CZ  . ARG B 1 57 ? 4.374   -20.435 -9.089  1.00 38.72 ? 257 ARG B CZ  1 
ATOM   1195 N NH1 . ARG B 1 57 ? 3.535   -19.871 -9.956  1.00 40.50 ? 257 ARG B NH1 1 
ATOM   1196 N NH2 . ARG B 1 57 ? 5.446   -21.070 -9.521  1.00 39.70 ? 257 ARG B NH2 1 
ATOM   1197 N N   . GLN B 1 58 ? 8.874   -17.080 -4.329  1.00 18.87 ? 258 GLN B N   1 
ATOM   1198 C CA  . GLN B 1 58 ? 9.927   -16.098 -4.544  1.00 19.76 ? 258 GLN B CA  1 
ATOM   1199 C C   . GLN B 1 58 ? 10.863  -16.333 -5.744  1.00 19.08 ? 258 GLN B C   1 
ATOM   1200 O O   . GLN B 1 58 ? 11.749  -17.173 -5.677  1.00 24.55 ? 258 GLN B O   1 
ATOM   1201 C CB  . GLN B 1 58 ? 10.795  -15.924 -3.248  1.00 19.99 ? 258 GLN B CB  1 
ATOM   1202 C CG  . GLN B 1 58 ? 11.850  -14.838 -3.406  1.00 17.60 ? 258 GLN B CG  1 
ATOM   1203 C CD  . GLN B 1 58 ? 12.674  -14.574 -2.161  1.00 17.86 ? 258 GLN B CD  1 
ATOM   1204 O OE1 . GLN B 1 58 ? 13.792  -14.086 -2.270  1.00 22.46 ? 258 GLN B OE1 1 
ATOM   1205 N NE2 . GLN B 1 58 ? 12.113  -14.822 -0.977  1.00 18.87 ? 258 GLN B NE2 1 
ATOM   1206 N N   . TYR B 1 59 ? 10.650  -15.597 -6.828  1.00 21.78 ? 259 TYR B N   1 
ATOM   1207 C CA  . TYR B 1 59 ? 11.509  -15.689 -8.012  1.00 23.95 ? 259 TYR B CA  1 
ATOM   1208 C C   . TYR B 1 59 ? 12.523  -14.544 -7.891  1.00 29.60 ? 259 TYR B C   1 
ATOM   1209 O O   . TYR B 1 59 ? 12.157  -13.459 -7.434  1.00 33.38 ? 259 TYR B O   1 
ATOM   1210 C CB  . TYR B 1 59 ? 10.697  -15.475 -9.305  1.00 26.52 ? 259 TYR B CB  1 
ATOM   1211 C CG  . TYR B 1 59 ? 9.820   -16.652 -9.756  1.00 31.32 ? 259 TYR B CG  1 
ATOM   1212 C CD1 . TYR B 1 59 ? 8.483   -16.765 -9.340  1.00 32.76 ? 259 TYR B CD1 1 
ATOM   1213 C CD2 . TYR B 1 59 ? 10.321  -17.623 -10.646 1.00 31.34 ? 259 TYR B CD2 1 
ATOM   1214 C CE1 . TYR B 1 59 ? 7.675   -17.813 -9.805  1.00 35.31 ? 259 TYR B CE1 1 
ATOM   1215 C CE2 . TYR B 1 59 ? 9.523   -18.659 -11.109 1.00 29.79 ? 259 TYR B CE2 1 
ATOM   1216 C CZ  . TYR B 1 59 ? 8.201   -18.756 -10.694 1.00 31.01 ? 259 TYR B CZ  1 
ATOM   1217 O OH  . TYR B 1 59 ? 7.411   -19.779 -11.177 1.00 33.71 ? 259 TYR B OH  1 
ATOM   1218 N N   . ASP B 1 60 ? 13.780  -14.766 -8.279  1.00 28.51 ? 260 ASP B N   1 
ATOM   1219 C CA  . ASP B 1 60 ? 14.786  -13.702 -8.197  1.00 26.79 ? 260 ASP B CA  1 
ATOM   1220 C C   . ASP B 1 60 ? 15.323  -13.304 -9.571  1.00 28.26 ? 260 ASP B C   1 
ATOM   1221 O O   . ASP B 1 60 ? 15.283  -14.092 -10.519 1.00 33.21 ? 260 ASP B O   1 
ATOM   1222 C CB  . ASP B 1 60 ? 15.952  -14.130 -7.266  1.00 28.49 ? 260 ASP B CB  1 
ATOM   1223 C CG  . ASP B 1 60 ? 15.491  -14.476 -5.859  1.00 35.04 ? 260 ASP B CG  1 
ATOM   1224 O OD1 . ASP B 1 60 ? 15.490  -13.583 -4.978  1.00 33.02 ? 260 ASP B OD1 1 
ATOM   1225 O OD2 . ASP B 1 60 ? 15.124  -15.653 -5.633  1.00 44.13 ? 260 ASP B OD2 1 
ATOM   1226 N N   . GLN B 1 61 ? 15.813  -12.070 -9.674  1.00 26.28 ? 261 GLN B N   1 
ATOM   1227 C CA  . GLN B 1 61 ? 16.397  -11.509 -10.898 1.00 26.97 ? 261 GLN B CA  1 
ATOM   1228 C C   . GLN B 1 61 ? 15.564  -11.478 -12.194 1.00 27.46 ? 261 GLN B C   1 
ATOM   1229 O O   . GLN B 1 61 ? 16.110  -11.615 -13.295 1.00 27.14 ? 261 GLN B O   1 
ATOM   1230 C CB  . GLN B 1 61 ? 17.761  -12.125 -11.176 1.00 29.85 ? 261 GLN B CB  1 
ATOM   1231 C CG  . GLN B 1 61 ? 18.886  -11.452 -10.426 1.00 37.71 ? 261 GLN B CG  1 
ATOM   1232 C CD  . GLN B 1 61 ? 20.218  -12.107 -10.673 1.00 43.64 ? 261 GLN B CD  1 
ATOM   1233 O OE1 . GLN B 1 61 ? 20.847  -11.901 -11.713 1.00 48.42 ? 261 GLN B OE1 1 
ATOM   1234 N NE2 . GLN B 1 61 ? 20.667  -12.897 -9.708  1.00 47.48 ? 261 GLN B NE2 1 
ATOM   1235 N N   . ILE B 1 62 ? 14.269  -11.210 -12.072 1.00 27.80 ? 262 ILE B N   1 
ATOM   1236 C CA  . ILE B 1 62 ? 13.381  -11.148 -13.236 1.00 26.78 ? 262 ILE B CA  1 
ATOM   1237 C C   . ILE B 1 62 ? 13.422  -9.726  -13.839 1.00 27.89 ? 262 ILE B C   1 
ATOM   1238 O O   . ILE B 1 62 ? 13.282  -8.742  -13.114 1.00 28.20 ? 262 ILE B O   1 
ATOM   1239 C CB  . ILE B 1 62 ? 11.911  -11.510 -12.849 1.00 22.97 ? 262 ILE B CB  1 
ATOM   1240 C CG1 . ILE B 1 62 ? 11.853  -12.881 -12.071 1.00 21.31 ? 262 ILE B CG1 1 
ATOM   1241 C CG2 . ILE B 1 62 ? 11.042  -11.589 -14.089 1.00 22.86 ? 262 ILE B CG2 1 
ATOM   1242 C CD1 . ILE B 1 62 ? 12.398  -14.085 -12.836 1.00 11.12 ? 262 ILE B CD1 1 
ATOM   1243 N N   . PRO B 1 63 ? 13.682  -9.608  -15.160 1.00 27.26 ? 263 PRO B N   1 
ATOM   1244 C CA  . PRO B 1 63 ? 13.744  -8.294  -15.812 1.00 30.32 ? 263 PRO B CA  1 
ATOM   1245 C C   . PRO B 1 63 ? 12.368  -7.542  -16.152 1.00 32.10 ? 263 PRO B C   1 
ATOM   1246 O O   . PRO B 1 63 ? 11.863  -7.604  -17.275 1.00 36.52 ? 263 PRO B O   1 
ATOM   1247 C CB  . PRO B 1 63 ? 14.609  -8.567  -17.053 1.00 31.22 ? 263 PRO B CB  1 
ATOM   1248 C CG  . PRO B 1 63 ? 14.350  -10.013 -17.339 1.00 31.03 ? 263 PRO B CG  1 
ATOM   1249 C CD  . PRO B 1 63 ? 14.348  -10.633 -15.982 1.00 26.88 ? 263 PRO B CD  1 
ATOM   1250 N N   . ILE B 1 64 ? 11.835  -6.832  -15.163 1.00 30.02 ? 264 ILE B N   1 
ATOM   1251 C CA  . ILE B 1 64 ? 10.595  -6.078  -15.321 1.00 30.64 ? 264 ILE B CA  1 
ATOM   1252 C C   . ILE B 1 64 ? 10.902  -4.718  -16.008 1.00 34.25 ? 264 ILE B C   1 
ATOM   1253 O O   . ILE B 1 64 ? 12.069  -4.361  -16.189 1.00 37.53 ? 264 ILE B O   1 
ATOM   1254 C CB  . ILE B 1 64 ? 9.931   -5.771  -13.948 1.00 30.75 ? 264 ILE B CB  1 
ATOM   1255 C CG1 . ILE B 1 64 ? 10.074  -6.929  -13.023 1.00 34.48 ? 264 ILE B CG1 1 
ATOM   1256 C CG2 . ILE B 1 64 ? 8.450   -5.455  -14.105 1.00 29.41 ? 264 ILE B CG2 1 
ATOM   1257 C CD1 . ILE B 1 64 ? 11.151  -6.716  -11.984 1.00 43.41 ? 264 ILE B CD1 1 
ATOM   1258 N N   . GLU B 1 65 ? 9.852   -3.996  -16.404 1.00 35.62 ? 265 GLU B N   1 
ATOM   1259 C CA  . GLU B 1 65 ? 9.992   -2.689  -17.043 1.00 35.97 ? 265 GLU B CA  1 
ATOM   1260 C C   . GLU B 1 65 ? 8.800   -1.786  -16.608 1.00 35.96 ? 265 GLU B C   1 
ATOM   1261 O O   . GLU B 1 65 ? 7.679   -1.972  -17.073 1.00 36.05 ? 265 GLU B O   1 
ATOM   1262 C CB  . GLU B 1 65 ? 10.043  -2.819  -18.630 1.00 34.10 ? 265 GLU B CB  1 
ATOM   1263 C CG  . GLU B 1 65 ? 10.583  -1.571  -19.332 1.00 43.06 ? 265 GLU B CG  1 
ATOM   1264 C CD  . GLU B 1 65 ? 10.448  -1.590  -20.853 1.00 47.21 ? 265 GLU B CD  1 
ATOM   1265 O OE1 . GLU B 1 65 ? 11.036  -2.472  -21.513 1.00 51.15 ? 265 GLU B OE1 1 
ATOM   1266 O OE2 . GLU B 1 65 ? 9.762   -0.696  -21.392 1.00 51.74 ? 265 GLU B OE2 1 
ATOM   1267 N N   . ILE B 1 66 ? 9.045   -0.863  -15.683 1.00 35.18 ? 266 ILE B N   1 
ATOM   1268 C CA  . ILE B 1 66 ? 7.997   0.034   -15.225 1.00 33.86 ? 266 ILE B CA  1 
ATOM   1269 C C   . ILE B 1 66 ? 8.152   1.400   -15.885 1.00 39.60 ? 266 ILE B C   1 
ATOM   1270 O O   . ILE B 1 66 ? 9.152   2.103   -15.677 1.00 37.96 ? 266 ILE B O   1 
ATOM   1271 C CB  . ILE B 1 66 ? 8.021   0.190   -13.698 1.00 33.31 ? 266 ILE B CB  1 
ATOM   1272 C CG1 . ILE B 1 66 ? 8.168   -1.162  -13.050 1.00 30.15 ? 266 ILE B CG1 1 
ATOM   1273 C CG2 . ILE B 1 66 ? 6.726   0.821   -13.203 1.00 32.21 ? 266 ILE B CG2 1 
ATOM   1274 C CD1 . ILE B 1 66 ? 8.285   -1.112  -11.535 1.00 34.99 ? 266 ILE B CD1 1 
ATOM   1275 N N   . CYS B 1 67 ? 7.159   1.737   -16.710 1.00 42.19 ? 267 CYS B N   1 
ATOM   1276 C CA  . CYS B 1 67 ? 7.093   2.996   -17.450 1.00 43.58 ? 267 CYS B CA  1 
ATOM   1277 C C   . CYS B 1 67 ? 8.354   3.517   -18.024 1.00 44.86 ? 267 CYS B C   1 
ATOM   1278 O O   . CYS B 1 67 ? 8.811   4.605   -17.667 1.00 48.28 ? 267 CYS B O   1 
ATOM   1279 C CB  . CYS B 1 67 ? 6.432   4.026   -16.635 1.00 44.95 ? 267 CYS B CB  1 
ATOM   1280 S SG  . CYS B 1 67 ? 4.656   3.760   -16.519 1.00 54.56 ? 267 CYS B SG  1 
ATOM   1281 N N   . GLY B 1 68 ? 8.950   2.721   -18.908 1.00 46.32 ? 268 GLY B N   1 
ATOM   1282 C CA  . GLY B 1 68 ? 10.175  3.105   -19.584 1.00 47.76 ? 268 GLY B CA  1 
ATOM   1283 C C   . GLY B 1 68 ? 11.455  2.681   -18.891 1.00 48.71 ? 268 GLY B C   1 
ATOM   1284 O O   . GLY B 1 68 ? 12.461  2.465   -19.554 1.00 51.03 ? 268 GLY B O   1 
ATOM   1285 N N   . HIS B 1 69 ? 11.433  2.579   -17.565 1.00 49.56 ? 269 HIS B N   1 
ATOM   1286 C CA  . HIS B 1 69 ? 12.624  2.192   -16.806 1.00 50.21 ? 269 HIS B CA  1 
ATOM   1287 C C   . HIS B 1 69 ? 12.710  0.688   -16.670 1.00 45.72 ? 269 HIS B C   1 
ATOM   1288 O O   . HIS B 1 69 ? 11.835  0.059   -16.085 1.00 42.57 ? 269 HIS B O   1 
ATOM   1289 C CB  . HIS B 1 69 ? 12.630  2.856   -15.383 1.00 57.34 ? 269 HIS B CB  1 
ATOM   1290 C CG  . HIS B 1 69 ? 12.353  4.333   -15.396 1.00 66.54 ? 269 HIS B CG  1 
ATOM   1291 N ND1 . HIS B 1 69 ? 12.952  5.204   -16.278 1.00 72.27 ? 269 HIS B ND1 1 
ATOM   1292 C CD2 . HIS B 1 69 ? 11.543  5.087   -14.611 1.00 70.09 ? 269 HIS B CD2 1 
ATOM   1293 C CE1 . HIS B 1 69 ? 12.523  6.434   -16.041 1.00 74.59 ? 269 HIS B CE1 1 
ATOM   1294 N NE2 . HIS B 1 69 ? 11.668  6.389   -15.035 1.00 71.46 ? 269 HIS B NE2 1 
ATOM   1295 N N   . LYS B 1 70 ? 13.780  0.113   -17.202 1.00 43.34 ? 270 LYS B N   1 
ATOM   1296 C CA  . LYS B 1 70 ? 13.995  -1.330  -17.145 1.00 39.74 ? 270 LYS B CA  1 
ATOM   1297 C C   . LYS B 1 70 ? 14.701  -1.740  -15.804 1.00 37.78 ? 270 LYS B C   1 
ATOM   1298 O O   . LYS B 1 70 ? 15.844  -1.358  -15.561 1.00 42.56 ? 270 LYS B O   1 
ATOM   1299 C CB  . LYS B 1 70 ? 14.838  -1.779  -18.383 1.00 40.76 ? 270 LYS B CB  1 
ATOM   1300 C CG  . LYS B 1 70 ? 14.385  -1.111  -19.690 1.00 49.08 ? 270 LYS B CG  1 
ATOM   1301 C CD  . LYS B 1 70 ? 15.095  -1.628  -20.948 1.00 52.45 ? 270 LYS B CD  1 
ATOM   1302 C CE  . LYS B 1 70 ? 14.549  -0.899  -22.177 1.00 54.22 ? 270 LYS B CE  1 
ATOM   1303 N NZ  . LYS B 1 70 ? 14.971  -1.443  -23.509 1.00 57.35 ? 270 LYS B NZ  1 
ATOM   1304 N N   . VAL B 1 71 ? 13.976  -2.449  -14.944 1.00 33.06 ? 271 VAL B N   1 
ATOM   1305 C CA  . VAL B 1 71 ? 14.519  -2.910  -13.667 1.00 31.74 ? 271 VAL B CA  1 
ATOM   1306 C C   . VAL B 1 71 ? 14.658  -4.440  -13.580 1.00 31.56 ? 271 VAL B C   1 
ATOM   1307 O O   . VAL B 1 71 ? 14.037  -5.178  -14.340 1.00 33.53 ? 271 VAL B O   1 
ATOM   1308 C CB  . VAL B 1 71 ? 13.674  -2.440  -12.447 1.00 32.41 ? 271 VAL B CB  1 
ATOM   1309 C CG1 . VAL B 1 71 ? 13.766  -0.957  -12.299 1.00 35.62 ? 271 VAL B CG1 1 
ATOM   1310 C CG2 . VAL B 1 71 ? 12.224  -2.871  -12.577 1.00 32.11 ? 271 VAL B CG2 1 
ATOM   1311 N N   . ILE B 1 72 ? 15.512  -4.885  -12.665 1.00 28.78 ? 272 ILE B N   1 
ATOM   1312 C CA  . ILE B 1 72 ? 15.752  -6.298  -12.413 1.00 20.20 ? 272 ILE B CA  1 
ATOM   1313 C C   . ILE B 1 72 ? 15.678  -6.480  -10.941 1.00 18.12 ? 272 ILE B C   1 
ATOM   1314 O O   . ILE B 1 72 ? 16.317  -5.744  -10.191 1.00 22.59 ? 272 ILE B O   1 
ATOM   1315 C CB  . ILE B 1 72 ? 17.146  -6.713  -12.907 1.00 17.33 ? 272 ILE B CB  1 
ATOM   1316 C CG1 . ILE B 1 72 ? 17.220  -6.511  -14.406 1.00 22.47 ? 272 ILE B CG1 1 
ATOM   1317 C CG2 . ILE B 1 72 ? 17.446  -8.161  -12.547 1.00 16.82 ? 272 ILE B CG2 1 
ATOM   1318 C CD1 . ILE B 1 72 ? 18.524  -6.961  -15.036 1.00 26.15 ? 272 ILE B CD1 1 
ATOM   1319 N N   . GLY B 1 73 ? 14.863  -7.420  -10.481 1.00 15.55 ? 273 GLY B N   1 
ATOM   1320 C CA  . GLY B 1 73 ? 14.758  -7.617  -9.047  1.00 5.21  ? 273 GLY B CA  1 
ATOM   1321 C C   . GLY B 1 73 ? 13.995  -8.849  -8.604  1.00 3.43  ? 273 GLY B C   1 
ATOM   1322 O O   . GLY B 1 73 ? 13.675  -9.716  -9.410  1.00 5.41  ? 273 GLY B O   1 
ATOM   1323 N N   . THR B 1 74 ? 13.770  -8.935  -7.296  1.00 6.18  ? 274 THR B N   1 
ATOM   1324 C CA  . THR B 1 74 ? 13.054  -10.019 -6.647  1.00 11.68 ? 274 THR B CA  1 
ATOM   1325 C C   . THR B 1 74 ? 11.568  -9.794  -6.774  1.00 18.94 ? 274 THR B C   1 
ATOM   1326 O O   . THR B 1 74 ? 11.024  -8.787  -6.300  1.00 16.45 ? 274 THR B O   1 
ATOM   1327 C CB  . THR B 1 74 ? 13.427  -10.096 -5.147  1.00 12.70 ? 274 THR B CB  1 
ATOM   1328 O OG1 . THR B 1 74 ? 14.787  -10.519 -5.019  1.00 20.86 ? 274 THR B OG1 1 
ATOM   1329 C CG2 . THR B 1 74 ? 12.525  -11.076 -4.399  1.00 13.79 ? 274 THR B CG2 1 
ATOM   1330 N N   . VAL B 1 75 ? 10.909  -10.754 -7.414  1.00 21.17 ? 275 VAL B N   1 
ATOM   1331 C CA  . VAL B 1 75 ? 9.465   -10.698 -7.625  1.00 19.99 ? 275 VAL B CA  1 
ATOM   1332 C C   . VAL B 1 75 ? 8.810   -11.917 -7.043  1.00 17.63 ? 275 VAL B C   1 
ATOM   1333 O O   . VAL B 1 75 ? 9.274   -13.031 -7.245  1.00 18.51 ? 275 VAL B O   1 
ATOM   1334 C CB  . VAL B 1 75 ? 9.125   -10.611 -9.130  1.00 20.33 ? 275 VAL B CB  1 
ATOM   1335 C CG1 . VAL B 1 75 ? 7.644   -10.788 -9.347  1.00 21.56 ? 275 VAL B CG1 1 
ATOM   1336 C CG2 . VAL B 1 75 ? 9.548   -9.257  -9.691  1.00 22.90 ? 275 VAL B CG2 1 
ATOM   1337 N N   . LEU B 1 76 ? 7.778   -11.689 -6.243  1.00 15.64 ? 276 LEU B N   1 
ATOM   1338 C CA  . LEU B 1 76 ? 7.006   -12.764 -5.627  1.00 17.90 ? 276 LEU B CA  1 
ATOM   1339 C C   . LEU B 1 76 ? 5.767   -13.052 -6.546  1.00 19.96 ? 276 LEU B C   1 
ATOM   1340 O O   . LEU B 1 76 ? 5.374   -12.193 -7.347  1.00 20.50 ? 276 LEU B O   1 
ATOM   1341 C CB  . LEU B 1 76 ? 6.492   -12.360 -4.237  1.00 17.30 ? 276 LEU B CB  1 
ATOM   1342 C CG  . LEU B 1 76 ? 7.493   -11.777 -3.241  1.00 16.37 ? 276 LEU B CG  1 
ATOM   1343 C CD1 . LEU B 1 76 ? 6.784   -11.436 -1.944  1.00 13.96 ? 276 LEU B CD1 1 
ATOM   1344 C CD2 . LEU B 1 76 ? 8.621   -12.762 -2.989  1.00 12.26 ? 276 LEU B CD2 1 
ATOM   1345 N N   . VAL B 1 77 ? 5.215   -14.261 -6.442  1.00 18.07 ? 277 VAL B N   1 
ATOM   1346 C CA  . VAL B 1 77 ? 4.034   -14.681 -7.195  1.00 13.84 ? 277 VAL B CA  1 
ATOM   1347 C C   . VAL B 1 77 ? 3.152   -15.346 -6.211  1.00 13.91 ? 277 VAL B C   1 
ATOM   1348 O O   . VAL B 1 77 ? 3.640   -16.071 -5.340  1.00 14.64 ? 277 VAL B O   1 
ATOM   1349 C CB  . VAL B 1 77 ? 4.395   -15.649 -8.341  1.00 10.26 ? 277 VAL B CB  1 
ATOM   1350 C CG1 . VAL B 1 77 ? 3.158   -16.266 -8.938  1.00 16.48 ? 277 VAL B CG1 1 
ATOM   1351 C CG2 . VAL B 1 77 ? 5.110   -14.896 -9.424  1.00 12.79 ? 277 VAL B CG2 1 
ATOM   1352 N N   . GLY B 1 78 ? 1.861   -15.029 -6.245  1.00 13.81 ? 278 GLY B N   1 
ATOM   1353 C CA  . GLY B 1 78 ? 0.943   -15.629 -5.290  1.00 14.76 ? 278 GLY B CA  1 
ATOM   1354 C C   . GLY B 1 78 ? -0.496  -15.286 -5.571  1.00 13.76 ? 278 GLY B C   1 
ATOM   1355 O O   . GLY B 1 78 ? -0.775  -14.703 -6.611  1.00 20.70 ? 278 GLY B O   1 
ATOM   1356 N N   . PRO B 1 79 ? -1.441  -15.628 -4.678  1.00 17.45 ? 279 PRO B N   1 
ATOM   1357 C CA  . PRO B 1 79 ? -2.872  -15.349 -4.852  1.00 15.60 ? 279 PRO B CA  1 
ATOM   1358 C C   . PRO B 1 79 ? -3.244  -13.898 -4.563  1.00 18.15 ? 279 PRO B C   1 
ATOM   1359 O O   . PRO B 1 79 ? -3.339  -13.478 -3.403  1.00 24.39 ? 279 PRO B O   1 
ATOM   1360 C CB  . PRO B 1 79 ? -3.508  -16.286 -3.864  1.00 12.19 ? 279 PRO B CB  1 
ATOM   1361 C CG  . PRO B 1 79 ? -2.546  -16.280 -2.750  1.00 13.04 ? 279 PRO B CG  1 
ATOM   1362 C CD  . PRO B 1 79 ? -1.229  -16.417 -3.453  1.00 17.61 ? 279 PRO B CD  1 
ATOM   1363 N N   . THR B 1 80 ? -3.496  -13.142 -5.618  1.00 17.10 ? 280 THR B N   1 
ATOM   1364 C CA  . THR B 1 80 ? -3.881  -11.746 -5.480  1.00 16.11 ? 280 THR B CA  1 
ATOM   1365 C C   . THR B 1 80 ? -4.652  -11.265 -6.687  1.00 11.59 ? 280 THR B C   1 
ATOM   1366 O O   . THR B 1 80 ? -4.394  -11.700 -7.808  1.00 9.79  ? 280 THR B O   1 
ATOM   1367 C CB  . THR B 1 80 ? -2.619  -10.837 -5.295  1.00 19.17 ? 280 THR B CB  1 
ATOM   1368 O OG1 . THR B 1 80 ? -3.034  -9.480  -5.098  1.00 22.87 ? 280 THR B OG1 1 
ATOM   1369 C CG2 . THR B 1 80 ? -1.676  -10.911 -6.521  1.00 6.00  ? 280 THR B CG2 1 
ATOM   1370 N N   . PRO B 1 81 ? -5.658  -10.393 -6.464  1.00 16.02 ? 281 PRO B N   1 
ATOM   1371 C CA  . PRO B 1 81 ? -6.451  -9.858  -7.585  1.00 19.22 ? 281 PRO B CA  1 
ATOM   1372 C C   . PRO B 1 81 ? -5.706  -8.793  -8.415  1.00 22.68 ? 281 PRO B C   1 
ATOM   1373 O O   . PRO B 1 81 ? -5.986  -8.609  -9.609  1.00 22.04 ? 281 PRO B O   1 
ATOM   1374 C CB  . PRO B 1 81 ? -7.674  -9.246  -6.879  1.00 14.42 ? 281 PRO B CB  1 
ATOM   1375 C CG  . PRO B 1 81 ? -7.182  -8.937  -5.508  1.00 16.40 ? 281 PRO B CG  1 
ATOM   1376 C CD  . PRO B 1 81 ? -6.320  -10.124 -5.177  1.00 13.41 ? 281 PRO B CD  1 
ATOM   1377 N N   . THR B 1 82 ? -4.769  -8.097  -7.765  1.00 23.54 ? 282 THR B N   1 
ATOM   1378 C CA  . THR B 1 82 ? -3.998  -7.045  -8.415  1.00 21.69 ? 282 THR B CA  1 
ATOM   1379 C C   . THR B 1 82 ? -2.580  -7.273  -8.315  1.00 16.71 ? 282 THR B C   1 
ATOM   1380 O O   . THR B 1 82 ? -2.095  -7.757  -7.288  1.00 10.73 ? 282 THR B O   1 
ATOM   1381 C CB  . THR B 1 82 ? -4.194  -5.690  -7.707  1.00 25.42 ? 282 THR B CB  1 
ATOM   1382 O OG1 . THR B 1 82 ? -5.267  -5.775  -6.762  1.00 32.94 ? 282 THR B OG1 1 
ATOM   1383 C CG2 . THR B 1 82 ? -4.440  -4.595  -8.710  1.00 28.56 ? 282 THR B CG2 1 
ATOM   1384 N N   . ASN B 1 83 ? -1.861  -6.877  -9.360  1.00 13.82 ? 283 ASN B N   1 
ATOM   1385 C CA  . ASN B 1 83 ? -0.415  -6.954  -9.365  1.00 15.29 ? 283 ASN B CA  1 
ATOM   1386 C C   . ASN B 1 83 ? 0.036   -5.748  -8.383  1.00 16.92 ? 283 ASN B C   1 
ATOM   1387 O O   . ASN B 1 83 ? -0.577  -4.676  -8.382  1.00 15.83 ? 283 ASN B O   1 
ATOM   1388 C CB  . ASN B 1 83 ? 0.120   -6.726  -10.760 1.00 11.73 ? 283 ASN B CB  1 
ATOM   1389 C CG  . ASN B 1 83 ? -0.127  -7.907  -11.668 1.00 12.16 ? 283 ASN B CG  1 
ATOM   1390 O OD1 . ASN B 1 83 ? 0.050   -9.053  -11.272 1.00 11.99 ? 283 ASN B OD1 1 
ATOM   1391 N ND2 . ASN B 1 83 ? -0.503  -7.636  -12.904 1.00 14.93 ? 283 ASN B ND2 1 
ATOM   1392 N N   . ILE B 1 84 ? 1.029   -6.004  -7.539  1.00 15.22 ? 284 ILE B N   1 
ATOM   1393 C CA  . ILE B 1 84 ? 1.514   -5.028  -6.574  1.00 12.82 ? 284 ILE B CA  1 
ATOM   1394 C C   . ILE B 1 84 ? 2.976   -4.710  -6.739  1.00 17.51 ? 284 ILE B C   1 
ATOM   1395 O O   . ILE B 1 84 ? 3.804   -5.621  -6.779  1.00 19.71 ? 284 ILE B O   1 
ATOM   1396 C CB  . ILE B 1 84 ? 1.319   -5.567  -5.160  1.00 10.58 ? 284 ILE B CB  1 
ATOM   1397 C CG1 . ILE B 1 84 ? -0.138  -5.657  -4.841  1.00 7.70  ? 284 ILE B CG1 1 
ATOM   1398 C CG2 . ILE B 1 84 ? 2.019   -4.696  -4.145  1.00 15.91 ? 284 ILE B CG2 1 
ATOM   1399 C CD1 . ILE B 1 84 ? -0.415  -6.488  -3.601  1.00 11.15 ? 284 ILE B CD1 1 
ATOM   1400 N N   . ILE B 1 85 ? 3.301   -3.418  -6.831  1.00 17.50 ? 285 ILE B N   1 
ATOM   1401 C CA  . ILE B 1 85 ? 4.692   -2.969  -6.975  1.00 15.79 ? 285 ILE B CA  1 
ATOM   1402 C C   . ILE B 1 85 ? 5.109   -2.448  -5.666  1.00 13.09 ? 285 ILE B C   1 
ATOM   1403 O O   . ILE B 1 85 ? 4.654   -1.383  -5.236  1.00 13.55 ? 285 ILE B O   1 
ATOM   1404 C CB  . ILE B 1 85 ? 4.840   -1.905  -8.073  1.00 12.92 ? 285 ILE B CB  1 
ATOM   1405 C CG1 . ILE B 1 85 ? 4.435   -2.532  -9.412  1.00 16.24 ? 285 ILE B CG1 1 
ATOM   1406 C CG2 . ILE B 1 85 ? 6.279   -1.428  -8.164  1.00 13.22 ? 285 ILE B CG2 1 
ATOM   1407 C CD1 . ILE B 1 85 ? 4.571   -1.628  -10.611 1.00 23.58 ? 285 ILE B CD1 1 
ATOM   1408 N N   . GLY B 1 86 ? 5.916   -3.244  -4.967  1.00 12.34 ? 286 GLY B N   1 
ATOM   1409 C CA  . GLY B 1 86 ? 6.358   -2.896  -3.629  1.00 9.14  ? 286 GLY B CA  1 
ATOM   1410 C C   . GLY B 1 86 ? 7.590   -2.029  -3.598  1.00 8.37  ? 286 GLY B C   1 
ATOM   1411 O O   . GLY B 1 86 ? 8.191   -1.747  -4.647  1.00 5.29  ? 286 GLY B O   1 
ATOM   1412 N N   . ARG B 1 87 ? 8.031   -1.698  -2.383  1.00 12.87 ? 287 ARG B N   1 
ATOM   1413 C CA  . ARG B 1 87 ? 9.199   -0.824  -2.210  1.00 14.19 ? 287 ARG B CA  1 
ATOM   1414 C C   . ARG B 1 87 ? 10.500  -1.315  -2.767  1.00 16.11 ? 287 ARG B C   1 
ATOM   1415 O O   . ARG B 1 87 ? 11.347  -0.506  -3.139  1.00 19.98 ? 287 ARG B O   1 
ATOM   1416 C CB  . ARG B 1 87 ? 9.382   -0.400  -0.719  1.00 12.27 ? 287 ARG B CB  1 
ATOM   1417 C CG  . ARG B 1 87 ? 8.280   0.527   -0.206  1.00 5.92  ? 287 ARG B CG  1 
ATOM   1418 C CD  . ARG B 1 87 ? 8.548   0.996   1.221   1.00 8.67  ? 287 ARG B CD  1 
ATOM   1419 N NE  . ARG B 1 87 ? 8.652   -0.059  2.231   1.00 14.79 ? 287 ARG B NE  1 
ATOM   1420 C CZ  . ARG B 1 87 ? 9.796   -0.590  2.668   1.00 16.20 ? 287 ARG B CZ  1 
ATOM   1421 N NH1 . ARG B 1 87 ? 9.759   -1.526  3.624   1.00 16.55 ? 287 ARG B NH1 1 
ATOM   1422 N NH2 . ARG B 1 87 ? 10.959  -0.265  2.129   1.00 15.45 ? 287 ARG B NH2 1 
ATOM   1423 N N   . ASN B 1 88 ? 10.666  -2.628  -2.901  1.00 13.05 ? 288 ASN B N   1 
ATOM   1424 C CA  . ASN B 1 88 ? 11.933  -3.139  -3.406  1.00 7.38  ? 288 ASN B CA  1 
ATOM   1425 C C   . ASN B 1 88 ? 12.200  -2.699  -4.759  1.00 6.56  ? 288 ASN B C   1 
ATOM   1426 O O   . ASN B 1 88 ? 13.358  -2.476  -5.120  1.00 15.17 ? 288 ASN B O   1 
ATOM   1427 C CB  . ASN B 1 88 ? 12.037  -4.756  -3.293  1.00 10.48 ? 288 ASN B CB  1 
ATOM   1428 C CG  . ASN B 1 88 ? 11.116  -5.474  -4.242  1.00 4.09  ? 288 ASN B CG  1 
ATOM   1429 O OD1 . ASN B 1 88 ? 9.892   -5.473  -4.056  1.00 12.27 ? 288 ASN B OD1 1 
ATOM   1430 N ND2 . ASN B 1 88 ? 11.675  -6.040  -5.293  1.00 2.00  ? 288 ASN B ND2 1 
ATOM   1431 N N   . LEU B 1 89 ? 11.157  -2.571  -5.572  1.00 4.72  ? 289 LEU B N   1 
ATOM   1432 C CA  . LEU B 1 89 ? 11.364  -2.137  -6.952  1.00 7.45  ? 289 LEU B CA  1 
ATOM   1433 C C   . LEU B 1 89 ? 11.196  -0.612  -7.127  1.00 12.59 ? 289 LEU B C   1 
ATOM   1434 O O   . LEU B 1 89 ? 11.778  -0.026  -8.045  1.00 11.09 ? 289 LEU B O   1 
ATOM   1435 C CB  . LEU B 1 89 ? 10.425  -2.840  -7.892  1.00 12.37 ? 289 LEU B CB  1 
ATOM   1436 C CG  . LEU B 1 89 ? 10.656  -4.261  -8.281  1.00 15.22 ? 289 LEU B CG  1 
ATOM   1437 C CD1 . LEU B 1 89 ? 9.549   -4.635  -9.229  1.00 17.24 ? 289 LEU B CD1 1 
ATOM   1438 C CD2 . LEU B 1 89 ? 12.006  -4.452  -8.965  1.00 20.43 ? 289 LEU B CD2 1 
ATOM   1439 N N   . LEU B 1 90 ? 10.390  0.008   -6.258  1.00 10.03 ? 290 LEU B N   1 
ATOM   1440 C CA  . LEU B 1 90 ? 10.106  1.442   -6.308  1.00 11.42 ? 290 LEU B CA  1 
ATOM   1441 C C   . LEU B 1 90 ? 11.350  2.308   -6.078  1.00 16.80 ? 290 LEU B C   1 
ATOM   1442 O O   . LEU B 1 90 ? 11.528  3.340   -6.737  1.00 17.21 ? 290 LEU B O   1 
ATOM   1443 C CB  . LEU B 1 90 ? 9.008   1.794   -5.288  1.00 12.41 ? 290 LEU B CB  1 
ATOM   1444 C CG  . LEU B 1 90 ? 7.559   1.349   -5.694  1.00 8.08  ? 290 LEU B CG  1 
ATOM   1445 C CD1 . LEU B 1 90 ? 6.634   1.612   -4.534  1.00 5.98  ? 290 LEU B CD1 1 
ATOM   1446 C CD2 . LEU B 1 90 ? 7.095   2.061   -6.956  1.00 2.03  ? 290 LEU B CD2 1 
ATOM   1447 N N   . THR B 1 91 ? 12.226  1.843   -5.188  1.00 18.79 ? 291 THR B N   1 
ATOM   1448 C CA  . THR B 1 91 ? 13.468  2.525   -4.884  1.00 16.24 ? 291 THR B CA  1 
ATOM   1449 C C   . THR B 1 91 ? 14.359  2.451   -6.118  1.00 20.47 ? 291 THR B C   1 
ATOM   1450 O O   . THR B 1 91 ? 15.216  3.314   -6.333  1.00 27.65 ? 291 THR B O   1 
ATOM   1451 C CB  . THR B 1 91 ? 14.214  1.811   -3.764  1.00 12.49 ? 291 THR B CB  1 
ATOM   1452 O OG1 . THR B 1 91 ? 14.348  0.429   -4.129  1.00 17.76 ? 291 THR B OG1 1 
ATOM   1453 C CG2 . THR B 1 91 ? 13.451  1.912   -2.446  1.00 2.02  ? 291 THR B CG2 1 
ATOM   1454 N N   . GLN B 1 92 ? 14.168  1.401   -6.918  1.00 15.71 ? 292 GLN B N   1 
ATOM   1455 C CA  . GLN B 1 92 ? 14.970  1.200   -8.117  1.00 12.68 ? 292 GLN B CA  1 
ATOM   1456 C C   . GLN B 1 92 ? 14.588  2.157   -9.266  1.00 11.71 ? 292 GLN B C   1 
ATOM   1457 O O   . GLN B 1 92 ? 15.383  2.361   -10.170 1.00 16.71 ? 292 GLN B O   1 
ATOM   1458 C CB  . GLN B 1 92 ? 14.909  -0.288  -8.574  1.00 13.38 ? 292 GLN B CB  1 
ATOM   1459 C CG  . GLN B 1 92 ? 16.151  -0.759  -9.323  1.00 15.60 ? 292 GLN B CG  1 
ATOM   1460 C CD  . GLN B 1 92 ? 16.202  -2.267  -9.541  1.00 16.71 ? 292 GLN B CD  1 
ATOM   1461 O OE1 . GLN B 1 92 ? 16.605  -2.738  -10.622 1.00 8.16  ? 292 GLN B OE1 1 
ATOM   1462 N NE2 . GLN B 1 92 ? 15.820  -3.034  -8.515  1.00 13.06 ? 292 GLN B NE2 1 
ATOM   1463 N N   . ILE B 1 93 ? 13.370  2.705   -9.257  1.00 18.31 ? 293 ILE B N   1 
ATOM   1464 C CA  . ILE B 1 93 ? 12.948  3.643   -10.316 1.00 17.87 ? 293 ILE B CA  1 
ATOM   1465 C C   . ILE B 1 93 ? 12.892  5.073   -9.809  1.00 20.08 ? 293 ILE B C   1 
ATOM   1466 O O   . ILE B 1 93 ? 12.473  5.982   -10.525 1.00 25.15 ? 293 ILE B O   1 
ATOM   1467 C CB  . ILE B 1 93 ? 11.580  3.277   -10.944 1.00 18.42 ? 293 ILE B CB  1 
ATOM   1468 C CG1 . ILE B 1 93 ? 10.534  3.052   -9.857  1.00 22.37 ? 293 ILE B CG1 1 
ATOM   1469 C CG2 . ILE B 1 93 ? 11.728  2.067   -11.835 1.00 18.90 ? 293 ILE B CG2 1 
ATOM   1470 C CD1 . ILE B 1 93 ? 9.176   2.621   -10.390 1.00 15.85 ? 293 ILE B CD1 1 
ATOM   1471 N N   . GLY B 1 94 ? 13.256  5.251   -8.544  1.00 19.65 ? 294 GLY B N   1 
ATOM   1472 C CA  . GLY B 1 94 ? 13.302  6.560   -7.920  1.00 21.77 ? 294 GLY B CA  1 
ATOM   1473 C C   . GLY B 1 94 ? 12.003  7.160   -7.427  1.00 24.44 ? 294 GLY B C   1 
ATOM   1474 O O   . GLY B 1 94 ? 11.894  8.370   -7.295  1.00 27.76 ? 294 GLY B O   1 
ATOM   1475 N N   . CYS B 1 95 ? 11.049  6.319   -7.061  1.00 24.03 ? 295 CYS B N   1 
ATOM   1476 C CA  . CYS B 1 95 ? 9.756   6.812   -6.610  1.00 23.82 ? 295 CYS B CA  1 
ATOM   1477 C C   . CYS B 1 95 ? 9.819   7.479   -5.262  1.00 19.94 ? 295 CYS B C   1 
ATOM   1478 O O   . CYS B 1 95 ? 10.517  7.002   -4.360  1.00 17.47 ? 295 CYS B O   1 
ATOM   1479 C CB  . CYS B 1 95 ? 8.713   5.668   -6.595  1.00 26.46 ? 295 CYS B CB  1 
ATOM   1480 S SG  . CYS B 1 95 ? 7.003   6.214   -6.387  1.00 24.50 ? 295 CYS B SG  1 
ATOM   1481 N N   . THR B 1 96 ? 9.129   8.614   -5.142  1.00 13.90 ? 296 THR B N   1 
ATOM   1482 C CA  . THR B 1 96 ? 9.059   9.364   -3.883  1.00 16.34 ? 296 THR B CA  1 
ATOM   1483 C C   . THR B 1 96 ? 7.652   9.875   -3.637  1.00 18.12 ? 296 THR B C   1 
ATOM   1484 O O   . THR B 1 96 ? 6.883   10.099  -4.580  1.00 17.70 ? 296 THR B O   1 
ATOM   1485 C CB  . THR B 1 96 ? 10.010  10.600  -3.866  1.00 15.12 ? 296 THR B CB  1 
ATOM   1486 O OG1 . THR B 1 96 ? 9.731   11.445  -4.992  1.00 20.78 ? 296 THR B OG1 1 
ATOM   1487 C CG2 . THR B 1 96 ? 11.451  10.170  -3.951  1.00 15.13 ? 296 THR B CG2 1 
ATOM   1488 N N   . LEU B 1 97 ? 7.327   10.066  -2.362  1.00 18.15 ? 297 LEU B N   1 
ATOM   1489 C CA  . LEU B 1 97 ? 6.033   10.591  -1.939  1.00 19.14 ? 297 LEU B CA  1 
ATOM   1490 C C   . LEU B 1 97 ? 6.255   12.069  -1.596  1.00 23.19 ? 297 LEU B C   1 
ATOM   1491 O O   . LEU B 1 97 ? 7.108   12.397  -0.766  1.00 22.70 ? 297 LEU B O   1 
ATOM   1492 C CB  . LEU B 1 97 ? 5.543   9.840   -0.698  1.00 17.26 ? 297 LEU B CB  1 
ATOM   1493 C CG  . LEU B 1 97 ? 5.105   8.400   -0.955  1.00 18.11 ? 297 LEU B CG  1 
ATOM   1494 C CD1 . LEU B 1 97 ? 5.163   7.626   0.332   1.00 11.01 ? 297 LEU B CD1 1 
ATOM   1495 C CD2 . LEU B 1 97 ? 3.696   8.391   -1.557  1.00 16.99 ? 297 LEU B CD2 1 
ATOM   1496 N N   . ASN B 1 98 ? 5.487   12.955  -2.219  1.00 22.91 ? 298 ASN B N   1 
ATOM   1497 C CA  . ASN B 1 98 ? 5.634   14.390  -1.989  1.00 21.88 ? 298 ASN B CA  1 
ATOM   1498 C C   . ASN B 1 98 ? 4.435   15.056  -1.491  1.00 18.91 ? 298 ASN B C   1 
ATOM   1499 O O   . ASN B 1 98 ? 3.350   14.842  -2.011  1.00 21.81 ? 298 ASN B O   1 
ATOM   1500 C CB  . ASN B 1 98 ? 6.123   15.072  -3.273  1.00 24.15 ? 298 ASN B CB  1 
ATOM   1501 C CG  . ASN B 1 98 ? 7.593   14.790  -3.563  1.00 31.51 ? 298 ASN B CG  1 
ATOM   1502 O OD1 . ASN B 1 98 ? 8.478   15.529  -3.117  1.00 35.47 ? 298 ASN B OD1 1 
ATOM   1503 N ND2 . ASN B 1 98 ? 7.864   13.696  -4.270  1.00 24.13 ? 298 ASN B ND2 1 
ATOM   1504 N N   . PHE B 1 99 ? 4.587   15.853  -0.440  1.00 18.43 ? 299 PHE B N   1 
ATOM   1505 C CA  . PHE B 1 99 ? 3.451   16.585  0.112   1.00 23.43 ? 299 PHE B CA  1 
ATOM   1506 C C   . PHE B 1 99 ? 3.766   17.805  0.875   1.00 23.07 ? 299 PHE B C   1 
ATOM   1507 O O   . PHE B 1 99 ? 4.732   18.485  0.470   1.00 30.74 ? 299 PHE B O   1 
ATOM   1508 C CB  . PHE B 1 99 ? 2.556   15.670  0.941   1.00 21.67 ? 299 PHE B CB  1 
ATOM   1509 C CG  . PHE B 1 99 ? 3.168   15.169  2.215   1.00 20.27 ? 299 PHE B CG  1 
ATOM   1510 C CD1 . PHE B 1 99 ? 3.033   15.879  3.401   1.00 20.61 ? 299 PHE B CD1 1 
ATOM   1511 C CD2 . PHE B 1 99 ? 3.770   13.930  2.255   1.00 22.08 ? 299 PHE B CD2 1 
ATOM   1512 C CE1 . PHE B 1 99 ? 3.484   15.357  4.619   1.00 23.68 ? 299 PHE B CE1 1 
ATOM   1513 C CE2 . PHE B 1 99 ? 4.231   13.387  3.461   1.00 26.01 ? 299 PHE B CE2 1 
ATOM   1514 C CZ  . PHE B 1 99 ? 4.085   14.105  4.656   1.00 22.49 ? 299 PHE B CZ  1 
HETATM 1515 N N1  . MK1 C 2 .  ? -4.868  -5.052  -2.282  1.00 20.67 ? 524 MK1 B N1  1 
HETATM 1516 C C1  . MK1 C 2 .  ? -5.376  -5.012  -0.876  1.00 16.38 ? 524 MK1 B C1  1 
HETATM 1517 C C2  . MK1 C 2 .  ? -4.637  -3.922  -0.120  1.00 11.45 ? 524 MK1 B C2  1 
HETATM 1518 C C3  . MK1 C 2 .  ? -5.211  -3.742  1.243   1.00 9.69  ? 524 MK1 B C3  1 
HETATM 1519 O O1  . MK1 C 2 .  ? -4.736  -4.350  2.193   1.00 12.58 ? 524 MK1 B O1  1 
HETATM 1520 N N2  . MK1 C 2 .  ? -6.249  -2.876  1.411   1.00 7.45  ? 524 MK1 B N2  1 
HETATM 1521 C C4  . MK1 C 2 .  ? -6.758  -2.630  2.795   1.00 9.38  ? 524 MK1 B C4  1 
HETATM 1522 C C5  . MK1 C 2 .  ? -5.687  -2.388  3.863   1.00 9.75  ? 524 MK1 B C5  1 
HETATM 1523 C C6  . MK1 C 2 .  ? -7.576  -3.899  3.228   1.00 6.08  ? 524 MK1 B C6  1 
HETATM 1524 C C7  . MK1 C 2 .  ? -7.543  -1.255  2.799   1.00 9.18  ? 524 MK1 B C7  1 
HETATM 1525 N N3  . MK1 C 2 .  ? -3.217  -4.274  -0.051  1.00 13.66 ? 524 MK1 B N3  1 
HETATM 1526 C C8  . MK1 C 2 .  ? -2.693  -4.357  -1.446  1.00 17.03 ? 524 MK1 B C8  1 
HETATM 1527 C C9  . MK1 C 2 .  ? -3.456  -5.300  -2.344  1.00 12.44 ? 524 MK1 B C9  1 
HETATM 1528 C C10 . MK1 C 2 .  ? -2.468  -3.001  0.106   1.00 12.18 ? 524 MK1 B C10 1 
HETATM 1529 C C11 . MK1 C 2 .  ? -1.145  -3.113  0.854   1.00 15.81 ? 524 MK1 B C11 1 
HETATM 1530 O O2  . MK1 C 2 .  ? -0.427  -2.033  0.574   1.00 7.76  ? 524 MK1 B O2  1 
HETATM 1531 C C12 . MK1 C 2 .  ? -1.393  -3.193  2.321   1.00 12.75 ? 524 MK1 B C12 1 
HETATM 1532 C C13 . MK1 C 2 .  ? -0.186  -3.414  3.249   1.00 17.07 ? 524 MK1 B C13 1 
HETATM 1533 C C14 . MK1 C 2 .  ? -0.642  -3.220  4.706   1.00 21.52 ? 524 MK1 B C14 1 
HETATM 1534 C C15 . MK1 C 2 .  ? 0.501   -3.648  5.610   1.00 26.50 ? 524 MK1 B C15 1 
HETATM 1535 C C16 . MK1 C 2 .  ? 1.811   -3.105  5.472   1.00 26.46 ? 524 MK1 B C16 1 
HETATM 1536 C C17 . MK1 C 2 .  ? 2.760   -3.386  6.446   1.00 25.87 ? 524 MK1 B C17 1 
HETATM 1537 C C18 . MK1 C 2 .  ? 2.381   -4.165  7.542   1.00 27.69 ? 524 MK1 B C18 1 
HETATM 1538 C C19 . MK1 C 2 .  ? 1.189   -4.920  7.540   1.00 27.15 ? 524 MK1 B C19 1 
HETATM 1539 C C20 . MK1 C 2 .  ? 0.218   -4.633  6.566   1.00 27.20 ? 524 MK1 B C20 1 
HETATM 1540 C C21 . MK1 C 2 .  ? 0.472   -4.903  3.066   1.00 18.94 ? 524 MK1 B C21 1 
HETATM 1541 O O3  . MK1 C 2 .  ? -0.178  -5.941  3.222   1.00 20.63 ? 524 MK1 B O3  1 
HETATM 1542 N N4  . MK1 C 2 .  ? 1.754   -4.944  2.860   1.00 17.52 ? 524 MK1 B N4  1 
HETATM 1543 C C22 . MK1 C 2 .  ? 2.470   -6.188  3.179   1.00 15.28 ? 524 MK1 B C22 1 
HETATM 1544 C C23 . MK1 C 2 .  ? 3.822   -5.967  3.905   1.00 18.23 ? 524 MK1 B C23 1 
HETATM 1545 O O4  . MK1 C 2 .  ? 4.474   -4.951  3.264   1.00 17.75 ? 524 MK1 B O4  1 
HETATM 1546 C C24 . MK1 C 2 .  ? 4.648   -7.294  3.774   1.00 17.87 ? 524 MK1 B C24 1 
HETATM 1547 C C25 . MK1 C 2 .  ? 4.202   -7.461  2.284   1.00 14.63 ? 524 MK1 B C25 1 
HETATM 1548 C C26 . MK1 C 2 .  ? 4.941   -8.004  1.259   1.00 14.19 ? 524 MK1 B C26 1 
HETATM 1549 C C27 . MK1 C 2 .  ? 4.371   -7.802  -0.020  1.00 18.24 ? 524 MK1 B C27 1 
HETATM 1550 C C28 . MK1 C 2 .  ? 3.146   -7.135  -0.299  1.00 7.82  ? 524 MK1 B C28 1 
HETATM 1551 C C29 . MK1 C 2 .  ? 2.398   -6.651  0.732   1.00 10.12 ? 524 MK1 B C29 1 
HETATM 1552 C C30 . MK1 C 2 .  ? 2.982   -6.804  1.984   1.00 14.22 ? 524 MK1 B C30 1 
HETATM 1553 C C31 . MK1 C 2 .  ? -5.517  -6.053  -3.184  1.00 21.79 ? 524 MK1 B C31 1 
HETATM 1554 C C32 . MK1 C 2 .  ? -5.875  -7.393  -2.489  1.00 42.75 ? 524 MK1 B C32 1 
HETATM 1555 C C33 . MK1 C 2 .  ? -7.133  -7.595  -1.860  1.00 47.41 ? 524 MK1 B C33 1 
HETATM 1556 N N5  . MK1 C 2 .  ? -7.448  -8.792  -1.310  1.00 51.38 ? 524 MK1 B N5  1 
HETATM 1557 C C34 . MK1 C 2 .  ? -6.608  -9.854  -1.353  1.00 50.60 ? 524 MK1 B C34 1 
HETATM 1558 C C35 . MK1 C 2 .  ? -5.313  -9.764  -1.931  1.00 49.34 ? 524 MK1 B C35 1 
HETATM 1559 C C36 . MK1 C 2 .  ? -4.960  -8.495  -2.493  1.00 44.71 ? 524 MK1 B C36 1 
HETATM 1560 O O   . HOH D 3 .  ? -17.938 -5.421  3.300   1.00 29.82 ? 305 HOH A O   1 
HETATM 1561 O O   . HOH D 3 .  ? -5.274  1.927   -4.191  1.00 28.09 ? 309 HOH A O   1 
HETATM 1562 O O   . HOH D 3 .  ? -22.329 8.747   8.581   1.00 73.88 ? 317 HOH A O   1 
HETATM 1563 O O   . HOH D 3 .  ? -11.417 -9.983  12.078  1.00 69.29 ? 320 HOH A O   1 
HETATM 1564 O O   . HOH D 3 .  ? 10.835  -0.171  9.151   1.00 29.74 ? 321 HOH A O   1 
HETATM 1565 O O   . HOH D 3 .  ? -9.935  -14.997 5.662   1.00 79.05 ? 324 HOH A O   1 
HETATM 1566 O O   . HOH D 3 .  ? 9.203   16.484  -7.618  1.00 34.48 ? 326 HOH A O   1 
HETATM 1567 O O   . HOH D 3 .  ? 16.245  7.718   -3.527  1.00 72.28 ? 327 HOH A O   1 
HETATM 1568 O O   . HOH D 3 .  ? -10.424 10.271  -3.710  1.00 95.08 ? 329 HOH A O   1 
HETATM 1569 O O   . HOH D 3 .  ? 1.777   1.929   12.847  1.00 43.36 ? 330 HOH A O   1 
HETATM 1570 O O   . HOH D 3 .  ? -8.891  6.139   23.341  1.00 92.18 ? 333 HOH A O   1 
HETATM 1571 O O   . HOH D 3 .  ? 13.872  4.996   9.485   1.00 81.14 ? 334 HOH A O   1 
HETATM 1572 O O   . HOH D 3 .  ? 14.392  6.161   6.961   1.00 34.09 ? 335 HOH A O   1 
HETATM 1573 O O   . HOH D 3 .  ? 0.029   16.184  13.512  1.00 41.31 ? 336 HOH A O   1 
HETATM 1574 O O   . HOH D 3 .  ? -4.341  16.112  -4.360  1.00 96.85 ? 337 HOH A O   1 
HETATM 1575 O O   . HOH D 3 .  ? -13.252 9.308   3.187   1.00 22.59 ? 338 HOH A O   1 
HETATM 1576 O O   . HOH D 3 .  ? -5.365  -12.984 -0.854  1.00 69.28 ? 339 HOH A O   1 
HETATM 1577 O O   . HOH D 3 .  ? 12.793  6.577   4.097   1.00 53.12 ? 340 HOH A O   1 
HETATM 1578 O O   . HOH D 3 .  ? -10.255 7.748   -2.185  1.00 67.15 ? 343 HOH A O   1 
HETATM 1579 O O   . HOH D 3 .  ? -8.094  -12.363 0.974   1.00 57.78 ? 344 HOH A O   1 
HETATM 1580 O O   . HOH D 3 .  ? 13.793  -0.590  0.225   1.00 41.30 ? 346 HOH A O   1 
HETATM 1581 O O   . HOH D 3 .  ? -10.501 11.215  -1.141  1.00 21.58 ? 355 HOH A O   1 
HETATM 1582 O O   . HOH D 3 .  ? -6.970  6.720   20.985  1.00 71.38 ? 358 HOH A O   1 
HETATM 1583 O O   . HOH D 3 .  ? -16.477 10.539  6.295   1.00 46.22 ? 359 HOH A O   1 
HETATM 1584 O O   . HOH D 3 .  ? -9.783  14.665  -0.890  1.00 23.05 ? 360 HOH A O   1 
HETATM 1585 O O   . HOH D 3 .  ? -9.762  8.156   19.712  1.00 80.69 ? 361 HOH A O   1 
HETATM 1586 O O   . HOH D 3 .  ? -9.415  21.223  5.693   1.00 98.51 ? 363 HOH A O   1 
HETATM 1587 O O   . HOH D 3 .  ? 10.802  17.876  -4.710  1.00 60.11 ? 367 HOH A O   1 
HETATM 1588 O O   . HOH D 3 .  ? 11.814  19.696  2.416   1.00 43.85 ? 373 HOH A O   1 
HETATM 1589 O O   . HOH D 3 .  ? -5.437  -15.262 1.374   1.00 81.11 ? 374 HOH A O   1 
HETATM 1590 O O   . HOH D 3 .  ? -7.436  -10.638 12.849  1.00 96.72 ? 377 HOH A O   1 
HETATM 1591 O O   . HOH D 3 .  ? -24.794 -1.906  8.963   1.00 59.75 ? 379 HOH A O   1 
HETATM 1592 O O   . HOH D 3 .  ? 3.972   20.393  6.396   1.00 65.58 ? 381 HOH A O   1 
HETATM 1593 O O   . HOH D 3 .  ? -5.645  -16.659 5.895   1.00 85.65 ? 382 HOH A O   1 
HETATM 1594 O O   . HOH D 3 .  ? 12.866  16.544  1.647   1.00 49.63 ? 383 HOH A O   1 
HETATM 1595 O O   . HOH D 3 .  ? 14.974  12.325  -1.520  1.00 47.69 ? 384 HOH A O   1 
HETATM 1596 O O   . HOH E 3 .  ? 15.272  -16.815 -10.342 1.00 38.82 ? 300 HOH B O   1 
HETATM 1597 O O   . HOH E 3 .  ? 5.968   -0.291  3.203   1.00 19.32 ? 301 HOH B O   1 
HETATM 1598 O O   . HOH E 3 .  ? -3.032  -6.479  2.899   1.00 33.80 ? 302 HOH B O   1 
HETATM 1599 O O   . HOH E 3 .  ? 8.462   -9.080  4.064   1.00 52.04 ? 303 HOH B O   1 
HETATM 1600 O O   . HOH E 3 .  ? -3.833  12.973  -4.522  1.00 38.99 ? 304 HOH B O   1 
HETATM 1601 O O   . HOH E 3 .  ? -5.140  17.186  -7.199  1.00 34.61 ? 306 HOH B O   1 
HETATM 1602 O O   . HOH E 3 .  ? 9.936   -8.874  -3.829  1.00 46.15 ? 307 HOH B O   1 
HETATM 1603 O O   . HOH E 3 .  ? 17.853  0.549   -13.168 1.00 55.02 ? 308 HOH B O   1 
HETATM 1604 O O   . HOH E 3 .  ? 12.774  6.316   -2.893  1.00 20.90 ? 310 HOH B O   1 
HETATM 1605 O O   . HOH E 3 .  ? -7.356  -1.667  -0.973  1.00 28.90 ? 311 HOH B O   1 
HETATM 1606 O O   . HOH E 3 .  ? 16.956  -9.879  -6.921  1.00 22.03 ? 312 HOH B O   1 
HETATM 1607 O O   . HOH E 3 .  ? -5.822  10.371  -9.568  1.00 28.05 ? 313 HOH B O   1 
HETATM 1608 O O   . HOH E 3 .  ? 15.765  -3.964  -5.605  1.00 42.92 ? 314 HOH B O   1 
HETATM 1609 O O   . HOH E 3 .  ? 2.367   -17.978 -17.182 1.00 52.84 ? 315 HOH B O   1 
HETATM 1610 O O   . HOH E 3 .  ? -3.878  -14.963 -8.094  1.00 51.44 ? 316 HOH B O   1 
HETATM 1611 O O   . HOH E 3 .  ? 16.171  2.017   -18.717 1.00 66.01 ? 318 HOH B O   1 
HETATM 1612 O O   . HOH E 3 .  ? 13.170  -2.267  3.740   1.00 55.55 ? 319 HOH B O   1 
HETATM 1613 O O   . HOH E 3 .  ? -3.043  -5.952  -11.904 1.00 15.74 ? 322 HOH B O   1 
HETATM 1614 O O   . HOH E 3 .  ? 13.555  -12.159 0.861   1.00 78.49 ? 323 HOH B O   1 
HETATM 1615 O O   . HOH E 3 .  ? 7.635   0.146   -19.320 1.00 40.30 ? 325 HOH B O   1 
HETATM 1616 O O   . HOH E 3 .  ? -5.865  -2.465  -3.531  1.00 53.52 ? 328 HOH B O   1 
HETATM 1617 O O   . HOH E 3 .  ? -3.324  -6.729  -16.603 1.00 21.97 ? 331 HOH B O   1 
HETATM 1618 O O   . HOH E 3 .  ? 14.517  -6.690  -5.540  1.00 15.76 ? 332 HOH B O   1 
HETATM 1619 O O   . HOH E 3 .  ? 1.852   -19.312 -5.816  1.00 40.22 ? 341 HOH B O   1 
HETATM 1620 O O   . HOH E 3 .  ? 8.176   -23.106 -11.708 1.00 64.73 ? 342 HOH B O   1 
HETATM 1621 O O   . HOH E 3 .  ? 10.853  -17.027 3.642   1.00 46.44 ? 345 HOH B O   1 
HETATM 1622 O O   . HOH E 3 .  ? 10.999  -11.707 -18.118 1.00 49.13 ? 347 HOH B O   1 
HETATM 1623 O O   . HOH E 3 .  ? -0.987  15.823  -11.642 1.00 30.47 ? 349 HOH B O   1 
HETATM 1624 O O   . HOH E 3 .  ? 14.517  9.259   -10.004 1.00 85.10 ? 350 HOH B O   1 
HETATM 1625 O O   . HOH E 3 .  ? -11.992 10.006  -6.203  1.00 65.11 ? 351 HOH B O   1 
HETATM 1626 O O   . HOH E 3 .  ? 11.214  11.533  -7.396  1.00 35.17 ? 352 HOH B O   1 
HETATM 1627 O O   . HOH E 3 .  ? 5.478   -15.713 -22.225 1.00 57.18 ? 353 HOH B O   1 
HETATM 1628 O O   . HOH E 3 .  ? -4.112  7.899   -10.396 1.00 44.61 ? 354 HOH B O   1 
HETATM 1629 O O   . HOH E 3 .  ? 0.762   -20.202 -3.248  1.00 60.87 ? 356 HOH B O   1 
HETATM 1630 O O   . HOH E 3 .  ? 17.734  5.256   -8.099  1.00 46.02 ? 357 HOH B O   1 
HETATM 1631 O O   . HOH E 3 .  ? 15.953  -18.526 4.124   1.00 69.15 ? 362 HOH B O   1 
HETATM 1632 O O   . HOH E 3 .  ? 15.612  4.628   -13.352 1.00 91.38 ? 364 HOH B O   1 
HETATM 1633 O O   . HOH E 3 .  ? -0.505  7.126   -14.152 1.00 53.07 ? 365 HOH B O   1 
HETATM 1634 O O   . HOH E 3 .  ? 1.716   -24.519 -14.612 1.00 62.38 ? 366 HOH B O   1 
HETATM 1635 O O   . HOH E 3 .  ? 16.186  -23.257 -5.732  1.00 66.92 ? 368 HOH B O   1 
HETATM 1636 O O   . HOH E 3 .  ? 2.079   -8.558  -25.579 1.00 37.30 ? 369 HOH B O   1 
HETATM 1637 O O   . HOH E 3 .  ? 6.013   -9.551  5.737   1.00 35.09 ? 370 HOH B O   1 
HETATM 1638 O O   . HOH E 3 .  ? 17.309  -1.792  -3.029  1.00 88.79 ? 371 HOH B O   1 
HETATM 1639 O O   . HOH E 3 .  ? 11.649  -4.916  2.731   1.00 32.57 ? 372 HOH B O   1 
HETATM 1640 O O   . HOH E 3 .  ? 1.244   7.885   -16.411 1.00 76.02 ? 375 HOH B O   1 
HETATM 1641 O O   . HOH E 3 .  ? 3.610   -24.353 -6.969  1.00 47.82 ? 376 HOH B O   1 
HETATM 1642 O O   . HOH E 3 .  ? -0.665  -10.118 -26.609 1.00 72.28 ? 378 HOH B O   1 
HETATM 1643 O O   . HOH E 3 .  ? 15.214  -4.485  -2.573  1.00 51.58 ? 380 HOH B O   1 
# 
